data_5T3Z
#
_entry.id   5T3Z
#
_cell.length_a   217.258
_cell.length_b   217.258
_cell.length_c   154.935
_cell.angle_alpha   90.000
_cell.angle_beta   90.000
_cell.angle_gamma   120.000
#
_symmetry.space_group_name_H-M   'H 3'
#
loop_
_entity.id
_entity.type
_entity.pdbx_description
1 polymer 'Envelope glycoprotein gp160'
2 polymer 'Envelope glycoprotein gp160'
3 polymer '10-1074 Heavy Chain'
4 polymer '10-1074 Light Chain'
5 polymer 'IOMA Heavy Chain'
6 polymer 'IOMA Light Chain'
7 branched alpha-L-fucopyranose-(1-6)-2-acetamido-2-deoxy-beta-D-glucopyranose
8 branched beta-D-mannopyranose-(1-4)-2-acetamido-2-deoxy-beta-D-glucopyranose-(1-4)-2-acetamido-2-deoxy-beta-D-glucopyranose
9 branched 2-acetamido-2-deoxy-beta-D-glucopyranose-(1-4)-2-acetamido-2-deoxy-beta-D-glucopyranose
10 branched beta-D-galactopyranose-(1-4)-2-acetamido-2-deoxy-beta-D-glucopyranose-(1-4)-[2-acetamido-2-deoxy-beta-D-glucopyranose-(1-2)]alpha-D-mannopyranose-(1-3)-[beta-D-galactopyranose-(1-4)-2-acetamido-2-deoxy-beta-D-glucopyranose-(1-2)-alpha-D-mannopyranose-(1-6)]beta-D-mannopyranose-(1-4)-2-acetamido-2-deoxy-beta-D-glucopyranose-(1-4)-[alpha-L-fucopyranose-(1-6)]2-acetamido-2-deoxy-beta-D-glucopyranose
11 branched alpha-D-mannopyranose-(1-3)-[alpha-D-mannopyranose-(1-6)]beta-D-mannopyranose-(1-4)-2-acetamido-2-deoxy-beta-D-glucopyranose-(1-4)-2-acetamido-2-deoxy-beta-D-glucopyranose
12 branched beta-D-galactopyranose-(1-4)-2-acetamido-2-deoxy-beta-D-glucopyranose-(1-2)-alpha-D-mannopyranose-(1-3)-[2-acetamido-2-deoxy-beta-D-glucopyranose-(1-2)-alpha-D-mannopyranose-(1-6)]beta-D-mannopyranose-(1-4)-2-acetamido-2-deoxy-beta-D-glucopyranose-(1-4)-2-acetamido-2-deoxy-beta-D-glucopyranose
13 branched alpha-D-mannopyranose-(1-2)-alpha-D-mannopyranose-(1-3)-[alpha-D-mannopyranose-(1-3)-alpha-D-mannopyranose-(1-6)]beta-D-mannopyranose-(1-4)-2-acetamido-2-deoxy-beta-D-glucopyranose-(1-4)-2-acetamido-2-deoxy-beta-D-glucopyranose
14 branched 2-acetamido-2-deoxy-beta-D-glucopyranose-(1-2)-alpha-D-mannopyranose-(1-3)-[alpha-D-mannopyranose-(1-6)]beta-D-mannopyranose-(1-4)-2-acetamido-2-deoxy-beta-D-glucopyranose-(1-4)-2-acetamido-2-deoxy-beta-D-glucopyranose
15 branched alpha-D-mannopyranose-(1-2)-alpha-D-mannopyranose-(1-2)-alpha-D-mannopyranose-(1-3)-[alpha-D-mannopyranose-(1-2)-alpha-D-mannopyranose-(1-6)-[alpha-D-mannopyranose-(1-3)]alpha-D-mannopyranose-(1-6)]beta-D-mannopyranose-(1-4)-2-acetamido-2-deoxy-beta-D-glucopyranose-(1-4)-2-acetamido-2-deoxy-beta-D-glucopyranose
16 branched alpha-D-mannopyranose-(1-2)-alpha-D-mannopyranose-(1-3)-alpha-D-mannopyranose-(1-6)-[alpha-D-mannopyranose-(1-3)]beta-D-mannopyranose-(1-4)-2-acetamido-2-deoxy-beta-D-glucopyranose-(1-4)-2-acetamido-2-deoxy-beta-D-glucopyranose
17 branched beta-D-mannopyranose-(1-4)-2-acetamido-2-deoxy-beta-D-glucopyranose-(1-4)-[alpha-L-fucopyranose-(1-6)]2-acetamido-2-deoxy-beta-D-glucopyranose
18 non-polymer 2-acetamido-2-deoxy-beta-D-glucopyranose
#
loop_
_entity_poly.entity_id
_entity_poly.type
_entity_poly.pdbx_seq_one_letter_code
_entity_poly.pdbx_strand_id
1 'polypeptide(L)'
;AVGIGAVFLGFLGAAGSTMGAASMTLTVQARNLLSGIVQQQSNLLRAPEAQQHLLKLTVWGIKQLQARVLAVERYLRDQQ
LLGIWGCSGKLICCTNVPWNSSWSNRNLSEIWDNMTWLQWDKEISNYTQIIYGLLEESQNQQEKNEQDLLALD
;
B
2 'polypeptide(L)'
;AENLWVTVYYGVPVWKDAETTLFCASDAKAYETEKHNVWATHACVPTDPNPQEIHLENVTEEFNMWKNNMVEQMHTDIIS
LWDQSLKPCVKLTPLCVTLQCTNVTNNITDDMRGELKNCSFNMTTELRDKKQKVYSLFYRLDVVQINENQGNRSNNSNKE
YRLINCNTSAITQACPKVSFEPIPIHYCAPAGFAILKCKDKKFNGTGPCPSVSTVQCTHGIKPVVSTQLLLNGSLAEEEV
MIRSENITNNAKNILVQFNTPVQINCTRPNNNTRKSIRIGPGQAFYATGDIIGDIRQAHCNVSKATWNETLGKVVKQLRK
HFGNNTIIRFANSSGGDLEVTTHSFNCGGEFFYCNTSGLFNSTWISNTSVQGSNSTGSNDSITLPCRIKQIINMWQRIGQ
AMYAPPIQGVIRCVSNITGLILTRDGGSTNSTTETFRPGGGDMRDNWRSELYKYKVVKIEPLGVAPTRCKRRVVGRRRRR
R
;
G
3 'polypeptide(L)'
;QVQLQESGPGLVKPSETLSVTCSVSGDSMNNYYWTWIRQSPGKGLEWIGYISDRESATYNPSLNSRVVISRDTSKNQLSL
KLNSVTPADTAVYYCATARRGQRIYGVVSFGEFFYYYSMDVWGKGTTVTVSSASTKGPSVFPLAPSSKSTSGGTAALGCL
VKDYFPEPVTVSWNSGALTSGVHTFPAVLQSSGLYSLSSVVTVPSSSLGTQTYICNVNHKPSNTKVDKRVEPKSCDKT
;
H
4 'polypeptide(L)'
;SYVRPLSVALGETARISCGRQALGSRAVQWYQHRPGQAPILLIYNNQDRPSGIPERFSGTPDINFGTRATLTISGVEAGD
EADYYCHMWDSRSGFSWSFGGATRLTVLGQPKAAPSVTLFPPSSEELQANKATLVCLISDFYPGAVTVAWKADSSPVKAG
VETTTPSKQSNNKYAASSYLSLTPEQWKSHRSYSCQVTHEGSTVEKTVAPTECS
;
L
5 'polypeptide(L)'
;EVQLVESGAQVKKPGASVTVSCTASGYKFTGYHMHWVRQAPGRGLEWMGWINPFRGAVKYPQNFRGRVSMTRDTSMEIFY
MELSRLTSDDTAVYYCAREMFDSSADWSPWRGMVAWGQGTLVTVSSASTKGPSVFPLAPSSKSTSGGTAALGCLVKDYFP
EPVTVSWNSGALTSGVHTFPAVLQSSGLYSLSSVVTVPSSSLGTQTYICNVNHKPSNTKVDKRVEPKSCDKT
;
D
6 'polypeptide(L)'
;QSALTQPASVSGSPGQSITISCAGSSRDVGGFDLVSWYQQHPGKAPKLIIYEVNKRPSGISSRFSASKSGNTASLTISGL
QEEDEAHYYCYSYADGVAFGGGTKLTVLGQPKAAPSVTLFPPSSEELQANKATLVCLISDFYPGAVTVAWKADSSPVKAG
VETTTPSKQSNNKYAASSYLSLTPEQWKSHRSYSCQVTHEGSTVEKTVAPTECS
;
E
#
loop_
_chem_comp.id
_chem_comp.type
_chem_comp.name
_chem_comp.formula
BMA D-saccharide, beta linking beta-D-mannopyranose 'C6 H12 O6'
FUC L-saccharide, alpha linking alpha-L-fucopyranose 'C6 H12 O5'
GAL D-saccharide, beta linking beta-D-galactopyranose 'C6 H12 O6'
MAN D-saccharide, alpha linking alpha-D-mannopyranose 'C6 H12 O6'
NAG D-saccharide, beta linking 2-acetamido-2-deoxy-beta-D-glucopyranose 'C8 H15 N O6'
#
# COMPACT_ATOMS: atom_id res chain seq x y z
N VAL A 7 -37.39 -49.60 -22.07
CA VAL A 7 -36.99 -48.47 -21.24
C VAL A 7 -35.46 -48.36 -21.17
N PHE A 8 -34.93 -47.18 -21.51
CA PHE A 8 -33.50 -46.91 -21.50
C PHE A 8 -33.24 -45.71 -20.62
N LEU A 9 -32.82 -45.96 -19.38
CA LEU A 9 -32.53 -44.89 -18.43
C LEU A 9 -31.14 -44.31 -18.58
N GLY A 10 -30.40 -44.72 -19.60
CA GLY A 10 -29.05 -44.23 -19.79
C GLY A 10 -28.03 -45.05 -19.03
N PHE A 11 -26.79 -44.55 -19.06
CA PHE A 11 -25.69 -45.26 -18.45
C PHE A 11 -25.77 -45.17 -16.92
N LEU A 12 -25.72 -46.33 -16.27
CA LEU A 12 -25.74 -46.43 -14.81
C LEU A 12 -27.05 -45.92 -14.22
N GLY A 13 -28.13 -45.99 -15.01
CA GLY A 13 -29.41 -45.52 -14.52
C GLY A 13 -29.94 -46.34 -13.35
N ALA A 14 -29.69 -47.65 -13.37
CA ALA A 14 -30.23 -48.57 -12.38
C ALA A 14 -29.32 -48.73 -11.16
N ALA A 15 -28.49 -47.74 -10.87
CA ALA A 15 -27.61 -47.82 -9.71
C ALA A 15 -28.41 -47.89 -8.41
N GLY A 16 -29.22 -46.86 -8.17
CA GLY A 16 -30.12 -46.87 -7.03
C GLY A 16 -31.31 -47.76 -7.21
N SER A 17 -31.44 -48.40 -8.37
CA SER A 17 -32.47 -49.42 -8.54
C SER A 17 -32.08 -50.68 -7.77
N THR A 18 -33.10 -51.39 -7.31
CA THR A 18 -32.88 -52.72 -6.77
C THR A 18 -32.15 -53.57 -7.80
N MET A 19 -31.40 -54.56 -7.30
CA MET A 19 -30.51 -55.33 -8.18
C MET A 19 -31.27 -56.02 -9.30
N GLY A 20 -32.50 -56.46 -9.05
CA GLY A 20 -33.28 -57.09 -10.10
C GLY A 20 -33.61 -56.13 -11.23
N ALA A 21 -33.97 -54.89 -10.89
CA ALA A 21 -34.22 -53.88 -11.92
C ALA A 21 -32.95 -53.54 -12.69
N ALA A 22 -31.78 -53.75 -12.07
CA ALA A 22 -30.51 -53.40 -12.71
C ALA A 22 -30.05 -54.43 -13.73
N SER A 23 -30.53 -55.67 -13.67
CA SER A 23 -30.21 -56.65 -14.70
C SER A 23 -30.76 -56.29 -16.07
N MET A 24 -31.71 -55.34 -16.14
CA MET A 24 -32.19 -54.86 -17.43
C MET A 24 -31.17 -53.99 -18.15
N THR A 25 -30.13 -53.53 -17.45
CA THR A 25 -29.25 -52.48 -17.94
C THR A 25 -27.84 -52.98 -18.23
N LEU A 26 -27.60 -54.29 -18.17
CA LEU A 26 -26.26 -54.81 -18.40
C LEU A 26 -25.73 -54.41 -19.78
N THR A 27 -26.60 -54.43 -20.79
CA THR A 27 -26.22 -53.98 -22.13
C THR A 27 -25.88 -52.49 -22.15
N VAL A 28 -26.25 -51.73 -21.14
CA VAL A 28 -25.95 -50.30 -21.13
C VAL A 28 -24.62 -50.02 -20.43
N GLN A 29 -24.42 -50.61 -19.26
CA GLN A 29 -23.17 -50.39 -18.53
C GLN A 29 -22.00 -51.07 -19.22
N ALA A 30 -22.22 -52.24 -19.80
CA ALA A 30 -21.15 -52.93 -20.50
C ALA A 30 -20.84 -52.30 -21.86
N ARG A 31 -21.79 -51.56 -22.43
CA ARG A 31 -21.60 -51.02 -23.77
C ARG A 31 -20.56 -49.92 -23.80
N ASN A 32 -20.70 -48.93 -22.93
CA ASN A 32 -19.80 -47.78 -22.90
C ASN A 32 -18.60 -47.99 -22.00
N LEU A 33 -18.32 -49.23 -21.62
CA LEU A 33 -17.17 -49.56 -20.78
C LEU A 33 -15.84 -49.43 -21.53
N LEU A 34 -15.88 -49.22 -22.84
CA LEU A 34 -14.68 -49.11 -23.65
C LEU A 34 -14.64 -47.85 -24.50
N SER A 35 -15.78 -47.45 -25.09
CA SER A 35 -15.91 -46.17 -25.82
C SER A 35 -15.03 -46.14 -27.07
N GLY A 36 -15.09 -47.20 -27.87
CA GLY A 36 -14.38 -47.26 -29.13
C GLY A 36 -12.88 -47.13 -29.04
N THR A 58 5.56 -34.87 -26.77
CA THR A 58 4.86 -33.68 -26.33
C THR A 58 4.37 -33.81 -24.89
N VAL A 59 3.70 -32.78 -24.39
CA VAL A 59 3.20 -32.73 -23.03
C VAL A 59 1.69 -32.52 -23.10
N TRP A 60 0.98 -32.98 -22.06
CA TRP A 60 -0.47 -32.77 -21.91
C TRP A 60 -1.28 -33.69 -22.81
N GLY A 61 -0.75 -34.04 -23.99
CA GLY A 61 -1.18 -35.23 -24.70
C GLY A 61 -0.89 -36.54 -23.95
N ILE A 62 0.26 -36.64 -23.29
CA ILE A 62 0.49 -37.70 -22.32
C ILE A 62 -0.72 -37.89 -21.41
N LYS A 63 -1.24 -36.78 -20.86
CA LYS A 63 -2.33 -36.80 -19.91
C LYS A 63 -3.47 -37.73 -20.34
N GLN A 64 -3.94 -37.55 -21.57
CA GLN A 64 -5.04 -38.39 -22.05
C GLN A 64 -4.55 -39.79 -22.40
N LEU A 65 -3.29 -39.94 -22.81
CA LEU A 65 -2.86 -41.20 -23.40
C LEU A 65 -2.82 -42.32 -22.37
N GLN A 66 -2.08 -42.12 -21.27
CA GLN A 66 -2.00 -43.17 -20.26
C GLN A 66 -3.37 -43.47 -19.69
N ALA A 67 -4.30 -42.51 -19.80
CA ALA A 67 -5.64 -42.69 -19.29
C ALA A 67 -6.38 -43.78 -20.08
N ARG A 68 -6.48 -43.60 -21.40
CA ARG A 68 -7.24 -44.53 -22.22
C ARG A 68 -6.63 -45.93 -22.21
N VAL A 69 -5.37 -46.07 -21.82
CA VAL A 69 -4.77 -47.39 -21.71
C VAL A 69 -5.33 -48.14 -20.51
N LEU A 70 -5.48 -47.45 -19.38
CA LEU A 70 -6.05 -48.09 -18.20
C LEU A 70 -7.44 -48.64 -18.49
N ALA A 71 -8.16 -48.05 -19.44
CA ALA A 71 -9.49 -48.55 -19.80
C ALA A 71 -9.42 -49.98 -20.30
N VAL A 72 -8.46 -50.30 -21.16
CA VAL A 72 -8.38 -51.67 -21.67
C VAL A 72 -7.71 -52.59 -20.66
N GLU A 73 -6.68 -52.10 -19.95
CA GLU A 73 -6.12 -52.85 -18.85
C GLU A 73 -7.21 -53.22 -17.84
N ARG A 74 -8.10 -52.27 -17.58
CA ARG A 74 -9.21 -52.52 -16.67
C ARG A 74 -10.23 -53.46 -17.29
N TYR A 75 -10.66 -53.18 -18.52
CA TYR A 75 -11.70 -53.97 -19.15
C TYR A 75 -11.28 -55.42 -19.33
N LEU A 76 -10.03 -55.65 -19.76
CA LEU A 76 -9.61 -57.00 -20.12
C LEU A 76 -9.43 -57.89 -18.90
N ARG A 77 -9.04 -57.33 -17.76
CA ARG A 77 -8.86 -58.14 -16.56
C ARG A 77 -10.16 -58.85 -16.16
N ASP A 78 -11.31 -58.27 -16.51
CA ASP A 78 -12.59 -58.95 -16.33
C ASP A 78 -12.78 -60.06 -17.36
N GLN A 79 -12.58 -59.74 -18.64
CA GLN A 79 -12.60 -60.73 -19.72
C GLN A 79 -11.77 -61.95 -19.35
N GLN A 80 -10.64 -61.72 -18.69
CA GLN A 80 -9.85 -62.81 -18.13
C GLN A 80 -10.65 -63.57 -17.07
N LEU A 81 -11.08 -62.86 -16.02
CA LEU A 81 -11.92 -63.48 -15.00
C LEU A 81 -13.15 -64.12 -15.63
N LEU A 82 -13.89 -63.35 -16.43
CA LEU A 82 -15.05 -63.88 -17.14
C LEU A 82 -14.68 -65.09 -17.97
N GLY A 83 -13.54 -65.01 -18.66
CA GLY A 83 -13.02 -66.08 -19.48
C GLY A 83 -12.52 -67.31 -18.73
N ILE A 84 -11.69 -67.12 -17.70
CA ILE A 84 -11.18 -68.27 -16.94
C ILE A 84 -12.29 -68.99 -16.19
N TRP A 85 -13.44 -68.36 -16.01
CA TRP A 85 -14.59 -69.03 -15.43
C TRP A 85 -15.44 -69.62 -16.56
N GLY A 86 -16.56 -70.23 -16.20
CA GLY A 86 -17.40 -70.86 -17.20
C GLY A 86 -18.11 -69.91 -18.14
N CYS A 87 -17.71 -68.64 -18.11
CA CYS A 87 -18.38 -67.62 -18.90
C CYS A 87 -17.62 -67.28 -20.18
N SER A 88 -16.94 -66.13 -20.17
CA SER A 88 -16.42 -65.46 -21.36
C SER A 88 -17.57 -64.94 -22.22
N GLY A 89 -18.71 -65.63 -22.19
CA GLY A 89 -19.95 -65.12 -22.73
C GLY A 89 -20.51 -64.04 -21.84
N LYS A 90 -20.55 -62.81 -22.34
CA LYS A 90 -20.72 -61.64 -21.50
C LYS A 90 -22.14 -61.57 -20.95
N LEU A 91 -22.43 -60.47 -20.25
CA LEU A 91 -23.66 -60.27 -19.49
C LEU A 91 -23.79 -61.34 -18.41
N ILE A 92 -24.67 -62.32 -18.59
CA ILE A 92 -24.92 -63.31 -17.54
C ILE A 92 -24.31 -64.65 -17.94
N CYS A 93 -24.14 -65.50 -16.94
CA CYS A 93 -23.59 -66.85 -17.07
C CYS A 93 -23.61 -67.53 -15.71
N CYS A 94 -24.05 -68.79 -15.66
CA CYS A 94 -24.20 -69.52 -14.41
C CYS A 94 -22.96 -70.34 -14.10
N THR A 95 -22.97 -71.00 -12.95
CA THR A 95 -21.80 -71.74 -12.48
C THR A 95 -22.27 -72.86 -11.56
N ASN A 96 -21.49 -73.94 -11.54
CA ASN A 96 -21.75 -75.08 -10.66
C ASN A 96 -21.13 -74.91 -9.27
N VAL A 97 -20.69 -73.71 -8.92
CA VAL A 97 -20.14 -73.45 -7.59
C VAL A 97 -21.28 -73.11 -6.65
N PRO A 98 -21.38 -73.75 -5.48
CA PRO A 98 -22.50 -73.49 -4.57
C PRO A 98 -22.40 -72.14 -3.88
N TRP A 99 -23.21 -71.93 -2.86
CA TRP A 99 -23.21 -70.67 -2.11
C TRP A 99 -23.06 -70.98 -0.62
N ASN A 100 -21.91 -70.64 -0.06
CA ASN A 100 -21.70 -70.77 1.37
C ASN A 100 -22.58 -69.75 2.11
N SER A 101 -23.39 -70.23 3.06
CA SER A 101 -24.21 -69.32 3.85
C SER A 101 -23.37 -68.41 4.73
N SER A 102 -22.08 -68.72 4.90
CA SER A 102 -21.17 -67.81 5.60
C SER A 102 -20.95 -66.52 4.81
N TRP A 103 -21.45 -66.43 3.58
CA TRP A 103 -21.42 -65.21 2.78
C TRP A 103 -22.83 -64.63 2.74
N SER A 104 -23.16 -63.83 3.76
CA SER A 104 -24.39 -63.03 3.82
C SER A 104 -25.62 -63.89 3.49
N ASN A 105 -25.92 -64.78 4.43
CA ASN A 105 -27.07 -65.65 4.29
C ASN A 105 -28.33 -64.81 4.26
N ARG A 106 -28.98 -64.77 3.10
CA ARG A 106 -30.15 -63.94 2.88
C ARG A 106 -31.17 -64.71 2.04
N ASN A 107 -32.38 -64.17 1.99
CA ASN A 107 -33.40 -64.68 1.08
C ASN A 107 -33.26 -63.99 -0.27
N LEU A 108 -33.69 -64.70 -1.32
CA LEU A 108 -33.61 -64.16 -2.67
C LEU A 108 -34.23 -62.78 -2.77
N SER A 109 -35.44 -62.61 -2.21
CA SER A 109 -36.12 -61.32 -2.30
C SER A 109 -35.43 -60.27 -1.46
N GLU A 110 -34.93 -60.64 -0.28
CA GLU A 110 -34.21 -59.71 0.58
C GLU A 110 -33.00 -59.08 -0.11
N ILE A 111 -32.56 -59.64 -1.23
CA ILE A 111 -31.38 -59.20 -1.93
C ILE A 111 -31.78 -58.41 -3.17
N TRP A 112 -32.28 -59.12 -4.18
CA TRP A 112 -32.58 -58.47 -5.45
C TRP A 112 -33.69 -57.44 -5.30
N ASP A 113 -34.72 -57.75 -4.52
CA ASP A 113 -35.88 -56.87 -4.44
C ASP A 113 -35.68 -55.74 -3.44
N ASN A 114 -34.98 -55.99 -2.33
CA ASN A 114 -34.82 -54.97 -1.30
C ASN A 114 -33.49 -54.24 -1.34
N MET A 115 -32.48 -54.80 -2.01
CA MET A 115 -31.17 -54.19 -2.06
C MET A 115 -30.87 -53.67 -3.46
N THR A 116 -30.17 -52.54 -3.52
CA THR A 116 -29.47 -52.15 -4.72
C THR A 116 -28.15 -52.92 -4.80
N TRP A 117 -27.45 -52.75 -5.92
CA TRP A 117 -26.17 -53.41 -6.06
C TRP A 117 -25.13 -52.86 -5.10
N LEU A 118 -25.11 -51.53 -4.91
CA LEU A 118 -24.16 -50.90 -4.00
C LEU A 118 -24.29 -51.47 -2.59
N GLN A 119 -25.52 -51.45 -2.06
CA GLN A 119 -25.78 -52.10 -0.78
C GLN A 119 -25.32 -53.55 -0.80
N TRP A 120 -25.57 -54.24 -1.91
CA TRP A 120 -25.21 -55.66 -2.01
C TRP A 120 -23.69 -55.83 -2.10
N ASP A 121 -23.07 -55.23 -3.12
CA ASP A 121 -21.63 -55.35 -3.30
C ASP A 121 -20.86 -54.90 -2.06
N LYS A 122 -21.46 -54.04 -1.24
CA LYS A 122 -20.81 -53.61 -0.01
C LYS A 122 -20.53 -54.79 0.93
N GLU A 123 -21.41 -55.79 0.93
CA GLU A 123 -21.29 -56.88 1.88
C GLU A 123 -20.30 -57.95 1.40
N ILE A 124 -20.50 -58.45 0.19
CA ILE A 124 -19.79 -59.64 -0.27
C ILE A 124 -18.30 -59.42 -0.49
N SER A 125 -17.84 -58.16 -0.46
CA SER A 125 -16.45 -57.85 -0.78
C SER A 125 -15.44 -58.56 0.11
N ASN A 126 -15.90 -59.29 1.13
CA ASN A 126 -14.97 -60.04 1.98
C ASN A 126 -14.52 -61.33 1.31
N TYR A 127 -15.46 -62.12 0.81
CA TYR A 127 -15.15 -63.45 0.29
C TYR A 127 -15.06 -63.49 -1.23
N THR A 128 -15.04 -62.33 -1.89
CA THR A 128 -14.96 -62.29 -3.35
C THR A 128 -13.78 -63.09 -3.86
N GLN A 129 -12.58 -62.78 -3.35
CA GLN A 129 -11.38 -63.51 -3.76
C GLN A 129 -11.50 -64.99 -3.43
N ILE A 130 -12.14 -65.32 -2.31
CA ILE A 130 -12.37 -66.71 -1.96
C ILE A 130 -13.36 -67.35 -2.92
N ILE A 131 -14.31 -66.56 -3.44
CA ILE A 131 -15.28 -67.08 -4.39
C ILE A 131 -14.62 -67.43 -5.71
N TYR A 132 -13.78 -66.52 -6.22
CA TYR A 132 -13.23 -66.70 -7.56
C TYR A 132 -12.30 -67.90 -7.64
N GLY A 133 -11.56 -68.17 -6.57
CA GLY A 133 -10.64 -69.30 -6.59
C GLY A 133 -11.34 -70.60 -6.91
N LEU A 134 -12.65 -70.64 -6.72
CA LEU A 134 -13.43 -71.81 -7.11
C LEU A 134 -13.75 -71.75 -8.60
N LEU A 135 -14.36 -70.64 -9.03
CA LEU A 135 -14.81 -70.51 -10.42
C LEU A 135 -13.67 -70.75 -11.40
N GLU A 136 -12.47 -70.29 -11.08
CA GLU A 136 -11.34 -70.47 -11.98
C GLU A 136 -10.75 -71.87 -11.88
N GLU A 137 -10.60 -72.38 -10.65
CA GLU A 137 -9.92 -73.66 -10.41
C GLU A 137 -10.93 -74.80 -10.28
N SER A 138 -11.88 -74.68 -9.35
CA SER A 138 -12.82 -75.78 -9.15
C SER A 138 -13.67 -76.01 -10.40
N GLN A 139 -13.91 -74.96 -11.18
CA GLN A 139 -14.76 -75.11 -12.35
C GLN A 139 -13.94 -75.36 -13.60
N ASN A 140 -13.63 -74.31 -14.36
CA ASN A 140 -13.07 -74.51 -15.71
C ASN A 140 -11.77 -75.30 -15.68
N GLN A 141 -10.99 -75.18 -14.60
CA GLN A 141 -9.80 -76.00 -14.50
C GLN A 141 -10.16 -77.47 -14.36
N GLN A 142 -11.29 -77.76 -13.71
CA GLN A 142 -11.72 -79.14 -13.48
C GLN A 142 -12.84 -79.58 -14.42
N GLU A 143 -13.86 -78.73 -14.63
CA GLU A 143 -15.02 -79.17 -15.39
C GLU A 143 -14.72 -79.32 -16.87
N LYS A 144 -13.84 -78.49 -17.42
CA LYS A 144 -13.54 -78.58 -18.85
C LYS A 144 -12.72 -79.83 -19.18
N ASN A 145 -11.90 -80.30 -18.24
CA ASN A 145 -11.15 -81.54 -18.49
C ASN A 145 -12.09 -82.74 -18.50
N GLU A 146 -13.05 -82.79 -17.57
CA GLU A 146 -14.06 -83.84 -17.60
C GLU A 146 -14.74 -83.89 -18.96
N GLN A 147 -14.94 -82.72 -19.59
CA GLN A 147 -15.49 -82.66 -20.93
C GLN A 147 -14.65 -83.47 -21.92
N ASP A 148 -13.32 -83.33 -21.84
CA ASP A 148 -12.45 -84.14 -22.69
C ASP A 148 -12.55 -85.62 -22.34
N LEU A 149 -12.49 -85.95 -21.04
CA LEU A 149 -12.66 -87.33 -20.61
C LEU A 149 -13.97 -87.92 -21.12
N LEU A 150 -14.97 -87.08 -21.36
CA LEU A 150 -16.22 -87.54 -21.95
C LEU A 150 -16.17 -87.53 -23.47
N ALA A 151 -15.41 -86.62 -24.05
CA ALA A 151 -15.38 -86.44 -25.50
C ALA A 151 -14.27 -87.22 -26.19
N LEU A 152 -13.43 -87.92 -25.42
CA LEU A 152 -12.32 -88.64 -26.04
C LEU A 152 -12.77 -89.91 -26.74
N ASP A 153 -13.93 -90.46 -26.39
CA ASP A 153 -14.41 -91.69 -27.00
C ASP A 153 -15.25 -91.43 -28.24
N ALA B 1 -32.56 -75.66 -7.10
CA ALA B 1 -33.91 -75.38 -6.61
C ALA B 1 -33.88 -74.37 -5.47
N GLU B 2 -33.91 -74.87 -4.23
CA GLU B 2 -33.90 -73.97 -3.09
C GLU B 2 -32.47 -73.57 -2.71
N ASN B 3 -31.53 -74.50 -2.84
CA ASN B 3 -30.14 -74.20 -2.54
C ASN B 3 -29.60 -73.18 -3.53
N LEU B 4 -28.62 -72.41 -3.10
CA LEU B 4 -28.10 -71.27 -3.84
C LEU B 4 -26.73 -71.59 -4.43
N TRP B 5 -26.48 -71.06 -5.61
CA TRP B 5 -25.20 -71.25 -6.30
C TRP B 5 -24.49 -69.92 -6.44
N VAL B 6 -23.71 -69.75 -7.50
CA VAL B 6 -23.15 -68.46 -7.87
C VAL B 6 -23.37 -68.25 -9.36
N THR B 7 -23.56 -66.99 -9.74
CA THR B 7 -23.79 -66.63 -11.13
C THR B 7 -23.15 -65.28 -11.41
N VAL B 8 -22.36 -65.21 -12.48
CA VAL B 8 -21.62 -64.01 -12.78
C VAL B 8 -22.52 -63.01 -13.51
N TYR B 9 -22.24 -61.72 -13.31
CA TYR B 9 -23.03 -60.65 -13.91
C TYR B 9 -22.08 -59.58 -14.43
N TYR B 10 -22.14 -59.33 -15.73
CA TYR B 10 -21.24 -58.37 -16.37
C TYR B 10 -22.01 -57.09 -16.68
N GLY B 11 -21.54 -55.97 -16.15
CA GLY B 11 -22.17 -54.70 -16.42
C GLY B 11 -23.15 -54.25 -15.36
N VAL B 12 -22.97 -54.69 -14.11
CA VAL B 12 -23.84 -54.30 -13.01
C VAL B 12 -23.52 -52.85 -12.67
N PRO B 13 -24.51 -52.05 -12.27
CA PRO B 13 -24.20 -50.68 -11.85
C PRO B 13 -23.50 -50.64 -10.50
N VAL B 14 -22.20 -50.91 -10.49
CA VAL B 14 -21.41 -50.94 -9.26
C VAL B 14 -20.12 -50.18 -9.50
N TRP B 15 -19.83 -49.22 -8.62
CA TRP B 15 -18.61 -48.44 -8.71
C TRP B 15 -17.92 -48.39 -7.34
N LYS B 16 -16.60 -48.31 -7.38
CA LYS B 16 -15.79 -48.06 -6.20
C LYS B 16 -15.02 -46.76 -6.39
N ASP B 17 -14.67 -46.12 -5.28
CA ASP B 17 -13.99 -44.84 -5.34
C ASP B 17 -12.51 -45.04 -5.62
N ALA B 18 -11.99 -44.35 -6.63
CA ALA B 18 -10.58 -44.41 -6.97
C ALA B 18 -10.20 -43.18 -7.77
N GLU B 19 -8.91 -42.88 -7.76
CA GLU B 19 -8.35 -41.77 -8.51
C GLU B 19 -7.58 -42.29 -9.72
N THR B 20 -7.60 -41.52 -10.80
CA THR B 20 -6.91 -41.90 -12.01
C THR B 20 -6.66 -40.64 -12.82
N THR B 21 -5.74 -40.75 -13.77
CA THR B 21 -5.40 -39.60 -14.61
C THR B 21 -6.58 -39.23 -15.49
N LEU B 22 -6.97 -37.96 -15.46
CA LEU B 22 -8.07 -37.44 -16.25
C LEU B 22 -7.51 -36.71 -17.48
N PHE B 23 -8.41 -36.10 -18.26
CA PHE B 23 -7.94 -35.27 -19.37
C PHE B 23 -8.92 -34.14 -19.61
N CYS B 24 -8.47 -33.16 -20.39
CA CYS B 24 -9.13 -31.88 -20.54
C CYS B 24 -10.14 -31.90 -21.68
N ALA B 25 -10.90 -30.80 -21.78
CA ALA B 25 -11.76 -30.51 -22.92
C ALA B 25 -12.09 -29.02 -22.88
N SER B 26 -12.07 -28.38 -24.04
CA SER B 26 -12.35 -26.95 -24.13
C SER B 26 -12.99 -26.62 -25.48
N ASP B 27 -14.16 -27.22 -25.74
CA ASP B 27 -14.99 -26.89 -26.90
C ASP B 27 -14.23 -27.08 -28.21
N ALA B 28 -14.78 -26.49 -29.27
CA ALA B 28 -14.08 -26.38 -30.54
C ALA B 28 -13.95 -24.93 -31.00
N LYS B 29 -14.71 -24.02 -30.38
CA LYS B 29 -14.61 -22.61 -30.73
C LYS B 29 -13.38 -21.98 -30.08
N ALA B 30 -13.15 -22.28 -28.79
CA ALA B 30 -11.93 -21.82 -28.13
C ALA B 30 -10.69 -22.40 -28.81
N TYR B 31 -10.83 -23.55 -29.48
CA TYR B 31 -9.74 -24.07 -30.31
C TYR B 31 -9.37 -23.08 -31.41
N GLU B 32 -10.36 -22.38 -31.96
CA GLU B 32 -10.12 -21.40 -33.01
C GLU B 32 -9.48 -20.11 -32.48
N THR B 33 -9.31 -19.98 -31.16
CA THR B 33 -8.68 -18.79 -30.62
C THR B 33 -7.22 -18.68 -31.06
N GLU B 34 -6.58 -19.82 -31.35
CA GLU B 34 -5.19 -19.94 -31.78
C GLU B 34 -4.27 -18.89 -31.16
N LYS B 35 -3.93 -17.85 -31.92
CA LYS B 35 -2.97 -16.82 -31.53
C LYS B 35 -1.75 -17.46 -30.87
N HIS B 36 -1.24 -18.52 -31.49
CA HIS B 36 -0.02 -19.21 -31.10
C HIS B 36 -0.13 -19.72 -29.65
N ASN B 37 -1.06 -20.67 -29.50
CA ASN B 37 -1.37 -21.28 -28.20
C ASN B 37 -1.67 -20.22 -27.15
N VAL B 38 -2.88 -19.68 -27.15
CA VAL B 38 -3.29 -18.80 -26.08
C VAL B 38 -3.45 -19.62 -24.81
N TRP B 39 -2.68 -19.27 -23.78
CA TRP B 39 -2.77 -19.91 -22.47
C TRP B 39 -2.60 -21.43 -22.56
N ALA B 40 -3.69 -22.17 -22.61
CA ALA B 40 -3.65 -23.62 -22.41
C ALA B 40 -4.04 -24.35 -23.67
N THR B 41 -5.33 -24.31 -24.05
CA THR B 41 -5.91 -25.19 -25.05
C THR B 41 -5.02 -25.36 -26.27
N HIS B 42 -4.57 -26.60 -26.48
CA HIS B 42 -3.78 -27.00 -27.63
C HIS B 42 -4.25 -28.39 -28.04
N ALA B 43 -3.78 -29.42 -27.34
CA ALA B 43 -4.27 -30.78 -27.52
C ALA B 43 -5.54 -31.05 -26.73
N CYS B 44 -6.19 -30.00 -26.24
CA CYS B 44 -7.41 -30.17 -25.47
C CYS B 44 -8.52 -30.73 -26.37
N VAL B 45 -9.09 -31.85 -25.95
CA VAL B 45 -10.09 -32.59 -26.73
C VAL B 45 -11.36 -31.74 -26.85
N PRO B 46 -12.07 -31.81 -27.98
CA PRO B 46 -13.32 -31.05 -28.09
C PRO B 46 -14.43 -31.63 -27.23
N THR B 47 -15.49 -30.84 -27.08
CA THR B 47 -16.60 -31.13 -26.18
C THR B 47 -17.75 -31.78 -26.95
N ASP B 48 -18.44 -32.70 -26.30
CA ASP B 48 -19.65 -33.29 -26.83
C ASP B 48 -20.68 -32.20 -27.12
N PRO B 49 -21.15 -32.06 -28.36
CA PRO B 49 -22.18 -31.05 -28.65
C PRO B 49 -23.42 -31.21 -27.80
N ASN B 50 -23.70 -32.42 -27.32
CA ASN B 50 -24.76 -32.68 -26.35
C ASN B 50 -24.10 -33.25 -25.10
N PRO B 51 -23.63 -32.40 -24.17
CA PRO B 51 -23.04 -32.91 -22.93
C PRO B 51 -24.05 -33.75 -22.15
N GLN B 52 -24.19 -35.02 -22.53
CA GLN B 52 -25.24 -35.86 -21.96
C GLN B 52 -25.00 -36.08 -20.47
N GLU B 53 -26.05 -35.90 -19.68
CA GLU B 53 -25.98 -36.05 -18.24
C GLU B 53 -27.11 -36.98 -17.80
N ILE B 54 -26.78 -37.95 -16.95
CA ILE B 54 -27.71 -38.99 -16.55
C ILE B 54 -27.94 -38.86 -15.04
N HIS B 55 -29.14 -38.42 -14.66
CA HIS B 55 -29.50 -38.43 -13.25
C HIS B 55 -29.56 -39.88 -12.74
N LEU B 56 -29.26 -40.05 -11.46
CA LEU B 56 -29.25 -41.36 -10.83
C LEU B 56 -30.24 -41.36 -9.67
N GLU B 57 -31.24 -42.23 -9.75
CA GLU B 57 -32.36 -42.25 -8.82
C GLU B 57 -32.07 -43.21 -7.66
N ASN B 58 -32.55 -42.83 -6.47
CA ASN B 58 -32.29 -43.57 -5.23
C ASN B 58 -30.80 -43.77 -5.01
N VAL B 59 -30.00 -42.86 -5.58
CA VAL B 59 -28.54 -42.91 -5.48
C VAL B 59 -28.11 -41.83 -4.51
N THR B 60 -27.40 -42.24 -3.46
CA THR B 60 -26.90 -41.32 -2.45
C THR B 60 -25.40 -41.54 -2.31
N GLU B 61 -24.61 -40.61 -2.81
CA GLU B 61 -23.17 -40.69 -2.82
C GLU B 61 -22.58 -39.63 -1.89
N GLU B 62 -21.47 -39.99 -1.25
CA GLU B 62 -20.81 -39.11 -0.28
C GLU B 62 -19.72 -38.32 -1.00
N PHE B 63 -19.89 -37.00 -1.06
CA PHE B 63 -18.97 -36.11 -1.76
C PHE B 63 -18.08 -35.38 -0.77
N ASN B 64 -16.83 -35.17 -1.16
CA ASN B 64 -15.93 -34.30 -0.44
C ASN B 64 -15.17 -33.44 -1.44
N MET B 65 -15.19 -32.13 -1.20
CA MET B 65 -14.43 -31.17 -1.99
C MET B 65 -13.03 -30.95 -1.43
N TRP B 66 -12.90 -30.98 -0.09
CA TRP B 66 -11.63 -30.68 0.57
C TRP B 66 -10.60 -31.78 0.38
N LYS B 67 -11.04 -33.00 0.12
CA LYS B 67 -10.15 -34.12 -0.16
C LYS B 67 -10.20 -34.54 -1.62
N ASN B 68 -11.04 -33.92 -2.45
CA ASN B 68 -11.16 -34.31 -3.83
C ASN B 68 -9.83 -34.17 -4.55
N ASN B 69 -9.28 -35.31 -4.97
CA ASN B 69 -8.01 -35.31 -5.69
C ASN B 69 -8.08 -34.52 -6.99
N MET B 70 -9.27 -34.41 -7.58
CA MET B 70 -9.41 -33.61 -8.80
C MET B 70 -8.81 -32.22 -8.66
N VAL B 71 -8.81 -31.67 -7.45
CA VAL B 71 -8.21 -30.35 -7.22
C VAL B 71 -6.71 -30.41 -7.40
N GLU B 72 -6.07 -31.47 -6.89
CA GLU B 72 -4.62 -31.58 -7.00
C GLU B 72 -4.18 -31.87 -8.43
N GLN B 73 -4.87 -32.82 -9.10
CA GLN B 73 -4.54 -33.11 -10.49
C GLN B 73 -4.59 -31.84 -11.33
N MET B 74 -5.67 -31.06 -11.19
CA MET B 74 -5.77 -29.79 -11.91
C MET B 74 -4.68 -28.82 -11.47
N HIS B 75 -4.48 -28.68 -10.16
CA HIS B 75 -3.50 -27.73 -9.64
C HIS B 75 -2.13 -27.96 -10.27
N THR B 76 -1.67 -29.21 -10.26
CA THR B 76 -0.39 -29.52 -10.88
C THR B 76 -0.39 -29.30 -12.39
N ASP B 77 -1.57 -29.34 -13.02
CA ASP B 77 -1.64 -29.13 -14.46
C ASP B 77 -1.35 -27.68 -14.82
N ILE B 78 -2.07 -26.75 -14.19
CA ILE B 78 -1.89 -25.33 -14.47
C ILE B 78 -0.43 -24.93 -14.29
N ILE B 79 0.23 -25.49 -13.28
CA ILE B 79 1.64 -25.20 -13.04
C ILE B 79 2.50 -25.70 -14.19
N SER B 80 2.41 -27.00 -14.49
CA SER B 80 3.27 -27.57 -15.53
C SER B 80 2.96 -26.98 -16.90
N LEU B 81 1.67 -26.82 -17.21
CA LEU B 81 1.29 -26.17 -18.47
C LEU B 81 1.95 -24.81 -18.60
N TRP B 82 2.20 -24.14 -17.48
CA TRP B 82 2.76 -22.80 -17.47
C TRP B 82 4.24 -22.80 -17.82
N ASP B 83 4.98 -23.80 -17.34
CA ASP B 83 6.41 -23.87 -17.64
C ASP B 83 6.65 -24.21 -19.10
N GLN B 84 5.86 -25.14 -19.65
CA GLN B 84 5.92 -25.40 -21.09
C GLN B 84 5.79 -24.11 -21.88
N SER B 85 4.90 -23.23 -21.45
CA SER B 85 4.76 -21.96 -22.15
C SER B 85 5.98 -21.08 -21.93
N LEU B 86 6.57 -21.17 -20.73
CA LEU B 86 7.71 -20.31 -20.41
C LEU B 86 8.97 -20.76 -21.16
N LYS B 87 9.13 -22.06 -21.36
CA LYS B 87 10.36 -22.61 -21.93
C LYS B 87 10.80 -21.97 -23.25
N PRO B 88 9.95 -21.83 -24.28
CA PRO B 88 10.46 -21.33 -25.57
C PRO B 88 10.78 -19.85 -25.58
N CYS B 89 10.41 -19.12 -24.53
CA CYS B 89 10.45 -17.67 -24.55
C CYS B 89 11.87 -17.18 -24.27
N VAL B 90 12.02 -15.87 -24.12
CA VAL B 90 13.32 -15.22 -24.01
C VAL B 90 13.79 -15.23 -22.57
N LYS B 91 15.01 -15.70 -22.35
CA LYS B 91 15.63 -15.61 -21.03
C LYS B 91 16.16 -14.21 -20.81
N LEU B 92 15.69 -13.55 -19.76
CA LEU B 92 16.08 -12.17 -19.49
C LEU B 92 17.25 -12.06 -18.53
N THR B 93 18.00 -13.13 -18.34
CA THR B 93 19.21 -13.13 -17.52
C THR B 93 20.24 -12.07 -17.93
N PRO B 94 20.31 -11.62 -19.19
CA PRO B 94 21.15 -10.45 -19.50
C PRO B 94 20.60 -9.15 -18.96
N LEU B 95 19.38 -9.13 -18.44
CA LEU B 95 18.82 -7.90 -17.88
C LEU B 95 19.28 -7.65 -16.46
N CYS B 96 19.83 -8.67 -15.79
CA CYS B 96 20.35 -8.52 -14.43
C CYS B 96 21.58 -7.63 -14.49
N VAL B 97 21.32 -6.33 -14.53
CA VAL B 97 22.31 -5.30 -14.81
C VAL B 97 22.03 -4.14 -13.88
N THR B 98 23.09 -3.46 -13.44
CA THR B 98 22.91 -2.23 -12.67
C THR B 98 22.13 -1.21 -13.49
N LEU B 99 21.13 -0.59 -12.87
CA LEU B 99 20.18 0.26 -13.57
C LEU B 99 20.26 1.68 -13.07
N GLN B 100 20.50 2.63 -13.97
CA GLN B 100 20.46 4.05 -13.62
C GLN B 100 19.01 4.50 -13.73
N CYS B 101 18.31 4.53 -12.60
CA CYS B 101 16.89 4.87 -12.55
C CYS B 101 16.72 6.28 -12.03
N THR B 102 15.88 7.06 -12.72
CA THR B 102 15.41 8.35 -12.22
C THR B 102 13.91 8.25 -11.98
N ASN B 103 13.42 8.95 -10.96
CA ASN B 103 11.98 9.03 -10.75
C ASN B 103 11.30 9.58 -12.00
N VAL B 104 9.99 9.35 -12.08
CA VAL B 104 9.26 9.66 -13.31
C VAL B 104 8.87 11.13 -13.34
N THR B 105 8.73 11.67 -14.55
CA THR B 105 8.45 13.08 -14.76
C THR B 105 7.02 13.44 -14.35
N ASN B 106 6.85 13.94 -13.13
CA ASN B 106 5.58 14.49 -12.70
C ASN B 106 5.82 15.80 -11.97
N ASN B 107 4.81 16.65 -11.98
CA ASN B 107 4.86 17.90 -11.23
C ASN B 107 4.62 17.58 -9.76
N ILE B 108 5.70 17.17 -9.08
CA ILE B 108 5.71 17.01 -7.63
C ILE B 108 4.54 16.12 -7.22
N THR B 109 3.84 16.48 -6.14
CA THR B 109 2.69 15.74 -5.63
C THR B 109 3.00 14.26 -5.51
N ASP B 110 4.17 13.95 -4.96
CA ASP B 110 4.60 12.57 -4.82
C ASP B 110 4.30 12.09 -3.40
N GLY B 114 6.83 7.90 -6.83
CA GLY B 114 6.99 7.67 -8.24
C GLY B 114 6.40 6.36 -8.73
N GLU B 115 6.67 5.28 -7.98
CA GLU B 115 6.30 3.91 -8.33
C GLU B 115 6.93 3.46 -9.65
N LEU B 116 7.20 4.41 -10.56
CA LEU B 116 7.66 4.13 -11.90
C LEU B 116 8.99 4.82 -12.15
N LYS B 117 9.97 4.08 -12.67
CA LYS B 117 11.33 4.55 -12.82
C LYS B 117 11.76 4.55 -14.28
N ASN B 118 12.38 5.65 -14.71
CA ASN B 118 12.92 5.80 -16.07
C ASN B 118 14.39 5.38 -16.00
N CYS B 119 14.65 4.10 -16.23
CA CYS B 119 15.95 3.48 -15.95
C CYS B 119 16.73 3.30 -17.24
N SER B 120 17.83 4.04 -17.37
CA SER B 120 18.80 3.79 -18.40
C SER B 120 19.74 2.66 -17.97
N PHE B 121 20.27 1.95 -18.96
CA PHE B 121 21.19 0.84 -18.70
C PHE B 121 21.83 0.39 -20.00
N ASN B 122 23.00 -0.20 -19.89
CA ASN B 122 23.68 -0.78 -21.04
C ASN B 122 23.16 -2.18 -21.31
N MET B 123 22.95 -2.50 -22.59
CA MET B 123 22.45 -3.79 -23.03
C MET B 123 23.39 -4.35 -24.09
N THR B 124 23.11 -5.57 -24.54
CA THR B 124 23.84 -6.18 -25.63
C THR B 124 22.98 -6.19 -26.88
N THR B 125 23.64 -6.42 -28.02
CA THR B 125 22.97 -6.45 -29.31
C THR B 125 23.07 -7.85 -29.90
N GLU B 126 22.67 -7.98 -31.17
CA GLU B 126 22.94 -9.23 -31.86
C GLU B 126 24.42 -9.41 -32.14
N LEU B 127 25.19 -8.32 -32.15
CA LEU B 127 26.64 -8.39 -32.29
C LEU B 127 27.27 -8.60 -30.92
N ARG B 128 28.12 -9.62 -30.81
CA ARG B 128 28.60 -10.09 -29.51
C ARG B 128 29.50 -9.05 -28.85
N ASP B 129 30.08 -8.16 -29.62
CA ASP B 129 30.97 -7.17 -29.01
C ASP B 129 30.26 -5.84 -28.81
N LYS B 130 29.46 -5.39 -29.78
CA LYS B 130 28.76 -4.12 -29.65
C LYS B 130 27.70 -4.18 -28.54
N LYS B 131 27.65 -3.13 -27.73
CA LYS B 131 26.68 -3.04 -26.65
C LYS B 131 25.76 -1.84 -26.86
N GLN B 132 24.77 -1.72 -25.96
CA GLN B 132 23.54 -1.00 -26.28
C GLN B 132 23.14 -0.17 -25.07
N LYS B 133 23.34 1.15 -25.15
CA LYS B 133 22.85 2.05 -24.10
C LYS B 133 21.37 2.30 -24.34
N VAL B 134 20.52 1.72 -23.49
CA VAL B 134 19.07 1.83 -23.63
C VAL B 134 18.47 2.23 -22.28
N TYR B 135 17.17 2.53 -22.30
CA TYR B 135 16.44 2.81 -21.08
C TYR B 135 15.03 2.22 -21.19
N SER B 136 14.46 1.89 -20.04
CA SER B 136 13.08 1.44 -19.97
C SER B 136 12.44 1.98 -18.70
N LEU B 137 11.14 1.75 -18.58
CA LEU B 137 10.39 2.10 -17.39
C LEU B 137 10.01 0.82 -16.65
N PHE B 138 9.99 0.90 -15.32
CA PHE B 138 9.62 -0.23 -14.49
C PHE B 138 8.86 0.27 -13.28
N TYR B 139 7.90 -0.54 -12.84
CA TYR B 139 7.27 -0.31 -11.55
C TYR B 139 8.27 -0.60 -10.44
N ARG B 140 8.12 0.10 -9.31
CA ARG B 140 9.10 -0.02 -8.23
C ARG B 140 9.15 -1.41 -7.65
N LEU B 141 8.06 -2.17 -7.76
CA LEU B 141 8.04 -3.52 -7.20
C LEU B 141 8.94 -4.47 -7.96
N ASP B 142 9.32 -4.13 -9.19
CA ASP B 142 10.22 -4.96 -9.98
C ASP B 142 11.68 -4.63 -9.72
N VAL B 143 11.99 -3.42 -9.30
CA VAL B 143 13.37 -3.02 -9.05
C VAL B 143 13.62 -2.90 -7.56
N VAL B 144 14.89 -2.94 -7.20
CA VAL B 144 15.37 -2.64 -5.86
C VAL B 144 16.68 -1.87 -5.98
N GLN B 145 16.82 -0.79 -5.23
CA GLN B 145 18.06 -0.03 -5.32
C GLN B 145 19.20 -0.83 -4.68
N ILE B 146 20.42 -0.48 -5.08
CA ILE B 146 21.60 -1.25 -4.68
C ILE B 146 22.69 -0.26 -4.25
N ASN B 147 23.01 -0.26 -2.97
CA ASN B 147 24.08 0.61 -2.46
C ASN B 147 25.33 -0.20 -2.13
N SER B 157 25.76 11.89 -7.35
CA SER B 157 25.36 10.68 -8.05
C SER B 157 23.90 10.35 -7.79
N ASN B 158 23.25 9.71 -8.77
CA ASN B 158 21.88 9.24 -8.63
C ASN B 158 21.86 7.74 -8.39
N LYS B 159 20.75 7.26 -7.85
CA LYS B 159 20.69 5.90 -7.34
C LYS B 159 20.63 4.89 -8.47
N GLU B 160 21.46 3.86 -8.36
CA GLU B 160 21.40 2.73 -9.27
C GLU B 160 20.51 1.63 -8.68
N TYR B 161 19.98 0.79 -9.57
CA TYR B 161 18.95 -0.18 -9.20
C TYR B 161 19.27 -1.52 -9.84
N ARG B 162 18.37 -2.48 -9.63
CA ARG B 162 18.42 -3.79 -10.28
C ARG B 162 17.11 -4.51 -10.01
N LEU B 163 16.79 -5.47 -10.89
CA LEU B 163 15.56 -6.23 -10.76
C LEU B 163 15.56 -7.02 -9.46
N ILE B 164 14.40 -7.06 -8.80
CA ILE B 164 14.30 -7.66 -7.47
C ILE B 164 14.63 -9.15 -7.49
N ASN B 165 14.42 -9.80 -8.64
CA ASN B 165 14.63 -11.25 -8.74
C ASN B 165 16.10 -11.60 -8.89
N CYS B 166 16.88 -10.70 -9.49
CA CYS B 166 18.18 -11.04 -10.04
C CYS B 166 19.07 -11.74 -9.04
N ASN B 167 18.80 -11.56 -7.76
CA ASN B 167 19.69 -12.08 -6.75
C ASN B 167 19.26 -13.44 -6.23
N THR B 168 18.01 -13.82 -6.48
CA THR B 168 17.47 -15.12 -6.08
C THR B 168 17.24 -16.03 -7.28
N SER B 169 16.49 -15.56 -8.27
CA SER B 169 15.88 -16.42 -9.27
C SER B 169 16.18 -15.92 -10.67
N ALA B 170 16.48 -16.86 -11.57
CA ALA B 170 16.58 -16.54 -12.98
C ALA B 170 15.23 -16.08 -13.52
N ILE B 171 15.28 -15.34 -14.63
CA ILE B 171 14.12 -14.61 -15.12
C ILE B 171 13.98 -14.82 -16.63
N THR B 172 12.76 -15.09 -17.09
CA THR B 172 12.49 -15.24 -18.51
C THR B 172 11.29 -14.40 -18.89
N GLN B 173 11.32 -13.88 -20.12
CA GLN B 173 10.27 -12.98 -20.60
C GLN B 173 9.19 -13.79 -21.30
N ALA B 174 7.98 -13.78 -20.74
CA ALA B 174 6.85 -14.48 -21.34
C ALA B 174 6.73 -14.15 -22.82
N CYS B 175 6.50 -15.17 -23.64
CA CYS B 175 6.32 -14.97 -25.07
C CYS B 175 5.18 -13.99 -25.29
N PRO B 176 5.37 -12.94 -26.10
CA PRO B 176 4.30 -11.96 -26.29
C PRO B 176 3.10 -12.51 -27.05
N LYS B 177 3.27 -13.65 -27.73
CA LYS B 177 2.18 -14.24 -28.49
C LYS B 177 1.19 -14.97 -27.59
N VAL B 178 1.69 -15.73 -26.61
CA VAL B 178 0.80 -16.46 -25.71
C VAL B 178 0.02 -15.48 -24.86
N SER B 179 -1.26 -15.79 -24.63
CA SER B 179 -2.12 -14.97 -23.80
C SER B 179 -2.39 -15.68 -22.49
N PHE B 180 -2.55 -14.91 -21.42
CA PHE B 180 -2.84 -15.46 -20.11
C PHE B 180 -4.33 -15.58 -19.84
N GLU B 181 -5.16 -15.38 -20.86
CA GLU B 181 -6.60 -15.32 -20.65
C GLU B 181 -7.14 -16.70 -20.28
N PRO B 182 -8.02 -16.78 -19.30
CA PRO B 182 -8.59 -18.08 -18.93
C PRO B 182 -9.57 -18.60 -19.98
N ILE B 183 -9.66 -19.92 -20.06
CA ILE B 183 -10.50 -20.60 -21.03
C ILE B 183 -11.26 -21.71 -20.31
N PRO B 184 -12.56 -21.87 -20.55
CA PRO B 184 -13.31 -22.95 -19.89
C PRO B 184 -12.74 -24.31 -20.23
N ILE B 185 -12.40 -25.08 -19.20
CA ILE B 185 -11.84 -26.42 -19.36
C ILE B 185 -12.81 -27.41 -18.75
N HIS B 186 -13.15 -28.44 -19.51
CA HIS B 186 -13.99 -29.53 -19.04
C HIS B 186 -13.08 -30.71 -18.78
N TYR B 187 -12.94 -31.10 -17.51
CA TYR B 187 -12.17 -32.29 -17.19
C TYR B 187 -13.02 -33.53 -17.45
N CYS B 188 -12.39 -34.59 -17.96
CA CYS B 188 -13.12 -35.75 -18.44
C CYS B 188 -12.52 -37.05 -17.91
N ALA B 189 -13.36 -38.10 -17.88
CA ALA B 189 -13.05 -39.41 -17.34
C ALA B 189 -12.98 -40.47 -18.44
N PRO B 190 -12.04 -41.39 -18.37
CA PRO B 190 -11.94 -42.45 -19.39
C PRO B 190 -12.91 -43.59 -19.12
N ALA B 191 -12.90 -44.59 -20.01
CA ALA B 191 -13.80 -45.72 -19.90
C ALA B 191 -13.42 -46.59 -18.70
N GLY B 192 -14.42 -46.98 -17.93
CA GLY B 192 -14.21 -47.62 -16.64
C GLY B 192 -14.29 -46.66 -15.47
N PHE B 193 -14.24 -45.36 -15.73
CA PHE B 193 -14.40 -44.32 -14.73
C PHE B 193 -15.46 -43.34 -15.22
N ALA B 194 -16.01 -42.57 -14.27
CA ALA B 194 -16.98 -41.55 -14.61
C ALA B 194 -17.04 -40.53 -13.48
N ILE B 195 -17.68 -39.40 -13.76
CA ILE B 195 -17.70 -38.26 -12.86
C ILE B 195 -19.08 -38.13 -12.26
N LEU B 196 -19.14 -37.75 -10.98
CA LEU B 196 -20.38 -37.61 -10.25
C LEU B 196 -20.62 -36.15 -9.89
N LYS B 197 -21.78 -35.63 -10.26
CA LYS B 197 -22.12 -34.22 -10.10
C LYS B 197 -23.20 -34.10 -9.03
N CYS B 198 -22.81 -33.63 -7.84
CA CYS B 198 -23.76 -33.43 -6.75
C CYS B 198 -24.63 -32.21 -7.05
N LYS B 199 -25.93 -32.44 -7.21
CA LYS B 199 -26.81 -31.44 -7.78
C LYS B 199 -27.69 -30.70 -6.76
N ASP B 200 -27.73 -31.13 -5.50
CA ASP B 200 -28.63 -30.49 -4.56
C ASP B 200 -28.22 -29.04 -4.32
N LYS B 201 -29.21 -28.16 -4.19
CA LYS B 201 -28.97 -26.73 -4.22
C LYS B 201 -28.15 -26.28 -3.01
N LYS B 202 -28.65 -26.53 -1.80
CA LYS B 202 -27.97 -26.12 -0.58
C LYS B 202 -27.10 -27.29 -0.12
N PHE B 203 -25.80 -27.19 -0.40
CA PHE B 203 -24.88 -28.31 -0.25
C PHE B 203 -23.55 -27.77 0.25
N ASN B 204 -23.11 -28.25 1.41
CA ASN B 204 -21.91 -27.72 2.06
C ASN B 204 -20.64 -28.43 1.59
N GLY B 205 -20.66 -29.08 0.43
CA GLY B 205 -19.50 -29.77 -0.10
C GLY B 205 -19.04 -31.02 0.65
N THR B 206 -19.43 -31.18 1.92
CA THR B 206 -19.04 -32.35 2.70
C THR B 206 -20.27 -33.17 3.05
N GLY B 207 -20.07 -34.48 3.25
CA GLY B 207 -21.17 -35.37 3.52
C GLY B 207 -21.81 -35.91 2.25
N PRO B 208 -22.80 -36.78 2.40
CA PRO B 208 -23.48 -37.34 1.23
C PRO B 208 -24.33 -36.30 0.51
N CYS B 209 -24.75 -36.67 -0.69
CA CYS B 209 -25.50 -35.80 -1.59
C CYS B 209 -26.84 -36.43 -1.93
N PRO B 210 -27.96 -35.72 -1.79
CA PRO B 210 -29.27 -36.31 -2.09
C PRO B 210 -29.45 -36.62 -3.56
N SER B 211 -29.29 -35.61 -4.41
CA SER B 211 -29.44 -35.76 -5.85
C SER B 211 -28.06 -35.97 -6.48
N VAL B 212 -27.84 -37.15 -7.04
CA VAL B 212 -26.57 -37.51 -7.67
C VAL B 212 -26.83 -37.88 -9.12
N SER B 213 -26.07 -37.26 -10.03
CA SER B 213 -26.09 -37.57 -11.45
C SER B 213 -24.65 -37.78 -11.92
N THR B 214 -24.50 -38.49 -13.03
CA THR B 214 -23.20 -38.73 -13.62
C THR B 214 -23.05 -37.97 -14.92
N VAL B 215 -21.88 -37.36 -15.10
CA VAL B 215 -21.45 -36.88 -16.39
C VAL B 215 -20.09 -37.50 -16.66
N GLN B 216 -19.74 -37.60 -17.94
CA GLN B 216 -18.40 -37.99 -18.32
C GLN B 216 -17.42 -36.81 -18.32
N CYS B 217 -17.91 -35.57 -18.24
CA CYS B 217 -17.05 -34.39 -18.29
C CYS B 217 -17.62 -33.26 -17.46
N THR B 218 -16.76 -32.56 -16.72
CA THR B 218 -17.24 -31.39 -16.00
C THR B 218 -17.66 -30.30 -16.97
N HIS B 219 -18.21 -29.22 -16.43
CA HIS B 219 -18.60 -28.09 -17.27
C HIS B 219 -17.36 -27.30 -17.68
N GLY B 220 -17.58 -26.22 -18.41
CA GLY B 220 -16.50 -25.32 -18.76
C GLY B 220 -15.97 -24.61 -17.52
N ILE B 221 -14.69 -24.79 -17.24
CA ILE B 221 -14.07 -24.23 -16.03
C ILE B 221 -12.90 -23.35 -16.45
N LYS B 222 -12.99 -22.05 -16.15
CA LYS B 222 -11.93 -21.13 -16.48
C LYS B 222 -10.93 -21.09 -15.33
N PRO B 223 -9.66 -21.47 -15.55
CA PRO B 223 -8.71 -21.45 -14.43
C PRO B 223 -8.30 -20.04 -14.05
N VAL B 224 -9.20 -19.29 -13.41
CA VAL B 224 -8.88 -17.94 -12.98
C VAL B 224 -7.86 -17.99 -11.86
N VAL B 225 -6.75 -17.26 -12.03
CA VAL B 225 -5.69 -17.19 -11.05
C VAL B 225 -5.85 -15.85 -10.33
N SER B 226 -6.41 -15.89 -9.13
CA SER B 226 -6.69 -14.65 -8.40
C SER B 226 -6.67 -14.93 -6.90
N THR B 227 -6.22 -13.95 -6.13
CA THR B 227 -6.19 -14.03 -4.68
C THR B 227 -7.26 -13.15 -4.07
N GLN B 228 -7.62 -13.46 -2.83
CA GLN B 228 -8.70 -12.78 -2.12
C GLN B 228 -10.02 -12.94 -2.86
N LEU B 229 -10.23 -12.16 -3.93
CA LEU B 229 -11.48 -12.21 -4.67
C LEU B 229 -11.46 -13.33 -5.70
N LEU B 230 -12.62 -13.96 -5.90
CA LEU B 230 -12.83 -14.90 -6.97
C LEU B 230 -13.61 -14.19 -8.08
N LEU B 231 -13.28 -14.51 -9.34
CA LEU B 231 -13.83 -13.79 -10.47
C LEU B 231 -14.32 -14.78 -11.53
N ASN B 232 -15.39 -14.40 -12.23
CA ASN B 232 -15.82 -15.11 -13.44
C ASN B 232 -16.19 -16.56 -13.15
N GLY B 233 -16.64 -16.86 -11.93
CA GLY B 233 -16.80 -18.22 -11.46
C GLY B 233 -18.26 -18.66 -11.35
N SER B 234 -18.44 -19.81 -10.69
CA SER B 234 -19.75 -20.40 -10.54
C SER B 234 -20.52 -19.76 -9.38
N LEU B 235 -21.81 -19.57 -9.58
CA LEU B 235 -22.70 -19.03 -8.57
C LEU B 235 -23.45 -20.14 -7.85
N ALA B 236 -23.90 -19.84 -6.64
CA ALA B 236 -24.65 -20.77 -5.81
C ALA B 236 -26.13 -20.72 -6.15
N GLU B 237 -26.88 -21.66 -5.56
CA GLU B 237 -28.30 -21.81 -5.81
C GLU B 237 -29.08 -21.45 -4.56
N GLU B 238 -30.13 -20.65 -4.72
CA GLU B 238 -30.98 -20.18 -3.62
C GLU B 238 -30.07 -19.38 -2.68
N GLU B 239 -30.01 -19.72 -1.39
CA GLU B 239 -29.12 -19.05 -0.45
C GLU B 239 -27.67 -19.13 -0.93
N VAL B 240 -26.83 -18.21 -0.46
CA VAL B 240 -25.41 -18.28 -0.77
C VAL B 240 -24.78 -19.33 0.13
N MET B 241 -24.14 -20.32 -0.47
CA MET B 241 -23.57 -21.41 0.31
C MET B 241 -22.19 -21.03 0.84
N ILE B 242 -21.93 -21.40 2.09
CA ILE B 242 -20.68 -21.12 2.78
C ILE B 242 -20.06 -22.45 3.15
N ARG B 243 -18.93 -22.78 2.53
CA ARG B 243 -18.27 -24.05 2.73
C ARG B 243 -16.87 -23.85 3.30
N SER B 244 -16.55 -24.61 4.35
CA SER B 244 -15.21 -24.68 4.90
C SER B 244 -15.03 -26.10 5.40
N GLU B 245 -13.85 -26.70 5.14
CA GLU B 245 -13.58 -28.03 5.65
C GLU B 245 -13.81 -28.08 7.15
N ASN B 246 -13.55 -26.99 7.84
CA ASN B 246 -13.74 -26.94 9.28
C ASN B 246 -13.76 -25.48 9.68
N ILE B 247 -14.82 -25.07 10.38
CA ILE B 247 -14.95 -23.68 10.77
C ILE B 247 -14.42 -23.45 12.18
N THR B 248 -14.55 -24.46 13.05
CA THR B 248 -13.98 -24.39 14.40
C THR B 248 -12.52 -24.05 14.26
N ASN B 249 -11.87 -24.67 13.28
CA ASN B 249 -10.53 -24.28 12.90
C ASN B 249 -10.61 -22.98 12.12
N ASN B 250 -10.30 -21.86 12.78
CA ASN B 250 -10.19 -20.59 12.09
C ASN B 250 -9.11 -20.64 11.01
N ALA B 251 -8.10 -21.48 11.20
CA ALA B 251 -7.02 -21.58 10.22
C ALA B 251 -7.50 -22.14 8.89
N LYS B 252 -8.56 -22.94 8.90
CA LYS B 252 -9.11 -23.48 7.67
C LYS B 252 -9.80 -22.37 6.88
N ASN B 253 -9.29 -22.08 5.69
CA ASN B 253 -9.87 -21.04 4.85
C ASN B 253 -11.33 -21.35 4.55
N ILE B 254 -12.13 -20.30 4.48
CA ILE B 254 -13.57 -20.40 4.27
C ILE B 254 -13.87 -19.93 2.86
N LEU B 255 -14.55 -20.79 2.09
CA LEU B 255 -14.85 -20.50 0.70
C LEU B 255 -16.34 -20.19 0.56
N VAL B 256 -16.64 -19.13 -0.17
CA VAL B 256 -18.00 -18.60 -0.30
C VAL B 256 -18.42 -18.70 -1.75
N GLN B 257 -19.69 -19.06 -1.98
CA GLN B 257 -20.26 -19.04 -3.32
C GLN B 257 -21.47 -18.12 -3.33
N PHE B 258 -21.49 -17.19 -4.29
CA PHE B 258 -22.57 -16.26 -4.42
C PHE B 258 -23.75 -16.89 -5.15
N ASN B 259 -24.93 -16.34 -4.93
CA ASN B 259 -26.05 -16.57 -5.82
C ASN B 259 -26.13 -15.50 -6.90
N THR B 260 -25.52 -14.34 -6.67
CA THR B 260 -25.55 -13.18 -7.55
C THR B 260 -24.12 -12.70 -7.81
N PRO B 261 -23.79 -12.36 -9.05
CA PRO B 261 -22.45 -11.87 -9.36
C PRO B 261 -22.29 -10.41 -8.99
N VAL B 262 -21.07 -10.05 -8.61
CA VAL B 262 -20.71 -8.66 -8.31
C VAL B 262 -19.82 -8.16 -9.44
N GLN B 263 -20.28 -7.11 -10.12
CA GLN B 263 -19.50 -6.51 -11.18
C GLN B 263 -18.33 -5.71 -10.60
N ILE B 264 -17.23 -5.70 -11.34
CA ILE B 264 -16.07 -4.89 -10.99
C ILE B 264 -15.41 -4.45 -12.29
N ASN B 265 -15.01 -3.18 -12.35
CA ASN B 265 -14.43 -2.58 -13.53
C ASN B 265 -12.99 -2.17 -13.24
N CYS B 266 -12.03 -2.87 -13.84
CA CYS B 266 -10.62 -2.65 -13.59
C CYS B 266 -9.94 -2.10 -14.83
N THR B 267 -9.12 -1.09 -14.64
CA THR B 267 -8.38 -0.48 -15.74
C THR B 267 -6.93 -0.28 -15.36
N ARG B 268 -6.08 -0.20 -16.39
CA ARG B 268 -4.76 0.42 -16.31
C ARG B 268 -4.84 1.70 -17.11
N PRO B 269 -5.28 2.78 -16.53
CA PRO B 269 -5.60 3.94 -17.35
C PRO B 269 -4.38 4.67 -17.89
N ASN B 270 -3.52 3.96 -18.62
CA ASN B 270 -2.27 4.53 -19.10
C ASN B 270 -1.99 3.96 -20.48
N ASN B 271 -1.98 4.82 -21.49
CA ASN B 271 -1.66 4.40 -22.84
C ASN B 271 -0.16 4.12 -22.92
N ASN B 272 0.20 2.86 -23.17
CA ASN B 272 1.55 2.35 -22.94
C ASN B 272 2.29 2.15 -24.25
N THR B 273 3.48 2.75 -24.35
CA THR B 273 4.41 2.43 -25.41
C THR B 273 5.18 1.16 -25.06
N ARG B 274 5.55 0.40 -26.08
CA ARG B 274 6.36 -0.80 -25.88
C ARG B 274 7.51 -0.80 -26.88
N LYS B 275 8.72 -0.62 -26.39
CA LYS B 275 9.92 -0.75 -27.20
C LYS B 275 10.37 -2.21 -27.24
N SER B 276 10.73 -2.68 -28.43
CA SER B 276 11.31 -4.01 -28.58
C SER B 276 12.81 -3.85 -28.80
N ILE B 277 13.60 -4.47 -27.94
CA ILE B 277 15.04 -4.27 -27.88
C ILE B 277 15.73 -5.54 -28.37
N ARG B 278 16.72 -5.37 -29.24
CA ARG B 278 17.37 -6.50 -29.91
C ARG B 278 18.61 -6.92 -29.14
N ILE B 279 18.49 -8.06 -28.45
CA ILE B 279 19.61 -8.71 -27.78
C ILE B 279 20.07 -9.95 -28.53
N GLY B 280 19.53 -10.20 -29.73
CA GLY B 280 19.60 -11.48 -30.39
C GLY B 280 20.98 -12.01 -30.71
N PRO B 281 21.09 -12.92 -31.69
CA PRO B 281 20.10 -13.33 -32.70
C PRO B 281 18.84 -14.04 -32.20
N GLY B 282 17.68 -13.54 -32.61
CA GLY B 282 16.41 -14.12 -32.24
C GLY B 282 15.87 -13.70 -30.90
N GLN B 283 16.71 -13.14 -30.03
CA GLN B 283 16.29 -12.72 -28.69
C GLN B 283 15.95 -11.24 -28.70
N ALA B 284 14.74 -10.92 -28.23
CA ALA B 284 14.21 -9.57 -28.29
C ALA B 284 13.44 -9.25 -27.02
N PHE B 285 13.77 -8.13 -26.40
CA PHE B 285 13.19 -7.73 -25.11
C PHE B 285 12.24 -6.56 -25.30
N TYR B 286 11.02 -6.74 -24.80
CA TYR B 286 9.99 -5.72 -24.91
C TYR B 286 10.03 -4.85 -23.65
N ALA B 287 10.50 -3.62 -23.81
CA ALA B 287 10.53 -2.65 -22.74
C ALA B 287 9.28 -1.79 -22.80
N THR B 288 9.22 -0.78 -21.93
CA THR B 288 8.15 0.21 -21.95
C THR B 288 8.73 1.53 -22.41
N GLY B 289 8.14 2.10 -23.46
CA GLY B 289 8.39 3.48 -23.81
C GLY B 289 7.61 4.39 -22.89
N ASP B 290 7.29 5.57 -23.39
CA ASP B 290 6.55 6.53 -22.58
C ASP B 290 5.10 6.08 -22.39
N ILE B 291 4.52 6.48 -21.26
CA ILE B 291 3.08 6.56 -21.18
C ILE B 291 2.62 7.71 -22.07
N ILE B 292 1.52 7.49 -22.78
CA ILE B 292 0.97 8.52 -23.65
C ILE B 292 -0.02 9.34 -22.84
N GLY B 293 0.44 10.49 -22.37
CA GLY B 293 -0.46 11.52 -21.87
C GLY B 293 -0.57 11.53 -20.36
N ASP B 294 -1.80 11.59 -19.86
CA ASP B 294 -2.03 11.63 -18.43
C ASP B 294 -1.52 10.37 -17.77
N ILE B 295 -0.86 10.53 -16.62
CA ILE B 295 -0.48 9.41 -15.79
C ILE B 295 -1.57 9.23 -14.74
N ARG B 296 -2.30 8.12 -14.84
CA ARG B 296 -3.24 7.71 -13.82
C ARG B 296 -2.83 6.34 -13.31
N GLN B 297 -3.27 5.99 -12.10
CA GLN B 297 -2.95 4.71 -11.51
C GLN B 297 -4.11 3.73 -11.66
N ALA B 298 -3.77 2.46 -11.81
CA ALA B 298 -4.79 1.42 -11.99
C ALA B 298 -5.74 1.40 -10.80
N HIS B 299 -6.97 1.00 -11.07
CA HIS B 299 -7.98 0.92 -10.04
C HIS B 299 -9.08 -0.03 -10.50
N CYS B 300 -9.92 -0.40 -9.55
CA CYS B 300 -11.15 -1.10 -9.84
C CYS B 300 -12.27 -0.40 -9.09
N ASN B 301 -13.46 -0.42 -9.70
CA ASN B 301 -14.66 0.14 -9.10
C ASN B 301 -15.66 -0.97 -8.81
N VAL B 302 -16.43 -0.76 -7.74
CA VAL B 302 -17.53 -1.64 -7.37
C VAL B 302 -18.68 -0.78 -6.87
N SER B 303 -19.89 -1.09 -7.34
CA SER B 303 -21.08 -0.39 -6.87
C SER B 303 -21.17 -0.52 -5.36
N LYS B 304 -20.87 0.57 -4.65
CA LYS B 304 -20.90 0.57 -3.19
C LYS B 304 -22.20 -0.01 -2.67
N ALA B 305 -23.29 0.20 -3.41
CA ALA B 305 -24.60 -0.35 -3.06
C ALA B 305 -24.56 -1.87 -3.07
N THR B 306 -24.55 -2.45 -4.27
CA THR B 306 -24.59 -3.90 -4.41
C THR B 306 -23.53 -4.57 -3.56
N TRP B 307 -22.38 -3.91 -3.41
CA TRP B 307 -21.33 -4.40 -2.52
C TRP B 307 -21.84 -4.53 -1.11
N ASN B 308 -22.23 -3.41 -0.51
CA ASN B 308 -22.79 -3.43 0.84
C ASN B 308 -24.04 -4.29 0.91
N GLU B 309 -24.78 -4.41 -0.20
CA GLU B 309 -25.89 -5.36 -0.26
C GLU B 309 -25.40 -6.80 -0.06
N THR B 310 -24.31 -7.17 -0.74
CA THR B 310 -23.79 -8.53 -0.64
C THR B 310 -23.13 -8.79 0.71
N LEU B 311 -22.57 -7.77 1.35
CA LEU B 311 -22.04 -7.95 2.69
C LEU B 311 -23.12 -8.41 3.65
N GLY B 312 -24.32 -7.83 3.54
CA GLY B 312 -25.42 -8.18 4.41
C GLY B 312 -26.02 -9.54 4.12
N LYS B 313 -26.22 -9.84 2.83
CA LYS B 313 -26.70 -11.16 2.45
C LYS B 313 -25.79 -12.25 3.01
N VAL B 314 -24.49 -11.98 3.04
CA VAL B 314 -23.55 -12.92 3.65
C VAL B 314 -23.74 -12.95 5.16
N VAL B 315 -23.68 -11.77 5.80
CA VAL B 315 -23.64 -11.74 7.26
C VAL B 315 -24.88 -12.40 7.85
N LYS B 316 -26.00 -12.36 7.13
CA LYS B 316 -27.18 -13.10 7.56
C LYS B 316 -27.01 -14.60 7.37
N GLN B 317 -26.15 -15.02 6.44
CA GLN B 317 -25.82 -16.44 6.29
C GLN B 317 -24.79 -16.92 7.29
N LEU B 318 -24.14 -16.01 8.01
CA LEU B 318 -23.10 -16.37 8.97
C LEU B 318 -23.70 -16.68 10.33
N ARG B 319 -24.61 -15.83 10.82
CA ARG B 319 -25.26 -16.07 12.09
C ARG B 319 -25.95 -17.42 12.13
N LYS B 320 -26.26 -18.00 10.96
CA LYS B 320 -26.67 -19.40 10.90
C LYS B 320 -25.66 -20.30 11.57
N HIS B 321 -24.39 -19.90 11.60
CA HIS B 321 -23.34 -20.64 12.27
C HIS B 321 -22.84 -19.97 13.54
N PHE B 322 -23.34 -18.77 13.88
CA PHE B 322 -22.87 -18.11 15.09
C PHE B 322 -23.99 -17.20 15.62
N GLY B 323 -24.67 -17.67 16.65
CA GLY B 323 -25.61 -16.87 17.41
C GLY B 323 -26.82 -16.38 16.66
N ASN B 324 -27.93 -16.18 17.37
CA ASN B 324 -29.06 -15.51 16.75
C ASN B 324 -28.82 -14.00 16.70
N ASN B 325 -28.30 -13.43 17.77
CA ASN B 325 -27.92 -12.02 17.84
C ASN B 325 -26.43 -11.95 18.16
N THR B 326 -25.67 -11.29 17.29
CA THR B 326 -24.23 -11.16 17.49
C THR B 326 -23.70 -10.07 16.56
N ILE B 327 -22.41 -9.77 16.72
CA ILE B 327 -21.74 -8.70 16.00
C ILE B 327 -20.75 -9.32 15.02
N ILE B 328 -20.61 -8.69 13.85
CA ILE B 328 -19.71 -9.14 12.80
C ILE B 328 -18.94 -7.95 12.26
N ARG B 329 -17.61 -8.08 12.20
CA ARG B 329 -16.72 -7.00 11.77
C ARG B 329 -15.86 -7.47 10.62
N PHE B 330 -15.50 -6.55 9.73
CA PHE B 330 -14.63 -6.82 8.60
C PHE B 330 -13.36 -5.98 8.71
N ALA B 331 -12.21 -6.60 8.52
CA ALA B 331 -10.92 -5.93 8.56
C ALA B 331 -10.08 -6.30 7.34
N ASN B 332 -9.16 -5.43 6.98
CA ASN B 332 -8.27 -5.78 5.88
C ASN B 332 -7.24 -6.82 6.35
N SER B 333 -6.49 -7.35 5.38
CA SER B 333 -5.57 -8.45 5.65
C SER B 333 -4.58 -8.08 6.75
N SER B 334 -4.24 -9.07 7.57
CA SER B 334 -3.33 -8.84 8.69
C SER B 334 -1.88 -8.71 8.22
N GLY B 335 -1.49 -9.47 7.21
CA GLY B 335 -0.14 -9.40 6.70
C GLY B 335 0.16 -10.55 5.76
N GLY B 336 1.27 -10.43 5.06
CA GLY B 336 1.71 -11.44 4.12
C GLY B 336 2.40 -10.81 2.94
N ASP B 337 2.66 -11.64 1.93
CA ASP B 337 3.20 -11.16 0.67
C ASP B 337 2.18 -10.24 -0.02
N LEU B 338 2.62 -9.60 -1.10
CA LEU B 338 1.69 -8.75 -1.84
C LEU B 338 0.53 -9.56 -2.39
N GLU B 339 0.79 -10.80 -2.80
CA GLU B 339 -0.27 -11.61 -3.38
C GLU B 339 -1.40 -11.88 -2.40
N VAL B 340 -1.08 -11.99 -1.12
CA VAL B 340 -2.10 -12.25 -0.11
C VAL B 340 -2.65 -10.96 0.47
N THR B 341 -1.77 -10.01 0.80
CA THR B 341 -2.23 -8.76 1.39
C THR B 341 -3.17 -7.99 0.47
N THR B 342 -3.01 -8.14 -0.85
CA THR B 342 -3.86 -7.46 -1.81
C THR B 342 -4.45 -8.48 -2.77
N HIS B 343 -5.25 -7.98 -3.72
CA HIS B 343 -6.01 -8.82 -4.64
C HIS B 343 -5.20 -9.00 -5.93
N SER B 344 -4.61 -10.17 -6.11
CA SER B 344 -3.88 -10.48 -7.32
C SER B 344 -4.83 -10.90 -8.43
N PHE B 345 -4.56 -10.46 -9.65
CA PHE B 345 -5.26 -10.94 -10.83
C PHE B 345 -4.56 -10.37 -12.07
N ASN B 346 -4.76 -11.06 -13.18
CA ASN B 346 -4.21 -10.65 -14.47
C ASN B 346 -5.33 -10.01 -15.27
N CYS B 347 -5.22 -8.72 -15.49
CA CYS B 347 -6.20 -7.97 -16.26
C CYS B 347 -5.52 -7.52 -17.55
N GLY B 348 -5.97 -8.08 -18.67
CA GLY B 348 -5.48 -7.59 -19.96
C GLY B 348 -4.04 -7.93 -20.24
N GLY B 349 -3.41 -8.77 -19.42
CA GLY B 349 -2.03 -9.16 -19.56
C GLY B 349 -1.14 -8.63 -18.45
N GLU B 350 -1.43 -7.44 -17.95
CA GLU B 350 -0.74 -6.92 -16.78
C GLU B 350 -1.31 -7.57 -15.53
N PHE B 351 -0.51 -7.55 -14.47
CA PHE B 351 -0.85 -8.24 -13.25
C PHE B 351 -1.14 -7.21 -12.17
N PHE B 352 -2.37 -7.20 -11.69
CA PHE B 352 -2.87 -6.13 -10.85
C PHE B 352 -2.87 -6.58 -9.39
N TYR B 353 -2.77 -5.59 -8.50
CA TYR B 353 -2.79 -5.82 -7.06
C TYR B 353 -3.48 -4.64 -6.41
N CYS B 354 -4.67 -4.85 -5.85
CA CYS B 354 -5.54 -3.77 -5.44
C CYS B 354 -5.77 -3.78 -3.93
N ASN B 355 -5.68 -2.59 -3.34
CA ASN B 355 -5.87 -2.40 -1.90
C ASN B 355 -7.35 -2.57 -1.56
N THR B 356 -7.67 -3.63 -0.83
CA THR B 356 -9.05 -3.94 -0.49
C THR B 356 -9.42 -3.51 0.92
N SER B 357 -8.62 -2.64 1.54
CA SER B 357 -8.93 -2.16 2.89
C SER B 357 -10.30 -1.51 2.95
N GLY B 358 -10.72 -0.86 1.87
CA GLY B 358 -12.01 -0.21 1.84
C GLY B 358 -13.19 -1.15 1.69
N LEU B 359 -12.92 -2.38 1.25
CA LEU B 359 -13.98 -3.39 1.20
C LEU B 359 -14.18 -4.05 2.56
N PHE B 360 -13.10 -4.27 3.30
CA PHE B 360 -13.15 -4.92 4.60
C PHE B 360 -12.85 -3.87 5.65
N ASN B 361 -13.86 -3.04 5.92
CA ASN B 361 -13.82 -1.97 6.91
C ASN B 361 -15.27 -1.70 7.28
N SER B 362 -15.84 -2.58 8.11
CA SER B 362 -17.26 -2.62 8.36
C SER B 362 -17.52 -3.31 9.69
N THR B 363 -18.73 -3.12 10.20
CA THR B 363 -19.16 -3.80 11.41
C THR B 363 -20.67 -4.01 11.32
N TRP B 364 -21.15 -5.13 11.86
CA TRP B 364 -22.52 -5.55 11.64
C TRP B 364 -23.19 -5.94 12.95
N ILE B 365 -24.41 -5.43 13.16
CA ILE B 365 -25.17 -5.71 14.36
C ILE B 365 -26.31 -6.65 13.99
N SER B 366 -26.94 -7.24 15.02
CA SER B 366 -27.98 -8.23 14.79
C SER B 366 -29.15 -7.67 13.98
N ASN B 367 -29.42 -6.38 14.10
CA ASN B 367 -30.53 -5.76 13.38
C ASN B 367 -30.35 -4.26 13.28
N ASN B 379 -26.32 7.41 -4.23
CA ASN B 379 -25.83 6.33 -5.09
C ASN B 379 -24.44 6.65 -5.63
N ASP B 380 -23.51 5.72 -5.47
CA ASP B 380 -22.16 5.87 -5.99
C ASP B 380 -21.46 4.50 -5.90
N SER B 381 -20.14 4.51 -6.08
CA SER B 381 -19.35 3.28 -6.17
C SER B 381 -18.01 3.47 -5.50
N ILE B 382 -17.47 2.37 -4.98
CA ILE B 382 -16.15 2.35 -4.36
C ILE B 382 -15.11 2.35 -5.48
N THR B 383 -13.85 2.60 -5.14
CA THR B 383 -12.74 2.55 -6.07
C THR B 383 -11.52 1.99 -5.33
N LEU B 384 -10.81 1.06 -5.97
CA LEU B 384 -9.74 0.31 -5.31
C LEU B 384 -8.38 0.64 -5.91
N PRO B 385 -7.45 1.21 -5.14
CA PRO B 385 -6.11 1.51 -5.69
C PRO B 385 -5.38 0.22 -6.03
N CYS B 386 -4.88 0.14 -7.26
CA CYS B 386 -4.26 -1.08 -7.74
C CYS B 386 -2.80 -0.84 -8.09
N ARG B 387 -2.03 -1.94 -8.07
CA ARG B 387 -0.60 -1.94 -8.34
C ARG B 387 -0.28 -3.00 -9.38
N ILE B 388 0.61 -2.66 -10.31
CA ILE B 388 0.98 -3.56 -11.40
C ILE B 388 2.44 -3.98 -11.26
N LYS B 389 2.69 -5.27 -11.39
CA LYS B 389 4.02 -5.84 -11.38
C LYS B 389 4.24 -6.58 -12.68
N GLN B 390 5.51 -6.68 -13.10
CA GLN B 390 5.87 -7.39 -14.32
C GLN B 390 6.74 -8.62 -14.07
N ILE B 391 7.75 -8.52 -13.21
CA ILE B 391 8.52 -9.69 -12.82
C ILE B 391 7.68 -10.49 -11.82
N ILE B 392 7.40 -11.74 -12.15
CA ILE B 392 6.48 -12.55 -11.38
C ILE B 392 7.07 -13.91 -11.06
N ASN B 393 6.90 -14.34 -9.81
CA ASN B 393 7.35 -15.64 -9.33
C ASN B 393 6.17 -16.51 -8.92
N MET B 394 5.00 -16.28 -9.54
CA MET B 394 3.76 -16.86 -9.05
C MET B 394 3.89 -18.36 -8.86
N TRP B 395 3.24 -18.85 -7.80
CA TRP B 395 3.50 -20.13 -7.14
C TRP B 395 4.80 -20.11 -6.35
N GLN B 396 5.44 -18.94 -6.21
CA GLN B 396 6.49 -18.68 -5.24
C GLN B 396 7.77 -19.46 -5.48
N ARG B 397 7.79 -20.30 -6.51
CA ARG B 397 8.91 -21.22 -6.73
C ARG B 397 10.20 -20.48 -7.01
N ILE B 398 11.08 -20.39 -6.00
CA ILE B 398 12.34 -19.66 -6.14
C ILE B 398 13.20 -20.27 -7.25
N GLY B 399 14.12 -19.46 -7.77
CA GLY B 399 15.07 -19.94 -8.76
C GLY B 399 14.57 -19.59 -10.14
N GLN B 400 13.26 -19.50 -10.26
CA GLN B 400 12.59 -19.28 -11.55
C GLN B 400 11.53 -18.22 -11.39
N ALA B 401 11.69 -17.12 -12.14
CA ALA B 401 10.71 -16.04 -12.18
C ALA B 401 10.34 -15.74 -13.63
N MET B 402 9.13 -15.26 -13.82
CA MET B 402 8.66 -14.85 -15.14
C MET B 402 8.51 -13.34 -15.21
N TYR B 403 9.04 -12.76 -16.27
CA TYR B 403 8.86 -11.34 -16.57
C TYR B 403 7.74 -11.23 -17.59
N ALA B 404 6.62 -10.67 -17.17
CA ALA B 404 5.53 -10.42 -18.12
C ALA B 404 5.85 -9.18 -18.93
N PRO B 405 5.81 -9.25 -20.26
CA PRO B 405 6.00 -8.06 -21.08
C PRO B 405 4.87 -7.06 -20.86
N PRO B 406 5.04 -5.83 -21.32
CA PRO B 406 3.98 -4.84 -21.12
C PRO B 406 2.90 -4.91 -22.18
N ILE B 407 1.73 -4.41 -21.80
CA ILE B 407 0.55 -4.38 -22.66
C ILE B 407 0.37 -2.96 -23.17
N GLN B 408 0.16 -2.82 -24.47
CA GLN B 408 0.08 -1.51 -25.10
C GLN B 408 -1.27 -0.86 -24.86
N GLY B 409 -1.26 0.46 -24.82
CA GLY B 409 -2.46 1.24 -24.62
C GLY B 409 -3.00 1.11 -23.20
N VAL B 410 -4.19 1.67 -23.02
CA VAL B 410 -4.91 1.57 -21.76
C VAL B 410 -5.55 0.20 -21.65
N ILE B 411 -5.47 -0.39 -20.46
CA ILE B 411 -6.05 -1.70 -20.18
C ILE B 411 -7.38 -1.51 -19.47
N ARG B 412 -8.36 -2.34 -19.82
CA ARG B 412 -9.64 -2.39 -19.13
C ARG B 412 -10.16 -3.82 -19.13
N CYS B 413 -10.77 -4.22 -18.02
CA CYS B 413 -11.42 -5.52 -17.93
C CYS B 413 -12.47 -5.45 -16.83
N VAL B 414 -13.44 -6.35 -16.93
CA VAL B 414 -14.62 -6.37 -16.07
C VAL B 414 -14.95 -7.81 -15.73
N SER B 415 -15.22 -8.08 -14.46
CA SER B 415 -15.41 -9.46 -14.00
C SER B 415 -16.57 -9.57 -13.04
N ASN B 416 -17.27 -10.71 -13.10
CA ASN B 416 -18.24 -11.07 -12.08
C ASN B 416 -17.50 -11.60 -10.87
N ILE B 417 -17.57 -10.88 -9.77
CA ILE B 417 -17.09 -11.43 -8.50
C ILE B 417 -18.09 -12.48 -8.03
N THR B 418 -17.60 -13.69 -7.78
CA THR B 418 -18.46 -14.84 -7.58
C THR B 418 -18.13 -15.69 -6.36
N GLY B 419 -17.18 -15.28 -5.52
CA GLY B 419 -16.79 -16.08 -4.37
C GLY B 419 -15.72 -15.37 -3.58
N LEU B 420 -15.31 -16.01 -2.47
CA LEU B 420 -14.36 -15.36 -1.57
C LEU B 420 -13.60 -16.40 -0.76
N ILE B 421 -12.43 -15.99 -0.27
CA ILE B 421 -11.57 -16.79 0.58
C ILE B 421 -11.25 -15.95 1.81
N LEU B 422 -11.63 -16.43 2.99
CA LEU B 422 -11.56 -15.60 4.19
C LEU B 422 -11.02 -16.41 5.36
N THR B 423 -10.44 -15.69 6.33
CA THR B 423 -9.91 -16.27 7.56
C THR B 423 -10.54 -15.58 8.76
N ARG B 424 -10.75 -16.35 9.81
CA ARG B 424 -11.40 -15.86 11.03
C ARG B 424 -10.32 -15.26 11.93
N ASP B 425 -10.59 -15.16 13.24
CA ASP B 425 -9.62 -14.68 14.22
C ASP B 425 -9.46 -15.71 15.34
N GLY B 426 -9.17 -15.26 16.56
CA GLY B 426 -8.83 -16.16 17.64
C GLY B 426 -9.68 -15.93 18.87
N GLY B 427 -9.46 -16.80 19.87
CA GLY B 427 -10.20 -16.82 21.12
C GLY B 427 -10.56 -15.47 21.71
N SER B 428 -9.54 -14.61 21.88
CA SER B 428 -9.73 -13.21 22.23
C SER B 428 -10.76 -13.01 23.34
N THR B 429 -11.86 -12.36 23.00
CA THR B 429 -13.05 -12.32 23.84
C THR B 429 -13.98 -13.45 23.42
N ASN B 430 -14.61 -14.09 24.41
CA ASN B 430 -15.44 -15.26 24.15
C ASN B 430 -16.87 -14.82 23.89
N SER B 431 -17.29 -14.90 22.62
CA SER B 431 -18.63 -14.71 22.07
C SER B 431 -18.99 -13.24 21.85
N THR B 432 -18.16 -12.27 22.26
CA THR B 432 -18.53 -10.88 22.10
C THR B 432 -18.70 -10.52 20.62
N THR B 433 -17.70 -10.85 19.81
CA THR B 433 -17.73 -10.60 18.37
C THR B 433 -16.51 -11.27 17.75
N GLU B 434 -16.63 -11.56 16.45
CA GLU B 434 -15.56 -12.21 15.69
C GLU B 434 -15.23 -11.37 14.46
N THR B 435 -13.95 -11.36 14.09
CA THR B 435 -13.45 -10.58 12.97
C THR B 435 -13.02 -11.49 11.84
N PHE B 436 -13.03 -10.94 10.63
CA PHE B 436 -12.69 -11.68 9.43
C PHE B 436 -11.95 -10.79 8.46
N ARG B 437 -11.08 -11.41 7.68
CA ARG B 437 -10.21 -10.71 6.73
C ARG B 437 -10.09 -11.56 5.46
N PRO B 438 -9.69 -10.94 4.34
CA PRO B 438 -9.40 -11.75 3.15
C PRO B 438 -8.20 -12.67 3.37
N GLY B 439 -7.84 -13.47 2.37
CA GLY B 439 -6.69 -14.34 2.55
C GLY B 439 -6.49 -15.32 1.42
N GLY B 440 -6.07 -16.53 1.74
CA GLY B 440 -5.92 -17.53 0.70
C GLY B 440 -4.58 -17.33 0.02
N GLY B 441 -4.58 -17.50 -1.30
CA GLY B 441 -3.35 -17.46 -2.07
C GLY B 441 -2.90 -18.81 -2.58
N ASP B 442 -3.49 -19.89 -2.08
CA ASP B 442 -3.29 -21.21 -2.64
C ASP B 442 -4.32 -21.43 -3.72
N MET B 443 -3.86 -21.66 -4.95
CA MET B 443 -4.78 -21.70 -6.07
C MET B 443 -5.63 -22.97 -6.08
N ARG B 444 -5.27 -23.97 -5.28
CA ARG B 444 -6.13 -25.14 -5.13
C ARG B 444 -7.53 -24.72 -4.71
N ASP B 445 -7.62 -23.82 -3.74
CA ASP B 445 -8.92 -23.32 -3.29
C ASP B 445 -9.68 -22.66 -4.43
N ASN B 446 -8.98 -21.98 -5.34
CA ASN B 446 -9.64 -21.48 -6.55
C ASN B 446 -10.24 -22.62 -7.35
N TRP B 447 -9.60 -23.79 -7.33
CA TRP B 447 -10.13 -24.91 -8.09
C TRP B 447 -11.26 -25.60 -7.36
N ARG B 448 -11.19 -25.68 -6.02
CA ARG B 448 -12.28 -26.24 -5.24
C ARG B 448 -13.59 -25.53 -5.52
N SER B 449 -13.54 -24.22 -5.72
CA SER B 449 -14.75 -23.44 -5.97
C SER B 449 -15.60 -24.04 -7.08
N GLU B 450 -14.98 -24.80 -7.98
CA GLU B 450 -15.68 -25.43 -9.09
C GLU B 450 -15.83 -26.93 -8.96
N LEU B 451 -15.00 -27.60 -8.17
CA LEU B 451 -14.99 -29.06 -8.09
C LEU B 451 -15.68 -29.59 -6.84
N TYR B 452 -16.30 -28.70 -6.05
CA TYR B 452 -17.00 -29.15 -4.85
C TYR B 452 -18.02 -30.23 -5.17
N LYS B 453 -18.72 -30.08 -6.29
CA LYS B 453 -19.78 -30.99 -6.69
C LYS B 453 -19.29 -32.14 -7.55
N TYR B 454 -17.98 -32.41 -7.56
CA TYR B 454 -17.40 -33.43 -8.43
C TYR B 454 -16.57 -34.41 -7.62
N LYS B 455 -16.47 -35.63 -8.14
CA LYS B 455 -15.67 -36.69 -7.55
C LYS B 455 -15.59 -37.83 -8.56
N VAL B 456 -14.58 -38.67 -8.40
CA VAL B 456 -14.24 -39.71 -9.36
C VAL B 456 -14.47 -41.08 -8.73
N VAL B 457 -14.85 -42.04 -9.57
CA VAL B 457 -15.11 -43.41 -9.15
C VAL B 457 -14.71 -44.36 -10.27
N LYS B 458 -14.32 -45.58 -9.88
CA LYS B 458 -14.04 -46.68 -10.80
C LYS B 458 -15.15 -47.71 -10.69
N ILE B 459 -15.39 -48.41 -11.80
CA ILE B 459 -16.49 -49.36 -11.89
C ILE B 459 -16.02 -50.74 -11.48
N GLU B 460 -16.96 -51.55 -10.96
CA GLU B 460 -16.73 -52.97 -10.71
C GLU B 460 -17.88 -53.73 -11.37
N PRO B 461 -17.80 -53.93 -12.68
CA PRO B 461 -18.96 -54.46 -13.41
C PRO B 461 -19.23 -55.94 -13.18
N LEU B 462 -18.21 -56.72 -12.83
CA LEU B 462 -18.40 -58.14 -12.55
C LEU B 462 -19.17 -58.30 -11.24
N GLY B 463 -20.29 -59.00 -11.29
CA GLY B 463 -21.11 -59.25 -10.11
C GLY B 463 -21.30 -60.74 -9.89
N VAL B 464 -21.17 -61.16 -8.64
CA VAL B 464 -21.38 -62.54 -8.22
C VAL B 464 -22.44 -62.55 -7.14
N ALA B 465 -23.45 -63.39 -7.29
CA ALA B 465 -24.59 -63.43 -6.39
C ALA B 465 -25.17 -64.83 -6.41
N PRO B 466 -25.85 -65.23 -5.34
CA PRO B 466 -26.45 -66.56 -5.30
C PRO B 466 -27.78 -66.62 -6.04
N THR B 467 -28.08 -67.81 -6.56
CA THR B 467 -29.36 -68.08 -7.20
C THR B 467 -29.54 -69.59 -7.32
N ARG B 468 -30.66 -69.99 -7.92
CA ARG B 468 -30.98 -71.39 -8.16
C ARG B 468 -30.53 -71.87 -9.53
N CYS B 469 -29.84 -71.03 -10.30
CA CYS B 469 -29.34 -71.46 -11.60
C CYS B 469 -28.10 -72.33 -11.45
N LYS B 470 -27.92 -73.23 -12.41
CA LYS B 470 -26.73 -74.06 -12.48
C LYS B 470 -26.45 -74.35 -13.94
N ARG B 471 -25.17 -74.37 -14.31
CA ARG B 471 -24.79 -74.73 -15.66
C ARG B 471 -25.00 -76.23 -15.87
N ARG B 472 -24.61 -76.70 -17.06
CA ARG B 472 -24.86 -78.07 -17.48
C ARG B 472 -23.79 -79.00 -16.92
N VAL B 473 -23.76 -80.22 -17.43
CA VAL B 473 -22.76 -81.21 -17.02
C VAL B 473 -21.79 -81.46 -18.17
N GLN C 1 -18.25 45.79 -10.26
CA GLN C 1 -17.42 46.85 -10.81
C GLN C 1 -16.05 46.86 -10.13
N VAL C 2 -15.38 45.72 -10.15
CA VAL C 2 -14.07 45.59 -9.52
C VAL C 2 -13.03 46.26 -10.41
N GLN C 3 -12.33 47.25 -9.87
CA GLN C 3 -11.34 48.03 -10.61
C GLN C 3 -9.97 47.87 -9.98
N LEU C 4 -8.94 48.05 -10.81
CA LEU C 4 -7.56 47.92 -10.37
C LEU C 4 -6.78 49.16 -10.73
N GLN C 5 -5.98 49.64 -9.78
CA GLN C 5 -5.14 50.82 -10.01
C GLN C 5 -3.84 50.67 -9.27
N GLU C 6 -2.72 50.92 -9.97
CA GLU C 6 -1.40 50.81 -9.39
C GLU C 6 -0.96 52.14 -8.77
N SER C 7 0.17 52.11 -8.08
CA SER C 7 0.84 53.32 -7.63
C SER C 7 2.34 53.03 -7.62
N GLY C 8 3.05 53.57 -8.58
CA GLY C 8 4.47 53.34 -8.70
C GLY C 8 5.30 54.41 -8.02
N PRO C 9 6.54 54.09 -7.68
CA PRO C 9 7.42 55.10 -7.10
C PRO C 9 8.01 56.01 -8.17
N GLY C 10 8.07 55.50 -9.40
CA GLY C 10 8.56 56.23 -10.54
C GLY C 10 10.06 56.14 -10.75
N LEU C 11 10.84 56.02 -9.68
CA LEU C 11 12.28 55.90 -9.77
C LEU C 11 12.83 55.37 -8.46
N VAL C 12 13.75 54.41 -8.54
CA VAL C 12 14.51 53.93 -7.39
C VAL C 12 15.95 53.75 -7.81
N LYS C 13 16.86 54.00 -6.88
CA LYS C 13 18.27 53.73 -7.12
C LYS C 13 18.52 52.24 -7.05
N PRO C 14 19.51 51.73 -7.79
CA PRO C 14 19.84 50.30 -7.73
C PRO C 14 20.11 49.86 -6.30
N SER C 15 19.71 48.62 -6.00
CA SER C 15 19.87 48.02 -4.67
C SER C 15 19.10 48.81 -3.61
N GLU C 16 17.84 49.13 -3.92
CA GLU C 16 16.95 49.79 -2.99
C GLU C 16 15.57 49.14 -3.05
N THR C 17 14.82 49.24 -1.95
CA THR C 17 13.49 48.65 -1.90
C THR C 17 12.55 49.38 -2.85
N LEU C 18 11.94 48.64 -3.77
CA LEU C 18 11.04 49.19 -4.78
C LEU C 18 9.61 48.93 -4.35
N SER C 19 8.90 49.97 -3.90
CA SER C 19 7.55 49.82 -3.41
C SER C 19 6.53 50.16 -4.50
N VAL C 20 5.57 49.27 -4.72
CA VAL C 20 4.42 49.52 -5.58
C VAL C 20 3.17 48.98 -4.89
N THR C 21 2.07 49.72 -5.00
CA THR C 21 0.79 49.31 -4.46
C THR C 21 -0.25 49.30 -5.57
N CYS C 22 -1.15 48.33 -5.54
CA CYS C 22 -2.26 48.25 -6.49
C CYS C 22 -3.55 48.38 -5.69
N SER C 23 -4.21 49.52 -5.83
CA SER C 23 -5.45 49.76 -5.09
C SER C 23 -6.58 48.90 -5.65
N VAL C 24 -7.32 48.25 -4.75
CA VAL C 24 -8.41 47.36 -5.11
C VAL C 24 -9.72 48.10 -4.94
N SER C 25 -10.59 48.01 -5.94
CA SER C 25 -11.89 48.68 -5.94
C SER C 25 -12.98 47.70 -6.32
N GLY C 26 -14.22 48.04 -5.97
CA GLY C 26 -15.39 47.37 -6.49
C GLY C 26 -15.82 46.11 -5.75
N ASP C 27 -15.04 45.61 -4.81
CA ASP C 27 -15.40 44.39 -4.08
C ASP C 27 -14.49 44.29 -2.87
N SER C 28 -14.48 43.11 -2.24
CA SER C 28 -13.60 42.83 -1.13
C SER C 28 -12.34 42.13 -1.62
N MET C 29 -11.43 41.86 -0.70
CA MET C 29 -10.16 41.24 -1.03
C MET C 29 -10.16 39.72 -0.87
N ASN C 30 -11.20 39.14 -0.28
CA ASN C 30 -11.16 37.75 0.16
C ASN C 30 -11.91 36.80 -0.76
N ASN C 31 -12.44 37.26 -1.89
CA ASN C 31 -13.18 36.41 -2.80
C ASN C 31 -12.29 35.67 -3.80
N TYR C 32 -11.09 36.18 -4.08
CA TYR C 32 -10.27 35.65 -5.19
C TYR C 32 -8.81 35.64 -4.78
N TYR C 33 -7.94 35.35 -5.74
CA TYR C 33 -6.49 35.36 -5.59
C TYR C 33 -5.92 36.57 -6.33
N TRP C 34 -4.73 36.98 -5.92
CA TRP C 34 -4.12 38.23 -6.38
C TRP C 34 -2.75 37.98 -6.98
N THR C 35 -2.35 38.84 -7.93
CA THR C 35 -1.09 38.65 -8.65
C THR C 35 -0.60 39.97 -9.23
N TRP C 36 0.73 40.02 -9.49
CA TRP C 36 1.41 41.15 -10.13
C TRP C 36 2.26 40.63 -11.30
N ILE C 37 2.47 41.48 -12.31
CA ILE C 37 3.16 41.10 -13.54
C ILE C 37 3.88 42.32 -14.12
N ARG C 38 5.03 42.07 -14.77
CA ARG C 38 5.88 43.12 -15.33
C ARG C 38 6.28 42.80 -16.77
N GLN C 39 6.84 43.82 -17.45
CA GLN C 39 7.47 43.65 -18.76
C GLN C 39 8.61 44.65 -18.91
N SER C 40 9.83 44.14 -19.07
CA SER C 40 11.01 44.95 -19.31
C SER C 40 11.04 45.42 -20.77
N PRO C 41 11.63 46.59 -21.03
CA PRO C 41 11.69 47.09 -22.41
C PRO C 41 12.40 46.11 -23.34
N GLY C 42 11.77 45.83 -24.48
CA GLY C 42 12.31 44.91 -25.45
C GLY C 42 12.14 43.43 -25.11
N LYS C 43 11.76 43.11 -23.89
CA LYS C 43 11.55 41.72 -23.47
C LYS C 43 10.07 41.40 -23.45
N GLY C 44 9.75 40.17 -23.06
CA GLY C 44 8.40 39.68 -23.03
C GLY C 44 7.74 39.85 -21.67
N LEU C 45 6.64 39.10 -21.48
CA LEU C 45 5.85 39.17 -20.26
C LEU C 45 6.44 38.24 -19.20
N GLU C 46 6.17 38.57 -17.94
CA GLU C 46 6.86 37.93 -16.82
C GLU C 46 5.91 37.82 -15.63
N TRP C 47 5.69 36.59 -15.17
CA TRP C 47 4.86 36.33 -14.00
C TRP C 47 5.72 36.35 -12.74
N ILE C 48 5.22 37.01 -11.71
CA ILE C 48 5.97 37.30 -10.49
C ILE C 48 5.54 36.40 -9.33
N GLY C 49 4.29 36.52 -8.89
CA GLY C 49 3.82 35.68 -7.80
C GLY C 49 2.33 35.84 -7.60
N TYR C 50 1.82 35.20 -6.54
CA TYR C 50 0.41 35.32 -6.19
C TYR C 50 0.22 35.03 -4.72
N ILE C 51 -0.97 35.36 -4.22
CA ILE C 51 -1.33 35.19 -2.82
C ILE C 51 -2.82 34.95 -2.72
N SER C 52 -3.21 34.01 -1.86
CA SER C 52 -4.56 33.45 -1.84
C SER C 52 -5.42 34.10 -0.76
N ASP C 53 -6.58 33.47 -0.49
CA ASP C 53 -7.48 34.00 0.54
C ASP C 53 -6.86 33.89 1.92
N ARG C 54 -6.16 32.79 2.19
CA ARG C 54 -5.46 32.60 3.47
C ARG C 54 -4.07 33.20 3.47
N GLU C 55 -3.77 34.06 2.50
CA GLU C 55 -2.68 35.04 2.50
C GLU C 55 -1.28 34.44 2.38
N SER C 56 -1.14 33.13 2.20
CA SER C 56 0.19 32.57 2.01
C SER C 56 0.67 32.91 0.60
N ALA C 57 1.69 33.75 0.50
CA ALA C 57 2.20 34.19 -0.80
C ALA C 57 3.06 33.11 -1.42
N THR C 58 3.14 33.14 -2.77
CA THR C 58 3.88 32.13 -3.53
C THR C 58 4.54 32.82 -4.71
N TYR C 59 5.86 32.67 -4.84
CA TYR C 59 6.67 33.45 -5.76
C TYR C 59 7.23 32.59 -6.89
N ASN C 60 7.60 33.27 -7.97
CA ASN C 60 8.35 32.61 -9.04
C ASN C 60 9.78 32.39 -8.55
N PRO C 61 10.28 31.16 -8.56
CA PRO C 61 11.63 30.90 -8.02
C PRO C 61 12.74 31.65 -8.74
N SER C 62 12.51 32.18 -9.94
CA SER C 62 13.57 32.87 -10.68
C SER C 62 13.93 34.25 -10.07
N LEU C 63 13.45 34.59 -8.88
CA LEU C 63 13.61 35.92 -8.33
C LEU C 63 14.59 35.96 -7.15
N ASN C 64 15.15 34.81 -6.77
CA ASN C 64 16.16 34.73 -5.70
C ASN C 64 15.64 35.27 -4.38
N SER C 65 14.32 35.14 -4.13
CA SER C 65 13.69 35.54 -2.89
C SER C 65 13.97 37.00 -2.55
N ARG C 66 13.99 37.85 -3.57
CA ARG C 66 14.09 39.29 -3.38
C ARG C 66 12.73 39.97 -3.45
N VAL C 67 11.64 39.20 -3.44
CA VAL C 67 10.29 39.72 -3.62
C VAL C 67 9.46 39.40 -2.39
N VAL C 68 8.61 40.33 -1.98
CA VAL C 68 7.66 40.16 -0.88
C VAL C 68 6.35 40.82 -1.29
N ILE C 69 5.23 40.19 -0.94
CA ILE C 69 3.90 40.67 -1.31
C ILE C 69 3.01 40.69 -0.07
N SER C 70 2.23 41.76 0.09
CA SER C 70 1.28 41.88 1.20
C SER C 70 0.02 42.56 0.71
N ARG C 71 -1.12 42.14 1.28
CA ARG C 71 -2.40 42.79 1.05
C ARG C 71 -2.75 43.67 2.24
N ASP C 72 -3.95 44.25 2.20
CA ASP C 72 -4.48 44.98 3.35
C ASP C 72 -6.00 44.90 3.27
N THR C 73 -6.58 43.99 4.06
CA THR C 73 -8.03 43.77 3.99
C THR C 73 -8.79 45.05 4.29
N SER C 74 -8.35 45.81 5.30
CA SER C 74 -9.00 47.08 5.59
C SER C 74 -8.79 48.07 4.45
N LYS C 75 -7.53 48.38 4.13
CA LYS C 75 -7.24 49.35 3.08
C LYS C 75 -7.74 48.90 1.71
N ASN C 76 -7.93 47.59 1.52
CA ASN C 76 -8.11 47.02 0.18
C ASN C 76 -6.96 47.45 -0.73
N GLN C 77 -5.77 47.55 -0.15
CA GLN C 77 -4.56 47.95 -0.87
C GLN C 77 -3.60 46.77 -0.90
N LEU C 78 -3.34 46.24 -2.10
CA LEU C 78 -2.37 45.18 -2.30
C LEU C 78 -0.99 45.81 -2.48
N SER C 79 -0.06 45.46 -1.59
CA SER C 79 1.26 46.07 -1.59
C SER C 79 2.24 45.25 -2.41
N LEU C 80 3.46 45.77 -2.53
CA LEU C 80 4.55 45.11 -3.24
C LEU C 80 5.87 45.85 -3.00
N LYS C 81 6.91 45.13 -2.59
CA LYS C 81 8.22 45.71 -2.35
C LYS C 81 9.28 44.91 -3.08
N LEU C 82 10.36 45.56 -3.51
CA LEU C 82 11.46 44.87 -4.17
C LEU C 82 12.78 45.47 -3.68
N ASN C 83 13.47 44.75 -2.80
CA ASN C 83 14.81 45.13 -2.39
C ASN C 83 15.81 44.80 -3.48
N SER C 84 17.01 45.37 -3.34
CA SER C 84 18.18 44.99 -4.16
C SER C 84 17.86 45.06 -5.65
N VAL C 85 17.32 46.19 -6.09
CA VAL C 85 16.95 46.36 -7.49
C VAL C 85 18.20 46.58 -8.33
N THR C 86 18.10 46.24 -9.61
CA THR C 86 19.15 46.40 -10.60
C THR C 86 18.61 47.21 -11.78
N PRO C 87 19.48 47.87 -12.55
CA PRO C 87 18.99 48.64 -13.71
C PRO C 87 18.19 47.81 -14.70
N ALA C 88 18.53 46.53 -14.87
CA ALA C 88 17.76 45.67 -15.76
C ALA C 88 16.31 45.52 -15.29
N ASP C 89 16.01 45.86 -14.04
CA ASP C 89 14.67 45.73 -13.50
C ASP C 89 13.73 46.84 -13.96
N THR C 90 14.23 47.85 -14.65
CA THR C 90 13.36 48.87 -15.22
C THR C 90 12.37 48.22 -16.17
N ALA C 91 11.08 48.47 -15.95
CA ALA C 91 10.03 47.78 -16.69
C ALA C 91 8.71 48.53 -16.47
N VAL C 92 7.61 47.89 -16.88
CA VAL C 92 6.27 48.45 -16.77
C VAL C 92 5.41 47.41 -16.05
N TYR C 93 4.78 47.80 -14.94
CA TYR C 93 4.20 46.86 -13.98
C TYR C 93 2.69 46.95 -13.97
N TYR C 94 2.04 45.79 -13.96
CA TYR C 94 0.58 45.67 -13.95
C TYR C 94 0.13 44.95 -12.68
N CYS C 95 -1.18 44.86 -12.50
CA CYS C 95 -1.77 44.01 -11.48
C CYS C 95 -3.06 43.41 -12.02
N ALA C 96 -3.33 42.16 -11.63
CA ALA C 96 -4.44 41.38 -12.17
C ALA C 96 -4.94 40.41 -11.11
N THR C 97 -5.99 39.67 -11.44
CA THR C 97 -6.60 38.69 -10.56
C THR C 97 -6.43 37.28 -11.12
N ALA C 98 -6.51 36.30 -10.23
CA ALA C 98 -6.27 34.90 -10.58
C ALA C 98 -7.49 34.06 -10.22
N ARG C 99 -8.08 33.43 -11.23
CA ARG C 99 -9.11 32.42 -11.02
C ARG C 99 -8.46 31.05 -11.00
N ARG C 100 -8.72 30.28 -9.95
CA ARG C 100 -8.11 28.96 -9.82
C ARG C 100 -8.95 27.95 -10.58
N GLY C 101 -8.58 27.73 -11.84
CA GLY C 101 -9.13 26.59 -12.56
C GLY C 101 -8.62 25.28 -11.99
N GLN C 102 -9.43 24.24 -12.16
CA GLN C 102 -9.08 22.90 -11.71
C GLN C 102 -9.39 21.93 -12.85
N ARG C 103 -8.37 21.52 -13.59
CA ARG C 103 -8.55 20.64 -14.75
C ARG C 103 -8.52 19.19 -14.28
N ILE C 104 -9.68 18.54 -14.32
CA ILE C 104 -9.83 17.18 -13.83
C ILE C 104 -9.90 16.23 -15.02
N TYR C 105 -9.00 15.25 -15.05
CA TYR C 105 -8.98 14.24 -16.10
C TYR C 105 -9.39 12.87 -15.55
N GLY C 106 -8.62 12.33 -14.62
CA GLY C 106 -8.94 11.07 -13.97
C GLY C 106 -9.69 11.26 -12.67
N VAL C 107 -9.43 10.37 -11.73
CA VAL C 107 -10.25 10.27 -10.52
C VAL C 107 -9.79 11.31 -9.50
N VAL C 108 -10.76 11.91 -8.82
CA VAL C 108 -10.48 12.99 -7.89
C VAL C 108 -9.93 12.46 -6.58
N SER C 109 -10.45 11.33 -6.10
CA SER C 109 -9.96 10.72 -4.88
C SER C 109 -8.47 10.43 -4.95
N PHE C 110 -7.97 10.14 -6.14
CA PHE C 110 -6.53 10.02 -6.38
C PHE C 110 -5.89 11.34 -6.75
N GLY C 111 -6.68 12.41 -6.85
CA GLY C 111 -6.11 13.70 -7.18
C GLY C 111 -5.69 13.83 -8.63
N GLU C 112 -6.32 13.06 -9.53
CA GLU C 112 -5.96 13.09 -10.94
C GLU C 112 -6.58 14.35 -11.56
N PHE C 113 -5.98 15.48 -11.22
CA PHE C 113 -6.40 16.81 -11.65
C PHE C 113 -5.25 17.76 -11.38
N PHE C 114 -5.41 19.02 -11.79
CA PHE C 114 -4.43 20.04 -11.44
C PHE C 114 -5.08 21.40 -11.40
N TYR C 115 -4.42 22.33 -10.70
CA TYR C 115 -4.89 23.71 -10.53
C TYR C 115 -4.21 24.62 -11.54
N TYR C 116 -5.01 25.38 -12.28
CA TYR C 116 -4.49 26.40 -13.19
C TYR C 116 -5.12 27.75 -12.89
N TYR C 117 -4.41 28.82 -13.25
CA TYR C 117 -4.83 30.17 -12.99
C TYR C 117 -4.96 30.93 -14.30
N SER C 118 -6.09 31.59 -14.48
CA SER C 118 -6.33 32.47 -15.62
C SER C 118 -6.52 33.89 -15.11
N MET C 119 -6.02 34.86 -15.87
CA MET C 119 -6.05 36.26 -15.46
C MET C 119 -7.18 36.97 -16.19
N ASP C 120 -8.19 37.42 -15.43
CA ASP C 120 -9.38 38.05 -16.00
C ASP C 120 -9.33 39.57 -15.93
N VAL C 121 -9.30 40.15 -14.72
CA VAL C 121 -9.32 41.60 -14.55
C VAL C 121 -7.90 42.12 -14.48
N TRP C 122 -7.69 43.37 -14.87
CA TRP C 122 -6.35 43.87 -15.11
C TRP C 122 -6.15 45.26 -14.54
N GLY C 123 -4.87 45.61 -14.32
CA GLY C 123 -4.52 46.96 -13.94
C GLY C 123 -4.06 47.79 -15.13
N LYS C 124 -3.84 49.08 -14.87
CA LYS C 124 -3.51 50.00 -15.95
C LYS C 124 -2.05 49.91 -16.37
N GLY C 125 -1.15 49.56 -15.46
CA GLY C 125 0.24 49.40 -15.83
C GLY C 125 1.07 50.65 -15.66
N THR C 126 1.40 51.00 -14.42
CA THR C 126 2.28 52.12 -14.18
C THR C 126 3.69 51.81 -14.66
N THR C 127 4.55 52.82 -14.67
CA THR C 127 5.90 52.70 -15.19
C THR C 127 6.90 53.10 -14.10
N VAL C 128 7.93 52.26 -13.92
CA VAL C 128 9.01 52.53 -12.99
C VAL C 128 10.33 52.30 -13.73
N THR C 129 11.38 52.99 -13.29
CA THR C 129 12.68 52.90 -13.93
C THR C 129 13.75 52.84 -12.83
N VAL C 130 14.46 51.72 -12.74
CA VAL C 130 15.59 51.63 -11.83
C VAL C 130 16.76 52.37 -12.46
N SER C 131 17.20 53.43 -11.81
CA SER C 131 18.32 54.22 -12.31
C SER C 131 19.07 54.83 -11.14
N SER C 132 20.37 55.01 -11.33
CA SER C 132 21.22 55.73 -10.39
C SER C 132 21.44 57.18 -10.78
N ALA C 133 20.86 57.62 -11.89
CA ALA C 133 20.96 59.01 -12.31
C ALA C 133 19.94 59.86 -11.57
N SER C 134 20.35 61.08 -11.21
CA SER C 134 19.48 61.96 -10.44
C SER C 134 18.20 62.28 -11.19
N THR C 135 17.10 62.38 -10.45
CA THR C 135 15.80 62.64 -11.04
C THR C 135 15.80 63.96 -11.80
N LYS C 136 14.88 64.09 -12.75
CA LYS C 136 14.76 65.28 -13.56
C LYS C 136 13.27 65.58 -13.76
N GLY C 137 12.83 66.72 -13.25
CA GLY C 137 11.46 67.15 -13.42
C GLY C 137 11.25 67.74 -14.80
N PRO C 138 9.99 67.80 -15.23
CA PRO C 138 9.69 68.34 -16.56
C PRO C 138 9.61 69.85 -16.57
N SER C 139 9.89 70.42 -17.74
CA SER C 139 9.80 71.85 -17.99
C SER C 139 8.58 72.12 -18.85
N VAL C 140 7.73 73.06 -18.41
CA VAL C 140 6.42 73.29 -19.01
C VAL C 140 6.41 74.66 -19.66
N PHE C 141 5.91 74.72 -20.89
CA PHE C 141 5.74 75.96 -21.64
C PHE C 141 4.45 75.84 -22.44
N PRO C 142 3.66 76.91 -22.51
CA PRO C 142 2.38 76.84 -23.23
C PRO C 142 2.48 77.21 -24.71
N LEU C 143 2.40 76.20 -25.59
CA LEU C 143 2.49 76.44 -27.02
C LEU C 143 1.30 77.28 -27.50
N ALA C 144 1.61 78.41 -28.14
CA ALA C 144 0.56 79.32 -28.57
C ALA C 144 -0.01 78.90 -29.92
N PRO C 145 -1.33 78.96 -30.09
CA PRO C 145 -1.95 78.48 -31.35
C PRO C 145 -1.72 79.39 -32.54
N SER C 146 -2.35 79.06 -33.66
CA SER C 146 -2.27 79.82 -34.89
C SER C 146 -3.43 80.80 -35.00
N SER C 147 -3.19 81.90 -35.73
CA SER C 147 -4.16 82.97 -35.88
C SER C 147 -4.89 82.93 -37.21
N LYS C 148 -4.66 81.91 -38.02
CA LYS C 148 -5.31 81.79 -39.31
C LYS C 148 -6.30 80.63 -39.34
N THR C 154 -10.81 74.39 -37.36
CA THR C 154 -10.20 73.77 -36.19
C THR C 154 -8.68 73.94 -36.21
N ALA C 155 -8.16 74.66 -35.23
CA ALA C 155 -6.73 74.95 -35.12
C ALA C 155 -6.12 74.04 -34.05
N ALA C 156 -4.98 74.46 -33.49
CA ALA C 156 -4.23 73.57 -32.60
C ALA C 156 -3.51 74.38 -31.52
N LEU C 157 -3.45 73.82 -30.32
CA LEU C 157 -2.69 74.38 -29.21
C LEU C 157 -2.34 73.26 -28.24
N GLY C 158 -1.37 73.52 -27.37
CA GLY C 158 -0.96 72.50 -26.43
C GLY C 158 0.04 73.00 -25.41
N CYS C 159 0.76 72.04 -24.83
CA CYS C 159 1.78 72.30 -23.82
C CYS C 159 2.99 71.41 -24.08
N LEU C 160 4.16 71.88 -23.66
CA LEU C 160 5.41 71.19 -23.90
C LEU C 160 5.97 70.62 -22.60
N VAL C 161 6.46 69.39 -22.68
CA VAL C 161 7.13 68.71 -21.57
C VAL C 161 8.58 68.47 -21.98
N LYS C 162 9.51 69.09 -21.27
CA LYS C 162 10.90 69.16 -21.71
C LYS C 162 11.84 68.67 -20.62
N ASP C 163 12.70 67.71 -20.98
CA ASP C 163 13.83 67.28 -20.16
C ASP C 163 13.39 66.86 -18.76
N TYR C 164 12.59 65.80 -18.71
CA TYR C 164 12.27 65.15 -17.45
C TYR C 164 12.87 63.75 -17.44
N PHE C 165 13.29 63.31 -16.27
CA PHE C 165 13.80 61.95 -16.08
C PHE C 165 13.35 61.41 -14.73
N PRO C 166 12.71 60.25 -14.72
CA PRO C 166 12.35 59.42 -15.87
C PRO C 166 10.87 59.54 -16.25
N GLU C 167 10.42 58.61 -17.08
CA GLU C 167 9.00 58.44 -17.36
C GLU C 167 8.30 57.90 -16.11
N PRO C 168 6.97 58.05 -16.02
CA PRO C 168 6.04 58.69 -16.97
C PRO C 168 5.62 60.11 -16.59
N VAL C 169 4.91 60.76 -17.49
CA VAL C 169 4.35 62.10 -17.29
C VAL C 169 2.99 62.14 -17.97
N THR C 170 1.95 62.45 -17.21
CA THR C 170 0.57 62.42 -17.70
C THR C 170 0.05 63.84 -17.90
N VAL C 171 -0.66 64.05 -19.01
CA VAL C 171 -1.19 65.36 -19.39
C VAL C 171 -2.70 65.26 -19.47
N SER C 172 -3.39 66.16 -18.77
CA SER C 172 -4.85 66.24 -18.80
C SER C 172 -5.26 67.69 -19.03
N TRP C 173 -6.34 67.86 -19.78
CA TRP C 173 -6.82 69.18 -20.17
C TRP C 173 -8.00 69.59 -19.29
N ASN C 174 -7.84 70.72 -18.60
CA ASN C 174 -8.87 71.25 -17.69
C ASN C 174 -9.18 70.26 -16.57
N SER C 175 -8.13 69.63 -16.04
CA SER C 175 -8.24 68.69 -14.92
C SER C 175 -9.17 67.52 -15.25
N GLY C 176 -9.16 67.09 -16.50
CA GLY C 176 -10.01 66.00 -16.96
C GLY C 176 -11.32 66.42 -17.60
N ALA C 177 -11.49 67.71 -17.92
CA ALA C 177 -12.73 68.21 -18.47
C ALA C 177 -12.73 68.29 -20.00
N LEU C 178 -11.57 68.20 -20.65
CA LEU C 178 -11.46 68.26 -22.10
C LEU C 178 -10.89 66.94 -22.60
N THR C 179 -11.73 66.15 -23.26
CA THR C 179 -11.38 64.81 -23.71
C THR C 179 -11.28 64.71 -25.22
N SER C 180 -12.36 65.01 -25.94
CA SER C 180 -12.38 64.82 -27.38
C SER C 180 -11.36 65.73 -28.06
N GLY C 181 -10.48 65.11 -28.84
CA GLY C 181 -9.42 65.82 -29.54
C GLY C 181 -8.03 65.55 -29.00
N VAL C 182 -7.90 64.95 -27.82
CA VAL C 182 -6.60 64.83 -27.16
C VAL C 182 -5.73 63.84 -27.92
N HIS C 183 -4.58 64.31 -28.40
CA HIS C 183 -3.57 63.47 -29.05
C HIS C 183 -2.21 63.81 -28.43
N THR C 184 -1.69 62.90 -27.60
CA THR C 184 -0.36 63.01 -27.06
C THR C 184 0.60 62.16 -27.88
N PHE C 185 1.84 62.61 -28.00
CA PHE C 185 2.80 62.05 -28.94
C PHE C 185 4.04 61.49 -28.24
N PRO C 186 4.78 60.59 -28.91
CA PRO C 186 5.87 59.88 -28.21
C PRO C 186 6.95 60.82 -27.67
N ALA C 187 7.46 60.47 -26.50
CA ALA C 187 8.52 61.25 -25.85
C ALA C 187 9.87 60.85 -26.43
N VAL C 188 10.57 61.81 -27.01
CA VAL C 188 11.85 61.49 -27.62
C VAL C 188 12.90 61.26 -26.55
N LEU C 189 13.87 60.41 -26.86
CA LEU C 189 15.04 60.20 -26.02
C LEU C 189 16.16 61.07 -26.58
N GLN C 190 16.50 62.15 -25.88
CA GLN C 190 17.62 62.97 -26.27
C GLN C 190 18.92 62.20 -26.07
N SER C 191 19.98 62.72 -26.70
CA SER C 191 21.31 62.19 -26.42
C SER C 191 21.70 62.38 -24.96
N SER C 192 21.07 63.32 -24.26
CA SER C 192 21.30 63.58 -22.86
C SER C 192 20.53 62.63 -21.94
N GLY C 193 19.84 61.64 -22.50
CA GLY C 193 19.04 60.74 -21.68
C GLY C 193 17.81 61.38 -21.08
N LEU C 194 17.33 62.47 -21.66
CA LEU C 194 16.22 63.23 -21.13
C LEU C 194 15.04 63.14 -22.09
N TYR C 195 13.86 62.88 -21.55
CA TYR C 195 12.68 62.70 -22.38
C TYR C 195 12.06 64.05 -22.73
N SER C 196 11.30 64.05 -23.83
CA SER C 196 10.60 65.25 -24.30
C SER C 196 9.37 64.80 -25.08
N LEU C 197 8.18 65.12 -24.57
CA LEU C 197 6.91 64.68 -25.15
C LEU C 197 6.06 65.90 -25.50
N SER C 198 4.87 65.62 -26.06
CA SER C 198 3.94 66.67 -26.47
C SER C 198 2.52 66.11 -26.49
N SER C 199 1.57 66.90 -25.99
CA SER C 199 0.16 66.55 -25.97
C SER C 199 -0.65 67.66 -26.63
N VAL C 200 -1.73 67.27 -27.32
CA VAL C 200 -2.50 68.18 -28.16
C VAL C 200 -3.97 67.77 -28.12
N VAL C 201 -4.87 68.76 -28.17
CA VAL C 201 -6.31 68.53 -28.21
C VAL C 201 -6.96 69.51 -29.17
N THR C 202 -8.05 69.07 -29.81
CA THR C 202 -8.71 69.80 -30.89
C THR C 202 -9.93 70.56 -30.38
N VAL C 203 -10.13 71.77 -30.88
CA VAL C 203 -11.24 72.65 -30.49
C VAL C 203 -11.73 73.41 -31.70
N PRO C 204 -12.93 73.98 -31.63
CA PRO C 204 -13.41 74.83 -32.73
C PRO C 204 -12.74 76.19 -32.75
N SER C 205 -12.87 76.87 -33.90
CA SER C 205 -12.19 78.13 -34.15
C SER C 205 -12.82 79.33 -33.44
N SER C 206 -13.98 79.16 -32.81
CA SER C 206 -14.69 80.27 -32.19
C SER C 206 -14.59 80.30 -30.68
N SER C 207 -13.84 79.37 -30.07
CA SER C 207 -13.74 79.28 -28.62
C SER C 207 -12.45 79.87 -28.06
N LEU C 208 -11.58 80.44 -28.90
CA LEU C 208 -10.33 81.00 -28.43
C LEU C 208 -10.57 82.32 -27.72
N GLY C 209 -10.04 82.45 -26.50
CA GLY C 209 -10.21 83.63 -25.67
C GLY C 209 -11.38 83.53 -24.71
N THR C 210 -12.49 82.94 -25.16
CA THR C 210 -13.63 82.71 -24.28
C THR C 210 -13.42 81.50 -23.39
N GLN C 211 -12.83 80.44 -23.94
CA GLN C 211 -12.57 79.21 -23.20
C GLN C 211 -11.17 79.23 -22.62
N THR C 212 -11.04 78.73 -21.39
CA THR C 212 -9.76 78.61 -20.72
C THR C 212 -9.31 77.16 -20.75
N TYR C 213 -8.13 76.91 -21.30
CA TYR C 213 -7.57 75.57 -21.45
C TYR C 213 -6.37 75.43 -20.52
N ILE C 214 -6.48 74.54 -19.54
CA ILE C 214 -5.42 74.29 -18.58
C ILE C 214 -4.97 72.85 -18.77
N CYS C 215 -3.83 72.67 -19.44
CA CYS C 215 -3.18 71.37 -19.42
C CYS C 215 -2.67 71.10 -18.01
N ASN C 216 -2.94 69.91 -17.49
CA ASN C 216 -2.54 69.54 -16.14
C ASN C 216 -1.48 68.44 -16.24
N VAL C 217 -0.23 68.81 -15.98
CA VAL C 217 0.92 67.92 -16.11
C VAL C 217 1.25 67.33 -14.75
N ASN C 218 1.61 66.04 -14.73
CA ASN C 218 1.99 65.38 -13.49
C ASN C 218 3.19 64.48 -13.76
N HIS C 219 4.33 64.82 -13.16
CA HIS C 219 5.50 63.94 -13.13
C HIS C 219 5.62 63.44 -11.70
N LYS C 220 5.01 62.29 -11.42
CA LYS C 220 5.02 61.80 -10.04
C LYS C 220 6.41 61.43 -9.51
N PRO C 221 7.34 60.88 -10.30
CA PRO C 221 8.70 60.66 -9.76
C PRO C 221 9.29 61.89 -9.08
N SER C 222 9.22 63.04 -9.75
CA SER C 222 9.65 64.31 -9.19
C SER C 222 8.56 65.02 -8.41
N ASN C 223 7.41 64.37 -8.22
CA ASN C 223 6.24 64.98 -7.58
C ASN C 223 5.85 66.28 -8.28
N THR C 224 6.04 66.34 -9.59
CA THR C 224 5.80 67.54 -10.37
C THR C 224 4.37 67.52 -10.90
N LYS C 225 3.51 68.37 -10.34
CA LYS C 225 2.17 68.58 -10.85
C LYS C 225 2.05 70.02 -11.33
N VAL C 226 1.78 70.20 -12.61
CA VAL C 226 1.74 71.52 -13.23
C VAL C 226 0.35 71.74 -13.83
N ASP C 227 -0.33 72.80 -13.40
CA ASP C 227 -1.58 73.24 -14.02
C ASP C 227 -1.24 74.47 -14.86
N LYS C 228 -0.82 74.23 -16.10
CA LYS C 228 -0.38 75.28 -17.00
C LYS C 228 -1.51 75.70 -17.92
N ARG C 229 -1.58 77.00 -18.19
CA ARG C 229 -2.64 77.58 -19.01
C ARG C 229 -2.09 77.93 -20.39
N VAL C 230 -2.95 77.82 -21.41
CA VAL C 230 -2.56 78.08 -22.79
C VAL C 230 -3.37 79.27 -23.30
N GLU C 231 -2.68 80.24 -23.88
CA GLU C 231 -3.29 81.46 -24.39
C GLU C 231 -2.80 81.76 -25.80
N PRO C 232 -3.62 82.43 -26.61
CA PRO C 232 -3.18 82.78 -27.96
C PRO C 232 -2.12 83.88 -27.94
N LYS C 233 -1.43 84.01 -29.06
CA LYS C 233 -0.36 85.00 -29.19
C LYS C 233 -0.90 86.40 -29.04
N SER C 234 -0.03 87.31 -28.58
CA SER C 234 -0.42 88.70 -28.36
C SER C 234 -0.62 89.48 -29.65
N CYS C 235 -0.23 88.92 -30.80
CA CYS C 235 -0.44 89.61 -32.07
C CYS C 235 -1.89 89.50 -32.52
N VAL D 3 10.24 36.37 -30.06
CA VAL D 3 8.92 36.64 -30.64
C VAL D 3 8.82 36.00 -32.02
N ARG D 4 7.61 35.53 -32.37
CA ARG D 4 7.39 34.80 -33.61
C ARG D 4 6.56 35.64 -34.56
N PRO D 5 7.08 36.01 -35.73
CA PRO D 5 6.34 36.90 -36.63
C PRO D 5 5.21 36.19 -37.37
N LEU D 6 4.18 36.97 -37.66
CA LEU D 6 3.01 36.47 -38.38
C LEU D 6 2.20 37.66 -38.87
N SER D 7 1.46 37.46 -39.97
CA SER D 7 0.70 38.53 -40.60
C SER D 7 -0.43 37.95 -41.43
N VAL D 8 -1.64 38.48 -41.23
CA VAL D 8 -2.82 38.04 -41.95
C VAL D 8 -3.57 39.27 -42.47
N ALA D 9 -4.16 39.15 -43.66
CA ALA D 9 -4.88 40.25 -44.27
C ALA D 9 -6.22 40.48 -43.57
N LEU D 10 -6.97 41.46 -44.07
CA LEU D 10 -8.24 41.85 -43.47
C LEU D 10 -9.34 40.88 -43.86
N GLY D 11 -10.24 40.61 -42.92
CA GLY D 11 -11.40 39.77 -43.17
C GLY D 11 -11.15 38.28 -43.22
N GLU D 12 -9.89 37.85 -43.29
CA GLU D 12 -9.59 36.43 -43.40
C GLU D 12 -9.86 35.72 -42.07
N THR D 13 -9.65 34.41 -42.07
CA THR D 13 -9.74 33.61 -40.85
C THR D 13 -8.33 33.31 -40.36
N ALA D 14 -8.04 33.65 -39.11
CA ALA D 14 -6.71 33.51 -38.54
C ALA D 14 -6.68 32.36 -37.53
N ARG D 15 -5.50 31.76 -37.39
CA ARG D 15 -5.30 30.62 -36.50
C ARG D 15 -3.88 30.62 -35.98
N ILE D 16 -3.72 30.55 -34.66
CA ILE D 16 -2.43 30.72 -33.98
C ILE D 16 -2.10 29.45 -33.21
N SER D 17 -0.96 28.85 -33.53
CA SER D 17 -0.50 27.68 -32.82
C SER D 17 0.22 28.07 -31.52
N CYS D 18 0.07 27.23 -30.50
CA CYS D 18 0.73 27.48 -29.23
C CYS D 18 2.24 27.27 -29.36
N GLY D 19 2.98 27.88 -28.43
CA GLY D 19 4.43 27.77 -28.44
C GLY D 19 4.92 26.38 -28.07
N ARG D 20 4.56 25.92 -26.88
CA ARG D 20 4.91 24.58 -26.43
C ARG D 20 3.83 23.59 -26.82
N GLN D 21 4.01 22.34 -26.42
CA GLN D 21 3.10 21.26 -26.81
C GLN D 21 2.54 20.58 -25.57
N ALA D 22 1.35 20.01 -25.72
CA ALA D 22 0.57 19.46 -24.62
C ALA D 22 1.17 18.15 -24.11
N LEU D 23 1.02 17.91 -22.81
CA LEU D 23 1.55 16.71 -22.15
C LEU D 23 0.58 16.36 -21.03
N GLY D 24 -0.22 15.33 -21.25
CA GLY D 24 -1.38 15.08 -20.43
C GLY D 24 -2.53 15.97 -20.86
N SER D 25 -3.65 15.82 -20.18
CA SER D 25 -4.75 16.76 -20.35
C SER D 25 -4.27 18.17 -20.06
N ARG D 26 -5.02 19.14 -20.56
CA ARG D 26 -4.54 20.52 -20.61
C ARG D 26 -5.65 21.50 -20.24
N ALA D 27 -5.21 22.68 -19.85
CA ALA D 27 -6.05 23.86 -19.65
C ALA D 27 -5.30 25.03 -20.27
N VAL D 28 -5.70 25.41 -21.47
CA VAL D 28 -4.96 26.39 -22.26
C VAL D 28 -5.53 27.77 -22.01
N GLN D 29 -4.63 28.74 -21.80
CA GLN D 29 -5.00 30.13 -21.60
C GLN D 29 -4.34 30.96 -22.69
N TRP D 30 -5.15 31.68 -23.46
CA TRP D 30 -4.67 32.59 -24.48
C TRP D 30 -4.93 34.04 -24.06
N TYR D 31 -3.99 34.93 -24.35
CA TYR D 31 -4.09 36.33 -23.98
C TYR D 31 -3.59 37.20 -25.13
N GLN D 32 -3.99 38.48 -25.10
CA GLN D 32 -3.64 39.44 -26.13
C GLN D 32 -3.17 40.73 -25.46
N HIS D 33 -2.05 41.28 -25.94
CA HIS D 33 -1.43 42.46 -25.35
C HIS D 33 -1.33 43.57 -26.40
N ARG D 34 -2.11 44.62 -26.22
CA ARG D 34 -1.90 45.85 -26.99
C ARG D 34 -0.78 46.66 -26.34
N PRO D 35 0.20 47.14 -27.10
CA PRO D 35 1.31 47.88 -26.48
C PRO D 35 0.83 49.12 -25.76
N GLY D 36 1.25 49.26 -24.50
CA GLY D 36 0.85 50.37 -23.67
C GLY D 36 -0.47 50.14 -22.95
N GLN D 37 -1.34 49.34 -23.55
CA GLN D 37 -2.61 48.99 -22.95
C GLN D 37 -2.41 47.90 -21.90
N ALA D 38 -3.49 47.49 -21.30
CA ALA D 38 -3.50 46.35 -20.39
C ALA D 38 -3.81 45.07 -21.14
N PRO D 39 -3.27 43.94 -20.70
CA PRO D 39 -3.55 42.67 -21.39
C PRO D 39 -4.99 42.23 -21.20
N ILE D 40 -5.40 41.31 -22.07
CA ILE D 40 -6.80 40.86 -22.13
C ILE D 40 -6.82 39.35 -22.30
N LEU D 41 -7.60 38.67 -21.46
CA LEU D 41 -7.78 37.23 -21.59
C LEU D 41 -8.80 36.93 -22.69
N LEU D 42 -8.52 35.88 -23.46
CA LEU D 42 -9.41 35.45 -24.53
C LEU D 42 -9.94 34.03 -24.33
N ILE D 43 -9.06 33.08 -24.02
CA ILE D 43 -9.45 31.69 -23.87
C ILE D 43 -8.99 31.20 -22.50
N TYR D 44 -9.91 30.56 -21.77
CA TYR D 44 -9.57 29.72 -20.64
C TYR D 44 -10.25 28.37 -20.83
N ASN D 45 -9.69 27.35 -20.20
CA ASN D 45 -10.18 25.97 -20.33
C ASN D 45 -10.36 25.59 -21.79
N ASN D 46 -9.28 25.76 -22.55
CA ASN D 46 -9.16 25.25 -23.90
C ASN D 46 -10.14 25.93 -24.85
N GLN D 47 -11.42 25.93 -24.50
CA GLN D 47 -12.46 26.50 -25.35
C GLN D 47 -13.32 27.56 -24.68
N ASP D 48 -13.36 27.63 -23.35
CA ASP D 48 -14.30 28.51 -22.67
C ASP D 48 -13.91 29.97 -22.89
N ARG D 49 -14.83 30.73 -23.45
CA ARG D 49 -14.69 32.14 -23.77
C ARG D 49 -15.39 32.97 -22.71
N PRO D 50 -14.74 33.96 -22.11
CA PRO D 50 -15.42 34.82 -21.14
C PRO D 50 -16.44 35.71 -21.85
N SER D 51 -17.21 36.42 -21.04
CA SER D 51 -18.18 37.36 -21.60
C SER D 51 -17.46 38.52 -22.27
N GLY D 52 -18.11 39.11 -23.26
CA GLY D 52 -17.55 40.27 -23.93
C GLY D 52 -16.45 39.97 -24.91
N ILE D 53 -16.14 38.71 -25.16
CA ILE D 53 -15.07 38.31 -26.08
C ILE D 53 -15.71 37.90 -27.39
N PRO D 54 -15.19 38.38 -28.54
CA PRO D 54 -15.83 38.05 -29.82
C PRO D 54 -15.71 36.58 -30.16
N GLU D 55 -16.82 36.02 -30.67
CA GLU D 55 -16.82 34.63 -31.12
C GLU D 55 -16.07 34.43 -32.42
N ARG D 56 -15.54 35.50 -33.02
CA ARG D 56 -14.54 35.33 -34.07
C ARG D 56 -13.39 34.45 -33.59
N PHE D 57 -13.18 34.38 -32.28
CA PHE D 57 -12.04 33.72 -31.67
C PHE D 57 -12.50 32.41 -31.05
N SER D 58 -12.11 31.30 -31.66
CA SER D 58 -12.40 29.97 -31.15
C SER D 58 -11.09 29.23 -30.88
N GLY D 59 -11.11 28.36 -29.86
CA GLY D 59 -9.91 27.68 -29.43
C GLY D 59 -9.90 26.21 -29.78
N THR D 60 -9.19 25.42 -28.96
CA THR D 60 -9.06 23.98 -29.17
C THR D 60 -9.58 23.25 -27.95
N PRO D 61 -10.72 22.58 -28.03
CA PRO D 61 -11.21 21.83 -26.86
C PRO D 61 -10.32 20.62 -26.60
N ASP D 62 -10.43 20.09 -25.38
CA ASP D 62 -9.65 18.92 -24.98
C ASP D 62 -10.44 17.68 -25.37
N ILE D 63 -10.01 17.03 -26.45
CA ILE D 63 -10.61 15.80 -26.94
C ILE D 63 -9.71 14.60 -26.65
N ASN D 64 -8.93 14.67 -25.56
CA ASN D 64 -7.84 13.76 -25.26
C ASN D 64 -6.72 13.88 -26.29
N PHE D 65 -5.92 14.95 -26.18
CA PHE D 65 -4.68 15.11 -26.94
C PHE D 65 -4.88 15.36 -28.42
N GLY D 66 -4.05 14.71 -29.23
CA GLY D 66 -4.00 14.94 -30.66
C GLY D 66 -3.95 16.41 -31.01
N THR D 67 -5.11 17.06 -30.92
CA THR D 67 -5.25 18.47 -31.26
C THR D 67 -4.25 19.33 -30.49
N ARG D 68 -3.53 20.17 -31.23
CA ARG D 68 -2.63 21.15 -30.63
C ARG D 68 -3.41 22.38 -30.20
N ALA D 69 -2.92 23.03 -29.13
CA ALA D 69 -3.56 24.23 -28.63
C ALA D 69 -3.46 25.33 -29.69
N THR D 70 -4.60 25.86 -30.12
CA THR D 70 -4.61 26.78 -31.25
C THR D 70 -5.85 27.67 -31.18
N LEU D 71 -5.65 28.96 -31.43
CA LEU D 71 -6.75 29.92 -31.54
C LEU D 71 -7.22 29.98 -32.99
N THR D 72 -8.47 30.37 -33.19
CA THR D 72 -9.02 30.58 -34.53
C THR D 72 -9.74 31.91 -34.57
N ILE D 73 -9.22 32.84 -35.36
CA ILE D 73 -9.84 34.16 -35.51
C ILE D 73 -10.47 34.31 -36.88
N SER D 74 -11.77 34.04 -36.98
CA SER D 74 -12.47 34.31 -38.23
C SER D 74 -12.68 35.80 -38.40
N GLY D 75 -12.61 36.26 -39.65
CA GLY D 75 -12.76 37.68 -39.94
C GLY D 75 -11.68 38.54 -39.29
N VAL D 76 -10.45 38.47 -39.81
CA VAL D 76 -9.38 39.29 -39.28
C VAL D 76 -9.65 40.76 -39.56
N GLU D 77 -9.37 41.61 -38.58
CA GLU D 77 -9.58 43.05 -38.69
C GLU D 77 -8.25 43.77 -38.53
N ALA D 78 -8.26 45.05 -38.87
CA ALA D 78 -7.07 45.88 -38.64
C ALA D 78 -6.78 46.01 -37.15
N GLY D 79 -7.80 46.02 -36.30
CA GLY D 79 -7.63 46.11 -34.87
C GLY D 79 -7.12 44.83 -34.22
N ASP D 80 -6.68 43.88 -35.03
CA ASP D 80 -6.16 42.60 -34.56
C ASP D 80 -4.63 42.58 -34.49
N GLU D 81 -4.00 43.74 -34.37
CA GLU D 81 -2.55 43.84 -34.30
C GLU D 81 -2.11 43.97 -32.85
N ALA D 82 -1.42 42.95 -32.33
CA ALA D 82 -0.98 42.95 -30.93
C ALA D 82 -0.01 41.80 -30.73
N ASP D 83 0.42 41.64 -29.47
CA ASP D 83 1.21 40.49 -29.05
C ASP D 83 0.28 39.38 -28.56
N TYR D 84 0.73 38.13 -28.74
CA TYR D 84 -0.12 36.97 -28.46
C TYR D 84 0.68 35.93 -27.69
N TYR D 85 0.17 35.56 -26.52
CA TYR D 85 0.80 34.57 -25.65
C TYR D 85 -0.15 33.40 -25.43
N CYS D 86 0.39 32.19 -25.51
CA CYS D 86 -0.35 30.97 -25.23
C CYS D 86 0.15 30.43 -23.89
N HIS D 87 -0.64 30.64 -22.84
CA HIS D 87 -0.29 30.05 -21.55
C HIS D 87 -0.77 28.62 -21.50
N MET D 88 0.16 27.69 -21.42
CA MET D 88 -0.14 26.27 -21.42
C MET D 88 -0.11 25.73 -19.99
N TRP D 89 -1.04 24.83 -19.69
CA TRP D 89 -1.09 24.11 -18.43
C TRP D 89 -1.49 22.68 -18.71
N ASP D 90 -0.81 21.72 -18.10
CA ASP D 90 -1.16 20.32 -18.36
C ASP D 90 -0.95 19.48 -17.10
N SER D 91 -1.30 18.19 -17.22
CA SER D 91 -1.25 17.26 -16.09
C SER D 91 0.14 16.74 -15.80
N ARG D 92 1.13 17.09 -16.62
CA ARG D 92 2.46 16.52 -16.50
C ARG D 92 3.52 17.59 -16.29
N SER D 93 3.65 18.52 -17.25
CA SER D 93 4.80 19.42 -17.26
C SER D 93 4.90 20.24 -15.98
N GLY D 94 3.78 20.61 -15.40
CA GLY D 94 3.81 21.24 -14.10
C GLY D 94 3.33 22.67 -14.11
N PHE D 95 3.75 23.40 -13.09
CA PHE D 95 3.32 24.79 -12.94
C PHE D 95 3.94 25.65 -14.03
N SER D 96 3.11 26.47 -14.66
CA SER D 96 3.50 27.27 -15.82
C SER D 96 3.64 28.73 -15.40
N TRP D 97 4.87 29.14 -15.09
CA TRP D 97 5.16 30.53 -14.82
C TRP D 97 5.35 31.37 -16.08
N SER D 98 5.38 30.73 -17.24
CA SER D 98 5.65 31.43 -18.49
C SER D 98 4.52 31.21 -19.48
N PHE D 99 4.33 32.20 -20.34
CA PHE D 99 3.26 32.19 -21.33
C PHE D 99 3.77 31.79 -22.71
N GLY D 100 4.96 31.22 -22.79
CA GLY D 100 5.51 30.87 -24.08
C GLY D 100 5.85 32.11 -24.90
N GLY D 101 6.17 31.84 -26.16
CA GLY D 101 6.61 32.89 -27.05
C GLY D 101 5.51 33.90 -27.34
N ALA D 102 5.93 35.04 -27.86
CA ALA D 102 5.03 36.11 -28.27
C ALA D 102 4.89 36.08 -29.79
N THR D 103 3.70 35.83 -30.27
CA THR D 103 3.39 35.91 -31.70
C THR D 103 2.77 37.28 -31.96
N ARG D 104 3.58 38.22 -32.43
CA ARG D 104 3.13 39.59 -32.68
C ARG D 104 2.48 39.65 -34.06
N LEU D 105 1.16 39.76 -34.09
CA LEU D 105 0.42 39.79 -35.34
C LEU D 105 0.39 41.19 -35.94
N THR D 106 0.60 41.26 -37.25
CA THR D 106 0.52 42.50 -38.01
C THR D 106 -0.51 42.30 -39.12
N VAL D 107 -1.66 42.95 -39.00
CA VAL D 107 -2.71 42.88 -40.01
C VAL D 107 -2.46 43.98 -41.03
N LEU D 108 -2.31 43.59 -42.29
CA LEU D 108 -2.01 44.52 -43.36
C LEU D 108 -3.19 44.63 -44.32
N GLY D 109 -2.98 45.33 -45.43
CA GLY D 109 -4.04 45.57 -46.37
C GLY D 109 -4.91 46.78 -46.06
N GLN D 110 -4.50 47.63 -45.12
CA GLN D 110 -5.30 48.78 -44.75
C GLN D 110 -5.17 49.87 -45.80
N PRO D 111 -6.18 50.75 -45.92
CA PRO D 111 -6.06 51.88 -46.83
C PRO D 111 -5.05 52.89 -46.35
N LYS D 112 -4.46 53.61 -47.30
CA LYS D 112 -3.52 54.68 -46.99
C LYS D 112 -4.25 55.93 -46.53
N ALA D 113 -3.73 56.55 -45.48
CA ALA D 113 -4.29 57.79 -44.96
C ALA D 113 -3.31 58.93 -45.13
N ALA D 114 -3.82 60.09 -45.54
CA ALA D 114 -2.98 61.27 -45.71
C ALA D 114 -2.49 61.74 -44.34
N PRO D 115 -1.19 61.87 -44.13
CA PRO D 115 -0.68 62.20 -42.79
C PRO D 115 -1.10 63.60 -42.36
N SER D 116 -1.67 63.68 -41.16
CA SER D 116 -2.04 64.97 -40.59
C SER D 116 -0.80 65.59 -39.94
N VAL D 117 -0.26 66.61 -40.58
CA VAL D 117 0.98 67.26 -40.16
C VAL D 117 0.66 68.68 -39.71
N THR D 118 1.29 69.11 -38.62
CA THR D 118 1.11 70.45 -38.10
C THR D 118 2.38 70.87 -37.38
N LEU D 119 2.70 72.16 -37.47
CA LEU D 119 3.93 72.70 -36.91
C LEU D 119 3.60 73.80 -35.90
N PHE D 120 4.49 73.97 -34.93
CA PHE D 120 4.33 74.96 -33.87
C PHE D 120 5.60 75.79 -33.71
N PRO D 121 5.46 77.06 -33.37
CA PRO D 121 6.64 77.90 -33.11
C PRO D 121 7.00 77.86 -31.63
N PRO D 122 8.17 78.38 -31.26
CA PRO D 122 8.50 78.52 -29.84
C PRO D 122 7.57 79.51 -29.17
N SER D 123 7.05 79.13 -28.01
CA SER D 123 6.15 79.98 -27.24
C SER D 123 6.90 81.20 -26.72
N SER D 124 6.13 82.23 -26.36
CA SER D 124 6.72 83.41 -25.74
C SER D 124 7.30 83.08 -24.37
N GLU D 125 6.69 82.13 -23.65
CA GLU D 125 7.19 81.79 -22.33
C GLU D 125 8.51 81.03 -22.41
N GLU D 126 8.68 80.21 -23.45
CA GLU D 126 9.91 79.44 -23.60
C GLU D 126 11.04 80.30 -24.17
N LEU D 127 10.73 81.16 -25.14
CA LEU D 127 11.75 82.05 -25.70
C LEU D 127 12.30 82.99 -24.63
N GLN D 128 11.51 83.28 -23.59
CA GLN D 128 12.00 84.04 -22.46
C GLN D 128 12.95 83.24 -21.57
N ALA D 129 13.09 81.94 -21.82
CA ALA D 129 13.99 81.08 -21.06
C ALA D 129 15.30 80.79 -21.80
N ASN D 130 15.59 81.53 -22.87
CA ASN D 130 16.82 81.38 -23.66
C ASN D 130 16.91 79.97 -24.26
N LYS D 131 15.82 79.52 -24.85
CA LYS D 131 15.79 78.26 -25.58
C LYS D 131 14.76 78.35 -26.70
N ALA D 132 14.95 77.50 -27.70
CA ALA D 132 14.01 77.41 -28.82
C ALA D 132 13.98 75.97 -29.31
N THR D 133 12.77 75.51 -29.66
CA THR D 133 12.56 74.14 -30.09
C THR D 133 11.36 74.10 -31.03
N LEU D 134 11.46 73.27 -32.07
CA LEU D 134 10.38 73.08 -33.03
C LEU D 134 9.89 71.64 -32.97
N VAL D 135 8.57 71.48 -32.88
CA VAL D 135 7.93 70.17 -32.74
C VAL D 135 7.04 69.94 -33.97
N CYS D 136 7.07 68.71 -34.49
CA CYS D 136 6.27 68.34 -35.64
C CYS D 136 5.55 67.03 -35.35
N LEU D 137 4.22 67.08 -35.31
CA LEU D 137 3.40 65.93 -34.98
C LEU D 137 2.70 65.42 -36.24
N ILE D 138 2.87 64.13 -36.53
CA ILE D 138 2.23 63.50 -37.67
C ILE D 138 1.18 62.53 -37.13
N SER D 139 0.00 62.53 -37.76
CA SER D 139 -1.08 61.67 -37.29
C SER D 139 -1.95 61.26 -38.46
N ASP D 140 -2.71 60.18 -38.25
CA ASP D 140 -3.69 59.67 -39.20
C ASP D 140 -3.05 59.39 -40.57
N PHE D 141 -2.14 58.42 -40.57
CA PHE D 141 -1.54 57.95 -41.80
C PHE D 141 -1.24 56.47 -41.71
N TYR D 142 -1.44 55.77 -42.82
CA TYR D 142 -1.08 54.37 -42.97
C TYR D 142 -0.36 54.18 -44.30
N PRO D 143 0.74 53.42 -44.32
CA PRO D 143 1.41 52.80 -43.16
C PRO D 143 2.25 53.81 -42.39
N GLY D 144 3.04 53.36 -41.42
CA GLY D 144 3.84 54.26 -40.60
C GLY D 144 5.25 54.46 -41.10
N ALA D 145 5.45 54.37 -42.42
CA ALA D 145 6.76 54.59 -43.03
C ALA D 145 6.87 56.05 -43.43
N VAL D 146 7.54 56.84 -42.59
CA VAL D 146 7.73 58.26 -42.81
C VAL D 146 9.17 58.63 -42.45
N THR D 147 9.74 59.58 -43.21
CA THR D 147 11.01 60.20 -42.87
C THR D 147 10.75 61.68 -42.61
N VAL D 148 10.90 62.10 -41.35
CA VAL D 148 10.68 63.49 -40.99
C VAL D 148 11.94 64.28 -41.31
N ALA D 149 11.76 65.44 -41.95
CA ALA D 149 12.88 66.28 -42.35
C ALA D 149 12.58 67.73 -41.99
N TRP D 150 13.64 68.48 -41.71
CA TRP D 150 13.57 69.91 -41.44
C TRP D 150 14.38 70.65 -42.50
N LYS D 151 14.08 71.94 -42.64
CA LYS D 151 14.76 72.79 -43.61
C LYS D 151 14.95 74.18 -43.02
N ALA D 152 16.19 74.64 -42.99
CA ALA D 152 16.51 76.03 -42.64
C ALA D 152 16.44 76.85 -43.92
N ASP D 153 15.42 77.69 -44.03
CA ASP D 153 15.05 78.33 -45.29
C ASP D 153 14.79 77.26 -46.35
N SER D 154 15.78 77.01 -47.22
CA SER D 154 15.67 75.98 -48.23
C SER D 154 16.72 74.88 -48.08
N SER D 155 17.43 74.84 -46.95
CA SER D 155 18.54 73.91 -46.78
C SER D 155 18.28 72.93 -45.64
N PRO D 156 18.64 71.65 -45.81
CA PRO D 156 18.38 70.67 -44.76
C PRO D 156 19.28 70.87 -43.55
N VAL D 157 18.86 70.30 -42.43
CA VAL D 157 19.55 70.44 -41.15
C VAL D 157 19.52 69.10 -40.42
N LYS D 158 20.70 68.58 -40.08
CA LYS D 158 20.83 67.36 -39.29
C LYS D 158 21.25 67.62 -37.85
N ALA D 159 21.53 68.88 -37.50
CA ALA D 159 22.05 69.21 -36.18
C ALA D 159 20.92 69.17 -35.16
N GLY D 160 21.11 68.36 -34.12
CA GLY D 160 20.14 68.25 -33.05
C GLY D 160 18.77 67.82 -33.53
N VAL D 161 18.73 66.73 -34.29
CA VAL D 161 17.49 66.21 -34.85
C VAL D 161 17.04 65.02 -34.01
N GLU D 162 15.88 65.16 -33.37
CA GLU D 162 15.31 64.14 -32.49
C GLU D 162 13.96 63.75 -33.04
N THR D 163 13.86 62.55 -33.60
CA THR D 163 12.64 62.07 -34.23
C THR D 163 12.17 60.81 -33.53
N THR D 164 10.90 60.80 -33.13
CA THR D 164 10.33 59.61 -32.50
C THR D 164 9.85 58.63 -33.56
N THR D 165 9.96 57.35 -33.25
CA THR D 165 9.53 56.31 -34.16
C THR D 165 8.02 56.39 -34.35
N PRO D 166 7.52 56.36 -35.59
CA PRO D 166 6.07 56.33 -35.80
C PRO D 166 5.44 55.15 -35.07
N SER D 167 4.44 55.46 -34.25
CA SER D 167 3.77 54.46 -33.42
C SER D 167 2.26 54.57 -33.62
N LYS D 168 1.59 53.42 -33.65
CA LYS D 168 0.16 53.39 -33.86
C LYS D 168 -0.58 54.22 -32.81
N GLN D 169 -1.62 54.89 -33.25
CA GLN D 169 -2.56 55.55 -32.34
C GLN D 169 -3.67 54.56 -32.00
N SER D 170 -4.73 55.06 -31.38
CA SER D 170 -5.90 54.23 -31.11
C SER D 170 -6.76 54.03 -32.35
N ASN D 171 -6.48 54.73 -33.44
CA ASN D 171 -7.22 54.62 -34.69
C ASN D 171 -6.55 53.67 -35.68
N ASN D 172 -5.60 52.85 -35.21
CA ASN D 172 -4.81 51.97 -36.06
C ASN D 172 -4.10 52.77 -37.16
N LYS D 173 -3.61 53.95 -36.80
CA LYS D 173 -2.78 54.76 -37.67
C LYS D 173 -1.62 55.30 -36.86
N TYR D 174 -0.45 55.35 -37.47
CA TYR D 174 0.76 55.71 -36.74
C TYR D 174 0.76 57.19 -36.39
N ALA D 175 1.58 57.52 -35.38
CA ALA D 175 1.86 58.89 -34.99
C ALA D 175 3.31 58.99 -34.56
N ALA D 176 3.95 60.11 -34.91
CA ALA D 176 5.33 60.37 -34.53
C ALA D 176 5.48 61.84 -34.18
N SER D 177 6.46 62.12 -33.34
CA SER D 177 6.82 63.48 -32.97
C SER D 177 8.29 63.71 -33.33
N SER D 178 8.57 64.88 -33.88
CA SER D 178 9.94 65.27 -34.21
C SER D 178 10.30 66.54 -33.47
N TYR D 179 11.57 66.66 -33.10
CA TYR D 179 12.05 67.78 -32.30
C TYR D 179 13.38 68.26 -32.86
N LEU D 180 13.66 69.54 -32.64
CA LEU D 180 14.88 70.16 -33.16
C LEU D 180 15.46 71.07 -32.08
N SER D 181 16.62 70.70 -31.55
CA SER D 181 17.24 71.48 -30.49
C SER D 181 17.83 72.76 -31.05
N LEU D 182 17.52 73.89 -30.41
CA LEU D 182 17.90 75.19 -30.96
C LEU D 182 18.09 76.18 -29.81
N THR D 183 18.25 77.44 -30.16
CA THR D 183 18.38 78.57 -29.26
C THR D 183 17.54 79.71 -29.85
N PRO D 184 17.12 80.68 -29.02
CA PRO D 184 16.26 81.76 -29.55
C PRO D 184 16.93 82.60 -30.63
N GLU D 185 18.26 82.63 -30.68
CA GLU D 185 18.94 83.47 -31.67
C GLU D 185 18.88 82.84 -33.05
N GLN D 186 19.20 81.55 -33.16
CA GLN D 186 19.03 80.85 -34.42
C GLN D 186 17.57 80.69 -34.80
N TRP D 187 16.65 80.85 -33.84
CA TRP D 187 15.23 80.80 -34.14
C TRP D 187 14.78 82.04 -34.90
N LYS D 188 15.24 83.22 -34.49
CA LYS D 188 14.86 84.49 -35.11
C LYS D 188 15.80 84.89 -36.24
N SER D 189 16.73 84.02 -36.63
CA SER D 189 17.74 84.38 -37.63
C SER D 189 17.33 84.02 -39.05
N HIS D 190 16.41 83.08 -39.24
CA HIS D 190 16.02 82.64 -40.57
C HIS D 190 14.59 83.07 -40.87
N ARG D 191 14.30 83.22 -42.17
CA ARG D 191 13.00 83.77 -42.59
C ARG D 191 11.87 82.80 -42.29
N SER D 192 12.05 81.51 -42.57
CA SER D 192 11.00 80.54 -42.34
C SER D 192 11.60 79.15 -42.21
N TYR D 193 11.08 78.37 -41.26
CA TYR D 193 11.47 76.99 -41.05
C TYR D 193 10.32 76.07 -41.42
N SER D 194 10.65 74.91 -41.98
CA SER D 194 9.64 73.97 -42.48
C SER D 194 9.85 72.59 -41.89
N CYS D 195 8.76 71.95 -41.50
CA CYS D 195 8.76 70.53 -41.20
C CYS D 195 8.28 69.76 -42.42
N GLN D 196 9.09 68.81 -42.88
CA GLN D 196 8.79 68.02 -44.05
C GLN D 196 8.41 66.61 -43.61
N VAL D 197 7.21 66.17 -44.00
CA VAL D 197 6.72 64.83 -43.70
C VAL D 197 6.33 64.19 -45.03
N THR D 198 7.22 63.38 -45.59
CA THR D 198 6.97 62.70 -46.85
C THR D 198 6.32 61.35 -46.55
N HIS D 199 5.15 61.13 -47.14
CA HIS D 199 4.38 59.90 -46.94
C HIS D 199 4.13 59.26 -48.31
N GLU D 200 4.80 58.13 -48.57
CA GLU D 200 4.57 57.34 -49.78
C GLU D 200 4.92 58.12 -51.04
N GLY D 201 6.03 58.85 -50.99
CA GLY D 201 6.46 59.76 -52.04
C GLY D 201 5.76 61.11 -52.04
N SER D 202 4.51 61.13 -51.61
CA SER D 202 3.81 62.39 -51.38
C SER D 202 4.27 63.01 -50.07
N THR D 203 4.22 64.35 -50.02
CA THR D 203 4.74 65.10 -48.90
C THR D 203 3.69 66.05 -48.36
N VAL D 204 3.53 66.07 -47.04
CA VAL D 204 2.68 67.03 -46.35
C VAL D 204 3.62 67.87 -45.48
N GLU D 205 3.99 69.04 -45.96
CA GLU D 205 4.96 69.91 -45.31
C GLU D 205 4.25 71.11 -44.68
N LYS D 206 4.72 71.51 -43.50
CA LYS D 206 4.21 72.68 -42.80
C LYS D 206 5.36 73.62 -42.48
N THR D 207 5.11 74.93 -42.63
CA THR D 207 6.14 75.95 -42.52
C THR D 207 5.66 77.07 -41.61
N VAL D 208 6.56 77.54 -40.74
CA VAL D 208 6.29 78.68 -39.86
C VAL D 208 7.31 79.77 -40.12
N ALA D 209 6.93 81.01 -39.81
CA ALA D 209 7.79 82.17 -40.03
C ALA D 209 7.67 83.09 -38.82
N PRO D 210 8.79 83.61 -38.30
CA PRO D 210 8.73 84.50 -37.13
C PRO D 210 8.11 85.85 -37.43
N THR D 211 7.85 86.19 -38.69
CA THR D 211 7.38 87.51 -39.06
C THR D 211 5.88 87.58 -39.29
N GLU D 212 5.15 86.50 -39.04
CA GLU D 212 3.74 86.42 -39.37
C GLU D 212 2.92 86.05 -38.14
N CYS D 213 1.80 86.72 -37.94
CA CYS D 213 0.95 86.51 -36.78
C CYS D 213 0.24 85.16 -36.84
N GLU E 1 19.32 -32.92 11.52
CA GLU E 1 18.83 -31.95 12.49
C GLU E 1 18.24 -30.71 11.84
N VAL E 2 17.21 -30.17 12.47
CA VAL E 2 16.79 -28.81 12.17
C VAL E 2 17.50 -27.92 13.18
N GLN E 3 17.32 -26.60 13.05
CA GLN E 3 17.91 -25.69 14.03
C GLN E 3 17.21 -24.35 13.92
N LEU E 4 16.57 -23.93 15.00
CA LEU E 4 16.08 -22.58 15.14
C LEU E 4 17.13 -21.78 15.90
N VAL E 5 17.77 -20.83 15.21
CA VAL E 5 18.80 -19.98 15.79
C VAL E 5 18.28 -18.56 15.77
N GLU E 6 18.11 -17.98 16.95
CA GLU E 6 17.54 -16.64 17.08
C GLU E 6 18.64 -15.59 17.23
N SER E 7 18.24 -14.33 17.24
CA SER E 7 19.17 -13.21 17.33
C SER E 7 19.70 -13.06 18.76
N GLY E 8 20.63 -12.12 18.95
CA GLY E 8 21.16 -11.86 20.26
C GLY E 8 20.20 -11.10 21.15
N ALA E 9 20.43 -11.20 22.46
CA ALA E 9 19.61 -10.50 23.43
C ALA E 9 19.83 -9.00 23.35
N GLN E 10 18.77 -8.24 23.60
CA GLN E 10 18.77 -6.80 23.36
C GLN E 10 18.24 -6.06 24.58
N VAL E 11 18.80 -4.87 24.80
CA VAL E 11 18.53 -4.03 25.96
C VAL E 11 17.99 -2.71 25.45
N LYS E 12 16.70 -2.44 25.70
CA LYS E 12 15.97 -1.42 24.98
C LYS E 12 15.16 -0.52 25.92
N LYS E 13 14.92 0.73 25.45
CA LYS E 13 14.14 1.75 26.11
C LYS E 13 12.65 1.55 25.82
N PRO E 14 11.79 1.94 26.78
CA PRO E 14 10.34 1.75 26.59
C PRO E 14 9.82 2.63 25.46
N GLY E 15 8.64 2.26 24.97
CA GLY E 15 7.98 3.07 23.96
C GLY E 15 8.44 2.73 22.57
N ALA E 16 9.60 2.09 22.46
CA ALA E 16 10.20 1.79 21.17
C ALA E 16 9.60 0.51 20.61
N SER E 17 10.23 -0.03 19.57
CA SER E 17 9.88 -1.31 18.99
C SER E 17 11.14 -2.10 18.73
N VAL E 18 11.00 -3.42 18.62
CA VAL E 18 12.15 -4.31 18.52
C VAL E 18 11.77 -5.52 17.69
N THR E 19 12.67 -5.93 16.79
CA THR E 19 12.53 -7.14 16.01
C THR E 19 13.45 -8.23 16.57
N VAL E 20 13.08 -9.49 16.30
CA VAL E 20 13.91 -10.65 16.59
C VAL E 20 14.01 -11.48 15.32
N SER E 21 15.23 -11.88 14.98
CA SER E 21 15.46 -12.79 13.86
C SER E 21 15.57 -14.21 14.39
N CYS E 22 15.15 -15.17 13.56
CA CYS E 22 15.19 -16.59 13.92
C CYS E 22 15.37 -17.36 12.62
N THR E 23 16.59 -17.85 12.41
CA THR E 23 16.98 -18.43 11.13
C THR E 23 16.87 -19.95 11.22
N ALA E 24 16.08 -20.53 10.32
CA ALA E 24 15.80 -21.97 10.30
C ALA E 24 16.76 -22.70 9.37
N SER E 25 16.87 -24.02 9.56
CA SER E 25 17.81 -24.84 8.83
C SER E 25 17.46 -26.29 9.05
N GLY E 26 17.70 -27.13 8.04
CA GLY E 26 17.59 -28.57 8.22
C GLY E 26 16.27 -29.20 7.85
N TYR E 27 15.43 -28.49 7.10
CA TYR E 27 14.12 -29.00 6.73
C TYR E 27 13.59 -28.09 5.62
N LYS E 28 12.45 -28.47 5.05
CA LYS E 28 11.83 -27.61 4.06
C LYS E 28 11.33 -26.35 4.74
N PHE E 29 12.07 -25.25 4.55
CA PHE E 29 11.76 -24.00 5.23
C PHE E 29 10.31 -23.58 4.99
N THR E 30 9.95 -23.39 3.72
CA THR E 30 8.67 -22.78 3.36
C THR E 30 7.46 -23.63 3.71
N GLY E 31 7.66 -24.89 4.08
CA GLY E 31 6.52 -25.77 4.31
C GLY E 31 6.02 -25.86 5.72
N TYR E 32 6.64 -25.17 6.67
CA TYR E 32 6.38 -25.40 8.09
C TYR E 32 6.02 -24.09 8.77
N HIS E 33 4.93 -24.12 9.54
CA HIS E 33 4.55 -22.95 10.32
C HIS E 33 5.62 -22.62 11.36
N MET E 34 5.67 -21.35 11.74
CA MET E 34 6.58 -20.87 12.77
C MET E 34 5.79 -20.04 13.77
N HIS E 35 5.81 -20.46 15.03
CA HIS E 35 5.23 -19.69 16.12
C HIS E 35 6.30 -18.83 16.78
N TRP E 36 5.87 -17.70 17.34
CA TRP E 36 6.70 -16.90 18.22
C TRP E 36 6.06 -16.84 19.60
N VAL E 37 6.88 -17.06 20.63
CA VAL E 37 6.41 -17.12 22.00
C VAL E 37 7.39 -16.35 22.89
N ARG E 38 6.86 -15.43 23.67
CA ARG E 38 7.59 -14.82 24.77
C ARG E 38 7.27 -15.54 26.07
N GLN E 39 8.21 -15.47 27.01
CA GLN E 39 8.03 -16.00 28.36
C GLN E 39 8.62 -14.98 29.33
N ALA E 40 7.76 -14.20 29.97
CA ALA E 40 8.21 -13.24 30.95
C ALA E 40 8.87 -13.98 32.11
N PRO E 41 9.81 -13.33 32.80
CA PRO E 41 10.56 -14.03 33.84
C PRO E 41 9.64 -14.71 34.84
N GLY E 42 9.82 -16.02 35.00
CA GLY E 42 9.13 -16.78 36.03
C GLY E 42 7.69 -17.01 35.67
N ARG E 43 7.25 -16.35 34.61
CA ARG E 43 5.88 -16.43 34.17
C ARG E 43 5.68 -17.58 33.19
N GLY E 44 4.45 -17.74 32.77
CA GLY E 44 4.08 -18.69 31.76
C GLY E 44 4.47 -18.20 30.38
N LEU E 45 3.96 -18.88 29.36
CA LEU E 45 4.31 -18.61 27.98
C LEU E 45 3.17 -17.84 27.32
N GLU E 46 3.54 -16.82 26.54
CA GLU E 46 2.58 -16.00 25.82
C GLU E 46 2.75 -16.28 24.33
N TRP E 47 1.76 -16.94 23.74
CA TRP E 47 1.77 -17.19 22.30
C TRP E 47 1.48 -15.88 21.57
N MET E 48 2.38 -15.51 20.65
CA MET E 48 2.33 -14.20 20.03
C MET E 48 1.81 -14.22 18.59
N GLY E 49 1.59 -15.39 18.01
CA GLY E 49 1.09 -15.51 16.65
C GLY E 49 1.84 -16.61 15.91
N TRP E 50 1.67 -16.62 14.58
CA TRP E 50 2.45 -17.51 13.73
C TRP E 50 2.45 -16.97 12.30
N ILE E 51 3.36 -17.52 11.48
CA ILE E 51 3.46 -17.22 10.06
C ILE E 51 3.44 -18.52 9.28
N ASN E 52 2.77 -18.52 8.17
CA ASN E 52 3.05 -19.55 7.18
C ASN E 52 4.06 -19.01 6.16
N PRO E 53 5.21 -19.67 5.97
CA PRO E 53 6.25 -19.11 5.11
C PRO E 53 5.89 -19.08 3.64
N PHE E 54 4.85 -19.78 3.21
CA PHE E 54 4.37 -19.71 1.84
C PHE E 54 3.53 -18.45 1.70
N ARG E 55 4.06 -17.47 0.96
CA ARG E 55 3.39 -16.18 0.74
C ARG E 55 3.14 -15.39 2.02
N GLY E 56 3.58 -15.91 3.16
CA GLY E 56 3.71 -15.08 4.34
C GLY E 56 2.46 -14.89 5.19
N ALA E 57 1.50 -15.80 5.11
CA ALA E 57 0.27 -15.65 5.89
C ALA E 57 0.58 -15.71 7.39
N VAL E 58 -0.22 -14.98 8.17
CA VAL E 58 0.02 -14.81 9.60
C VAL E 58 -1.30 -14.89 10.36
N LYS E 59 -1.20 -14.98 11.68
CA LYS E 59 -2.35 -14.88 12.58
C LYS E 59 -1.87 -14.65 14.01
N TYR E 60 -2.24 -13.51 14.60
CA TYR E 60 -1.83 -13.09 15.93
C TYR E 60 -3.00 -13.17 16.91
N PRO E 61 -2.75 -13.13 18.21
CA PRO E 61 -3.85 -13.06 19.18
C PRO E 61 -4.39 -11.64 19.26
N GLN E 62 -5.52 -11.50 19.96
CA GLN E 62 -6.09 -10.18 20.17
C GLN E 62 -5.20 -9.34 21.08
N ASN E 63 -4.61 -9.96 22.11
CA ASN E 63 -3.70 -9.24 22.99
C ASN E 63 -2.53 -8.66 22.21
N PHE E 64 -1.82 -9.51 21.48
CA PHE E 64 -0.60 -9.11 20.78
C PHE E 64 -0.86 -8.41 19.46
N ARG E 65 -2.12 -8.34 19.00
CA ARG E 65 -2.37 -7.75 17.68
C ARG E 65 -2.12 -6.24 17.71
N GLY E 66 -1.52 -5.74 16.63
CA GLY E 66 -1.18 -4.35 16.54
C GLY E 66 0.30 -4.14 16.79
N ARG E 67 0.80 -4.77 17.85
CA ARG E 67 2.21 -4.62 18.19
C ARG E 67 3.10 -5.59 17.42
N VAL E 68 2.56 -6.73 17.03
CA VAL E 68 3.35 -7.80 16.44
C VAL E 68 3.45 -7.59 14.94
N SER E 69 4.68 -7.71 14.42
CA SER E 69 4.92 -7.81 12.98
C SER E 69 5.84 -9.00 12.76
N MET E 70 5.33 -10.00 12.06
CA MET E 70 5.97 -11.30 11.92
C MET E 70 6.17 -11.57 10.43
N THR E 71 7.40 -11.92 10.05
CA THR E 71 7.72 -12.13 8.64
C THR E 71 8.72 -13.27 8.49
N ARG E 72 9.08 -13.57 7.24
CA ARG E 72 10.10 -14.56 6.93
C ARG E 72 10.76 -14.23 5.59
N ASP E 73 12.03 -14.61 5.47
CA ASP E 73 12.80 -14.39 4.26
C ASP E 73 13.07 -15.76 3.63
N THR E 74 12.08 -16.25 2.89
CA THR E 74 12.17 -17.53 2.19
C THR E 74 13.49 -17.67 1.44
N SER E 75 13.93 -16.60 0.79
CA SER E 75 15.23 -16.58 0.14
C SER E 75 16.34 -16.91 1.13
N MET E 76 16.32 -16.27 2.31
CA MET E 76 17.37 -16.43 3.31
C MET E 76 17.01 -17.38 4.43
N GLU E 77 15.75 -17.79 4.52
CA GLU E 77 15.30 -18.69 5.59
C GLU E 77 15.55 -18.06 6.96
N ILE E 78 15.01 -16.86 7.14
CA ILE E 78 15.06 -16.14 8.40
C ILE E 78 13.66 -15.66 8.74
N PHE E 79 13.18 -15.99 9.94
CA PHE E 79 11.94 -15.44 10.43
C PHE E 79 12.22 -14.20 11.26
N TYR E 80 11.43 -13.16 11.03
CA TYR E 80 11.47 -11.93 11.80
C TYR E 80 10.17 -11.77 12.56
N MET E 81 10.28 -11.16 13.74
CA MET E 81 9.13 -10.86 14.60
C MET E 81 9.41 -9.56 15.32
N GLU E 82 8.42 -8.66 15.34
CA GLU E 82 8.57 -7.35 15.95
C GLU E 82 7.37 -7.05 16.83
N LEU E 83 7.58 -7.09 18.15
CA LEU E 83 6.68 -6.40 19.06
C LEU E 83 7.01 -4.92 19.06
N SER E 84 5.98 -4.07 19.11
CA SER E 84 6.18 -2.64 19.09
C SER E 84 5.54 -2.01 20.32
N ARG E 85 5.79 -0.72 20.51
CA ARG E 85 5.30 0.05 21.66
C ARG E 85 5.64 -0.67 22.96
N LEU E 86 6.94 -0.88 23.16
CA LEU E 86 7.39 -1.74 24.25
C LEU E 86 7.15 -1.07 25.60
N THR E 87 6.55 -1.83 26.51
CA THR E 87 6.37 -1.42 27.90
C THR E 87 7.18 -2.34 28.79
N SER E 88 7.38 -1.92 30.05
CA SER E 88 8.09 -2.76 31.00
C SER E 88 7.47 -4.15 31.07
N ASP E 89 6.17 -4.26 30.83
CA ASP E 89 5.50 -5.55 30.77
C ASP E 89 5.95 -6.38 29.57
N ASP E 90 6.50 -5.74 28.53
CA ASP E 90 6.97 -6.44 27.34
C ASP E 90 8.38 -6.97 27.49
N THR E 91 8.87 -7.13 28.72
CA THR E 91 10.16 -7.72 29.01
C THR E 91 10.00 -9.24 29.12
N ALA E 92 10.63 -9.97 28.20
CA ALA E 92 10.51 -11.42 28.19
C ALA E 92 11.65 -12.02 27.36
N VAL E 93 11.71 -13.35 27.36
CA VAL E 93 12.61 -14.12 26.51
C VAL E 93 11.77 -14.71 25.38
N TYR E 94 12.08 -14.31 24.16
CA TYR E 94 11.20 -14.53 23.01
C TYR E 94 11.70 -15.71 22.19
N TYR E 95 10.80 -16.63 21.89
CA TYR E 95 11.13 -17.84 21.17
C TYR E 95 10.43 -17.89 19.82
N CYS E 96 11.03 -18.65 18.91
CA CYS E 96 10.35 -19.12 17.71
C CYS E 96 10.30 -20.64 17.79
N ALA E 97 9.21 -21.24 17.31
CA ALA E 97 9.11 -22.68 17.37
C ALA E 97 8.22 -23.20 16.25
N ARG E 98 8.53 -24.41 15.78
CA ARG E 98 7.90 -25.03 14.63
C ARG E 98 6.91 -26.11 15.05
N GLU E 99 5.77 -26.15 14.37
CA GLU E 99 4.77 -27.17 14.66
C GLU E 99 5.24 -28.54 14.16
N MET E 100 4.56 -29.58 14.65
CA MET E 100 5.02 -30.96 14.46
C MET E 100 5.22 -31.28 12.99
N PHE E 101 4.22 -31.01 12.17
CA PHE E 101 4.19 -31.49 10.80
C PHE E 101 4.10 -30.31 9.84
N ASP E 102 4.29 -30.60 8.56
CA ASP E 102 4.28 -29.55 7.56
C ASP E 102 2.86 -29.04 7.34
N SER E 103 2.76 -27.93 6.59
CA SER E 103 1.49 -27.29 6.35
C SER E 103 0.51 -28.17 5.58
N SER E 104 1.01 -29.13 4.80
CA SER E 104 0.13 -30.00 4.04
C SER E 104 -0.76 -30.83 4.97
N ALA E 105 -0.29 -31.10 6.18
CA ALA E 105 -0.99 -31.97 7.10
C ALA E 105 -2.28 -31.33 7.61
N ASP E 106 -3.17 -32.18 8.11
CA ASP E 106 -4.39 -31.70 8.73
C ASP E 106 -4.09 -31.01 10.06
N TRP E 107 -4.87 -29.97 10.36
CA TRP E 107 -4.90 -29.32 11.67
C TRP E 107 -3.63 -28.56 12.01
N SER E 108 -2.58 -28.70 11.21
CA SER E 108 -1.56 -27.66 11.20
C SER E 108 -2.23 -26.37 10.76
N PRO E 109 -1.98 -25.24 11.44
CA PRO E 109 -1.03 -24.99 12.52
C PRO E 109 -1.60 -24.98 13.95
N TRP E 110 -2.04 -26.10 14.53
CA TRP E 110 -2.43 -26.07 15.94
C TRP E 110 -1.99 -27.31 16.72
N ARG E 111 -1.01 -28.08 16.23
CA ARG E 111 -0.69 -29.37 16.81
C ARG E 111 0.21 -29.26 18.04
N GLY E 112 1.40 -28.71 17.85
CA GLY E 112 2.38 -28.64 18.91
C GLY E 112 3.75 -28.32 18.37
N MET E 113 4.48 -27.47 19.08
CA MET E 113 5.74 -26.91 18.60
C MET E 113 6.92 -27.75 19.04
N VAL E 114 7.76 -28.13 18.07
CA VAL E 114 8.82 -29.11 18.28
C VAL E 114 10.19 -28.44 18.39
N ALA E 115 10.71 -27.96 17.25
CA ALA E 115 11.97 -27.23 17.26
C ALA E 115 11.78 -25.90 17.98
N TRP E 116 12.77 -25.51 18.77
CA TRP E 116 12.63 -24.35 19.65
C TRP E 116 13.85 -23.45 19.54
N GLY E 117 13.60 -22.17 19.23
CA GLY E 117 14.65 -21.18 19.31
C GLY E 117 15.27 -21.12 20.69
N GLN E 118 16.50 -20.60 20.73
CA GLN E 118 17.21 -20.51 22.00
C GLN E 118 16.63 -19.46 22.92
N GLY E 119 15.57 -18.78 22.51
CA GLY E 119 15.07 -17.65 23.26
C GLY E 119 15.90 -16.41 23.00
N THR E 120 15.24 -15.27 22.89
CA THR E 120 15.93 -13.99 22.77
C THR E 120 15.42 -13.07 23.87
N LEU E 121 16.31 -12.69 24.78
CA LEU E 121 15.91 -11.88 25.92
C LEU E 121 15.77 -10.42 25.48
N VAL E 122 14.55 -9.90 25.55
CA VAL E 122 14.27 -8.50 25.31
C VAL E 122 13.88 -7.86 26.64
N THR E 123 14.54 -6.76 26.98
CA THR E 123 14.42 -6.16 28.31
C THR E 123 13.96 -4.71 28.16
N VAL E 124 12.81 -4.38 28.74
CA VAL E 124 12.19 -3.08 28.59
C VAL E 124 12.21 -2.40 29.95
N SER E 125 13.15 -1.47 30.15
CA SER E 125 13.23 -0.67 31.36
C SER E 125 13.65 0.74 31.00
N SER E 126 13.35 1.68 31.89
CA SER E 126 13.53 3.09 31.63
C SER E 126 14.70 3.72 32.39
N ALA E 127 15.36 2.98 33.28
CA ALA E 127 16.41 3.56 34.11
C ALA E 127 17.71 3.69 33.32
N SER E 128 18.78 4.11 34.01
CA SER E 128 20.04 4.39 33.36
C SER E 128 21.19 4.03 34.29
N THR E 129 22.41 4.16 33.77
CA THR E 129 23.61 3.83 34.53
C THR E 129 23.72 4.67 35.80
N LYS E 130 23.76 3.98 36.94
CA LYS E 130 23.84 4.66 38.23
C LYS E 130 24.74 3.87 39.18
N GLY E 131 25.72 4.55 39.75
CA GLY E 131 26.57 3.97 40.76
C GLY E 131 25.75 3.53 41.96
N PRO E 132 25.80 2.24 42.27
CA PRO E 132 25.03 1.73 43.40
C PRO E 132 25.53 2.28 44.71
N SER E 133 24.61 2.31 45.68
CA SER E 133 24.91 2.68 47.06
C SER E 133 24.65 1.47 47.94
N VAL E 134 25.70 0.97 48.57
CA VAL E 134 25.66 -0.31 49.29
C VAL E 134 25.72 -0.03 50.79
N PHE E 135 24.79 -0.64 51.52
CA PHE E 135 24.62 -0.48 52.96
C PHE E 135 24.62 -1.86 53.62
N PRO E 136 24.98 -1.93 54.89
CA PRO E 136 25.04 -3.23 55.58
C PRO E 136 23.75 -3.59 56.28
N LEU E 137 23.49 -4.90 56.35
CA LEU E 137 22.29 -5.46 56.98
C LEU E 137 22.68 -6.10 58.31
N ALA E 138 22.45 -5.38 59.41
CA ALA E 138 22.95 -5.78 60.70
C ALA E 138 21.88 -6.51 61.50
N PRO E 139 22.08 -7.78 61.86
CA PRO E 139 21.10 -8.47 62.71
C PRO E 139 21.05 -7.86 64.11
N SER E 140 20.08 -8.34 64.89
CA SER E 140 19.78 -7.76 66.19
C SER E 140 19.87 -8.81 67.29
N SER E 141 19.95 -8.31 68.54
CA SER E 141 20.04 -9.21 69.68
C SER E 141 18.75 -10.00 69.90
N LYS E 142 17.60 -9.45 69.48
CA LYS E 142 16.35 -10.19 69.48
C LYS E 142 16.17 -11.02 68.22
N SER E 143 16.96 -10.78 67.18
CA SER E 143 16.91 -11.56 65.95
C SER E 143 17.65 -12.89 66.05
N THR E 144 18.15 -13.25 67.23
CA THR E 144 18.89 -14.48 67.44
C THR E 144 18.11 -15.37 68.39
N SER E 145 17.55 -16.46 67.86
CA SER E 145 16.86 -17.48 68.65
C SER E 145 17.49 -18.83 68.30
N GLY E 146 18.28 -19.36 69.21
CA GLY E 146 19.02 -20.60 68.97
C GLY E 146 20.52 -20.40 68.85
N GLY E 147 20.98 -19.21 68.47
CA GLY E 147 22.41 -18.96 68.51
C GLY E 147 23.05 -18.59 67.18
N THR E 148 22.23 -18.21 66.20
CA THR E 148 22.75 -17.81 64.89
C THR E 148 22.29 -16.40 64.56
N ALA E 149 23.03 -15.77 63.65
CA ALA E 149 22.76 -14.40 63.23
C ALA E 149 22.70 -14.36 61.70
N ALA E 150 21.56 -13.93 61.18
CA ALA E 150 21.35 -13.79 59.74
C ALA E 150 21.61 -12.35 59.32
N LEU E 151 22.49 -12.17 58.33
CA LEU E 151 22.85 -10.84 57.87
C LEU E 151 22.88 -10.80 56.34
N GLY E 152 23.38 -9.71 55.78
CA GLY E 152 23.49 -9.61 54.33
C GLY E 152 23.75 -8.18 53.91
N CYS E 153 23.33 -7.87 52.68
CA CYS E 153 23.45 -6.52 52.14
C CYS E 153 22.33 -6.30 51.13
N LEU E 154 22.37 -5.14 50.48
CA LEU E 154 21.35 -4.74 49.52
C LEU E 154 21.99 -3.94 48.40
N VAL E 155 21.66 -4.28 47.17
CA VAL E 155 22.15 -3.58 45.98
C VAL E 155 20.92 -2.99 45.31
N LYS E 156 20.58 -1.75 45.66
CA LYS E 156 19.44 -1.04 45.11
C LYS E 156 19.92 0.22 44.42
N ASP E 157 19.05 0.81 43.61
CA ASP E 157 19.34 2.00 42.83
C ASP E 157 20.55 1.80 41.91
N TYR E 158 20.86 0.56 41.59
CA TYR E 158 21.86 0.23 40.57
C TYR E 158 21.14 -0.12 39.29
N PHE E 159 21.81 0.13 38.16
CA PHE E 159 21.21 -0.16 36.88
C PHE E 159 22.31 -0.14 35.84
N PRO E 160 22.33 -1.11 34.90
CA PRO E 160 21.39 -2.24 34.78
C PRO E 160 21.79 -3.44 35.64
N GLU E 161 21.08 -4.55 35.47
CA GLU E 161 21.30 -5.80 36.18
C GLU E 161 22.32 -6.65 35.44
N PRO E 162 22.91 -7.65 36.10
CA PRO E 162 22.77 -8.04 37.52
C PRO E 162 23.89 -7.51 38.40
N VAL E 163 23.88 -7.88 39.68
CA VAL E 163 24.98 -7.62 40.59
C VAL E 163 25.20 -8.89 41.40
N THR E 164 26.37 -9.51 41.23
CA THR E 164 26.73 -10.72 41.96
C THR E 164 27.32 -10.35 43.32
N VAL E 165 27.06 -11.20 44.32
CA VAL E 165 27.43 -10.92 45.70
C VAL E 165 28.11 -12.17 46.26
N SER E 166 29.39 -12.04 46.60
CA SER E 166 30.14 -13.09 47.27
C SER E 166 30.36 -12.68 48.73
N TRP E 167 31.27 -13.37 49.41
CA TRP E 167 31.46 -13.14 50.83
C TRP E 167 32.93 -13.33 51.19
N ASN E 168 33.54 -12.27 51.73
CA ASN E 168 34.92 -12.33 52.25
C ASN E 168 35.91 -12.77 51.17
N SER E 169 35.77 -12.20 49.97
CA SER E 169 36.65 -12.49 48.84
C SER E 169 36.62 -13.97 48.46
N GLY E 170 35.49 -14.64 48.72
CA GLY E 170 35.33 -16.04 48.40
C GLY E 170 35.66 -17.03 49.50
N ALA E 171 35.74 -16.58 50.76
CA ALA E 171 36.09 -17.43 51.88
C ALA E 171 34.89 -17.92 52.67
N LEU E 172 33.67 -17.48 52.30
CA LEU E 172 32.45 -17.81 53.03
C LEU E 172 31.36 -18.16 52.02
N THR E 173 31.14 -19.46 51.82
CA THR E 173 30.14 -19.95 50.87
C THR E 173 29.04 -20.76 51.53
N SER E 174 29.11 -21.01 52.84
CA SER E 174 28.15 -21.86 53.53
C SER E 174 26.97 -21.02 54.01
N GLY E 175 25.79 -21.31 53.48
CA GLY E 175 24.58 -20.60 53.86
C GLY E 175 24.29 -19.34 53.08
N VAL E 176 24.79 -19.21 51.86
CA VAL E 176 24.63 -18.01 51.06
C VAL E 176 23.47 -18.25 50.10
N HIS E 177 22.40 -17.48 50.26
CA HIS E 177 21.24 -17.51 49.39
C HIS E 177 21.12 -16.14 48.74
N THR E 178 21.58 -16.02 47.49
CA THR E 178 21.48 -14.77 46.74
C THR E 178 20.19 -14.78 45.94
N PHE E 179 19.40 -13.75 46.12
CA PHE E 179 18.05 -13.67 45.58
C PHE E 179 18.07 -13.11 44.16
N PRO E 180 17.04 -13.40 43.36
CA PRO E 180 17.04 -13.00 41.95
C PRO E 180 16.67 -11.54 41.74
N ALA E 181 17.26 -10.95 40.70
CA ALA E 181 17.12 -9.53 40.41
C ALA E 181 15.69 -9.20 40.02
N VAL E 182 15.09 -8.24 40.73
CA VAL E 182 13.72 -7.82 40.46
C VAL E 182 13.70 -6.31 40.25
N LEU E 183 12.77 -5.86 39.42
CA LEU E 183 12.64 -4.46 39.08
C LEU E 183 11.74 -3.75 40.09
N GLN E 184 12.17 -2.58 40.55
CA GLN E 184 11.30 -1.72 41.33
C GLN E 184 10.22 -1.12 40.43
N SER E 185 9.30 -0.37 41.03
CA SER E 185 8.36 0.41 40.23
C SER E 185 9.06 1.53 39.48
N SER E 186 10.25 1.92 39.93
CA SER E 186 11.00 2.99 39.26
C SER E 186 11.83 2.45 38.11
N GLY E 187 12.37 1.25 38.25
CA GLY E 187 13.25 0.65 37.25
C GLY E 187 14.67 0.42 37.74
N LEU E 188 15.12 1.15 38.76
CA LEU E 188 16.42 0.89 39.36
C LEU E 188 16.36 -0.44 40.12
N TYR E 189 17.25 -1.37 39.77
CA TYR E 189 17.18 -2.73 40.28
C TYR E 189 17.45 -2.78 41.78
N SER E 190 17.12 -3.93 42.37
CA SER E 190 17.27 -4.14 43.80
C SER E 190 17.52 -5.63 44.04
N LEU E 191 18.38 -5.93 45.01
CA LEU E 191 18.79 -7.31 45.25
C LEU E 191 19.23 -7.50 46.69
N SER E 192 19.48 -8.76 47.05
CA SER E 192 19.94 -9.09 48.40
C SER E 192 20.55 -10.48 48.40
N SER E 193 21.45 -10.70 49.35
CA SER E 193 22.07 -12.00 49.58
C SER E 193 22.34 -12.14 51.08
N VAL E 194 22.04 -13.31 51.62
CA VAL E 194 22.09 -13.53 53.05
C VAL E 194 23.26 -14.45 53.38
N VAL E 195 23.58 -14.54 54.68
CA VAL E 195 24.49 -15.56 55.20
C VAL E 195 24.10 -15.83 56.65
N THR E 196 24.15 -17.10 57.02
CA THR E 196 23.87 -17.53 58.39
C THR E 196 25.21 -17.74 59.09
N VAL E 197 25.55 -16.84 60.00
CA VAL E 197 26.81 -16.94 60.73
C VAL E 197 26.51 -17.18 62.21
N PRO E 198 27.37 -17.85 62.95
CA PRO E 198 27.08 -18.11 64.36
C PRO E 198 27.16 -16.84 65.19
N SER E 199 26.35 -16.79 66.25
CA SER E 199 26.34 -15.64 67.14
C SER E 199 27.52 -15.61 68.09
N SER E 200 28.16 -16.75 68.35
CA SER E 200 29.38 -16.76 69.14
C SER E 200 30.56 -16.19 68.36
N SER E 201 30.43 -16.06 67.04
CA SER E 201 31.47 -15.49 66.20
C SER E 201 31.20 -14.03 65.84
N LEU E 202 30.20 -13.40 66.46
CA LEU E 202 29.85 -12.03 66.11
C LEU E 202 30.90 -11.02 66.53
N GLY E 203 31.85 -11.41 67.38
CA GLY E 203 32.93 -10.51 67.75
C GLY E 203 34.27 -10.94 67.18
N THR E 204 34.33 -12.14 66.61
CA THR E 204 35.59 -12.74 66.19
C THR E 204 35.71 -12.92 64.68
N GLN E 205 34.70 -12.56 63.89
CA GLN E 205 34.76 -12.78 62.45
C GLN E 205 34.19 -11.58 61.72
N THR E 206 34.99 -11.00 60.81
CA THR E 206 34.54 -9.91 59.97
C THR E 206 33.76 -10.45 58.78
N TYR E 207 32.60 -9.87 58.53
CA TYR E 207 31.76 -10.27 57.40
C TYR E 207 31.63 -9.07 56.46
N ILE E 208 32.33 -9.15 55.34
CA ILE E 208 32.29 -8.12 54.30
C ILE E 208 31.47 -8.66 53.14
N CYS E 209 30.89 -7.75 52.38
CA CYS E 209 30.07 -8.10 51.21
C CYS E 209 30.62 -7.41 49.98
N ASN E 210 31.06 -8.20 49.00
CA ASN E 210 31.60 -7.68 47.77
C ASN E 210 30.44 -7.41 46.81
N VAL E 211 30.16 -6.13 46.55
CA VAL E 211 29.11 -5.73 45.62
C VAL E 211 29.77 -5.04 44.44
N ASN E 212 29.60 -5.62 43.25
CA ASN E 212 30.22 -5.12 42.04
C ASN E 212 29.15 -4.69 41.05
N HIS E 213 29.32 -3.50 40.48
CA HIS E 213 28.45 -3.00 39.41
C HIS E 213 29.36 -2.58 38.27
N LYS E 214 29.40 -3.41 37.23
CA LYS E 214 30.37 -3.19 36.14
C LYS E 214 30.03 -1.97 35.30
N PRO E 215 28.80 -1.75 34.84
CA PRO E 215 28.55 -0.58 33.97
C PRO E 215 28.79 0.76 34.66
N SER E 216 28.21 0.95 35.86
CA SER E 216 28.39 2.20 36.58
C SER E 216 29.80 2.36 37.14
N ASN E 217 30.56 1.27 37.24
CA ASN E 217 31.92 1.29 37.76
C ASN E 217 31.96 1.82 39.19
N THR E 218 31.02 1.36 40.02
CA THR E 218 30.97 1.70 41.43
C THR E 218 30.94 0.39 42.22
N LYS E 219 32.11 -0.04 42.68
CA LYS E 219 32.27 -1.26 43.45
C LYS E 219 32.39 -0.89 44.92
N VAL E 220 31.37 -1.22 45.70
CA VAL E 220 31.31 -0.85 47.10
C VAL E 220 31.30 -2.11 47.94
N ASP E 221 32.43 -2.40 48.59
CA ASP E 221 32.50 -3.47 49.57
C ASP E 221 32.04 -2.92 50.91
N LYS E 222 30.84 -3.32 51.34
CA LYS E 222 30.26 -2.80 52.58
C LYS E 222 30.43 -3.85 53.68
N ARG E 223 31.19 -3.50 54.71
CA ARG E 223 31.33 -4.37 55.86
C ARG E 223 30.04 -4.36 56.68
N VAL E 224 29.60 -5.55 57.07
CA VAL E 224 28.38 -5.70 57.87
C VAL E 224 28.82 -5.97 59.31
N GLU E 225 28.59 -5.01 60.18
CA GLU E 225 29.07 -5.05 61.56
C GLU E 225 27.94 -4.76 62.52
N PRO E 226 28.04 -5.24 63.77
CA PRO E 226 26.91 -5.14 64.70
C PRO E 226 26.50 -3.70 64.98
N LYS E 227 25.19 -3.49 65.03
CA LYS E 227 24.64 -2.18 65.41
C LYS E 227 24.93 -1.94 66.89
N SER E 228 25.76 -0.94 67.18
CA SER E 228 26.19 -0.69 68.54
C SER E 228 25.04 -0.11 69.36
N CYS E 229 24.62 -0.85 70.38
CA CYS E 229 23.51 -0.42 71.23
C CYS E 229 24.01 0.25 72.49
N SER F 2 -3.42 -17.05 32.39
CA SER F 2 -3.44 -18.18 31.46
C SER F 2 -4.81 -18.87 31.49
N ALA F 3 -5.27 -19.30 30.32
CA ALA F 3 -6.61 -19.88 30.21
C ALA F 3 -6.71 -21.31 30.70
N LEU F 4 -5.60 -22.02 30.83
CA LEU F 4 -5.58 -23.39 31.34
C LEU F 4 -5.02 -23.40 32.76
N THR F 5 -5.68 -24.15 33.64
CA THR F 5 -5.39 -24.13 35.06
C THR F 5 -4.57 -25.36 35.44
N GLN F 6 -3.36 -25.13 35.90
CA GLN F 6 -2.45 -26.18 36.36
C GLN F 6 -2.19 -26.03 37.86
N PRO F 7 -1.79 -27.11 38.52
CA PRO F 7 -1.23 -26.97 39.86
C PRO F 7 -0.03 -26.03 39.85
N ALA F 8 0.15 -25.28 40.93
CA ALA F 8 1.30 -24.40 41.01
C ALA F 8 2.59 -25.20 41.13
N SER F 9 2.62 -26.14 42.06
CA SER F 9 3.80 -26.97 42.30
C SER F 9 3.36 -28.35 42.74
N VAL F 10 4.12 -29.36 42.34
CA VAL F 10 3.86 -30.74 42.73
C VAL F 10 5.16 -31.33 43.26
N SER F 11 5.06 -32.01 44.40
CA SER F 11 6.22 -32.66 45.01
C SER F 11 6.03 -34.18 44.94
N GLY F 12 7.04 -34.87 44.43
CA GLY F 12 7.00 -36.32 44.34
C GLY F 12 8.29 -36.98 44.79
N SER F 13 8.19 -38.11 45.49
CA SER F 13 9.40 -38.83 45.89
C SER F 13 10.05 -39.45 44.65
N PRO F 14 11.38 -39.38 44.53
CA PRO F 14 12.04 -39.94 43.34
C PRO F 14 11.73 -41.41 43.18
N GLY F 15 11.31 -41.79 41.97
CA GLY F 15 10.89 -43.13 41.65
C GLY F 15 9.39 -43.33 41.66
N GLN F 16 8.66 -42.52 42.42
CA GLN F 16 7.21 -42.63 42.52
C GLN F 16 6.56 -42.26 41.19
N SER F 17 5.25 -42.06 41.22
CA SER F 17 4.50 -41.64 40.05
C SER F 17 3.67 -40.42 40.44
N ILE F 18 3.65 -39.42 39.57
CA ILE F 18 2.94 -38.17 39.83
C ILE F 18 2.05 -37.85 38.65
N THR F 19 1.15 -36.89 38.85
CA THR F 19 0.17 -36.51 37.84
C THR F 19 -0.06 -35.00 37.91
N ILE F 20 -0.14 -34.37 36.73
CA ILE F 20 -0.39 -32.93 36.62
C ILE F 20 -1.70 -32.73 35.86
N SER F 21 -2.57 -31.89 36.41
CA SER F 21 -3.90 -31.66 35.87
C SER F 21 -3.93 -30.40 35.01
N CYS F 22 -4.74 -30.42 33.96
CA CYS F 22 -4.98 -29.26 33.11
C CYS F 22 -6.47 -29.22 32.85
N ALA F 23 -7.16 -28.26 33.44
CA ALA F 23 -8.61 -28.15 33.32
C ALA F 23 -8.97 -26.92 32.50
N GLY F 24 -9.90 -27.10 31.56
CA GLY F 24 -10.41 -25.98 30.80
C GLY F 24 -11.87 -26.21 30.48
N SER F 25 -12.46 -25.22 29.82
CA SER F 25 -13.88 -25.31 29.44
C SER F 25 -14.06 -26.42 28.40
N SER F 26 -15.32 -26.66 28.02
CA SER F 26 -15.58 -27.52 26.87
C SER F 26 -15.04 -26.91 25.58
N ARG F 27 -14.72 -25.62 25.60
CA ARG F 27 -14.19 -24.94 24.43
C ARG F 27 -12.83 -25.49 24.02
N ASP F 28 -12.04 -26.00 24.97
CA ASP F 28 -10.67 -26.42 24.69
C ASP F 28 -10.45 -27.89 25.05
N VAL F 29 -10.41 -28.24 26.33
CA VAL F 29 -10.00 -29.58 26.72
C VAL F 29 -11.07 -30.60 26.34
N GLY F 30 -12.32 -30.33 26.68
CA GLY F 30 -13.36 -31.34 26.50
C GLY F 30 -13.65 -31.62 25.03
N GLY F 31 -13.87 -30.57 24.25
CA GLY F 31 -14.27 -30.78 22.87
C GLY F 31 -13.15 -31.06 21.89
N PHE F 32 -11.89 -30.94 22.32
CA PHE F 32 -10.75 -31.12 21.44
C PHE F 32 -9.77 -32.14 22.01
N ASP F 33 -9.03 -32.78 21.10
CA ASP F 33 -7.93 -33.67 21.46
C ASP F 33 -6.58 -33.00 21.22
N LEU F 34 -6.52 -31.67 21.33
CA LEU F 34 -5.30 -30.93 21.06
C LEU F 34 -4.49 -30.65 22.31
N VAL F 35 -4.78 -31.35 23.41
CA VAL F 35 -3.98 -31.21 24.62
C VAL F 35 -2.56 -31.67 24.34
N SER F 36 -1.59 -30.82 24.66
CA SER F 36 -0.19 -31.18 24.52
C SER F 36 0.58 -30.54 25.67
N TRP F 37 1.64 -31.22 26.11
CA TRP F 37 2.41 -30.81 27.28
C TRP F 37 3.86 -30.53 26.89
N TYR F 38 4.49 -29.61 27.63
CA TYR F 38 5.87 -29.21 27.37
C TYR F 38 6.67 -29.23 28.67
N GLN F 39 7.93 -29.66 28.57
CA GLN F 39 8.87 -29.60 29.68
C GLN F 39 9.88 -28.48 29.42
N GLN F 40 10.25 -27.75 30.47
CA GLN F 40 11.23 -26.69 30.34
C GLN F 40 12.17 -26.76 31.54
N HIS F 41 13.42 -27.13 31.30
CA HIS F 41 14.42 -27.01 32.33
C HIS F 41 14.68 -25.54 32.62
N PRO F 42 14.95 -25.18 33.87
CA PRO F 42 15.18 -23.76 34.20
C PRO F 42 16.31 -23.18 33.37
N GLY F 43 16.06 -22.02 32.77
CA GLY F 43 17.08 -21.38 31.97
C GLY F 43 17.39 -22.11 30.68
N LYS F 44 16.41 -22.82 30.12
CA LYS F 44 16.55 -23.49 28.84
C LYS F 44 15.28 -23.28 28.03
N ALA F 45 15.38 -23.60 26.74
CA ALA F 45 14.20 -23.56 25.89
C ALA F 45 13.22 -24.64 26.32
N PRO F 46 11.92 -24.40 26.16
CA PRO F 46 10.92 -25.44 26.43
C PRO F 46 11.10 -26.62 25.48
N LYS F 47 10.41 -27.71 25.80
CA LYS F 47 10.53 -28.94 25.02
C LYS F 47 9.22 -29.70 25.03
N LEU F 48 8.75 -30.08 23.85
CA LEU F 48 7.49 -30.80 23.73
C LEU F 48 7.61 -32.21 24.28
N ILE F 49 6.54 -32.71 24.91
CA ILE F 49 6.58 -34.00 25.58
C ILE F 49 5.43 -34.88 25.12
N ILE F 50 4.21 -34.33 25.12
CA ILE F 50 3.00 -35.06 24.78
C ILE F 50 2.19 -34.19 23.82
N TYR F 51 1.39 -34.84 22.98
CA TYR F 51 0.41 -34.15 22.15
C TYR F 51 -0.72 -35.11 21.85
N GLU F 52 -1.70 -34.62 21.09
CA GLU F 52 -2.95 -35.35 20.81
C GLU F 52 -3.44 -36.08 22.05
N VAL F 53 -3.45 -35.36 23.17
CA VAL F 53 -3.86 -35.88 24.48
C VAL F 53 -2.90 -36.96 24.95
N ASN F 54 -2.63 -37.98 24.11
CA ASN F 54 -1.70 -39.07 24.46
C ASN F 54 -0.87 -39.44 23.24
N LYS F 55 0.21 -38.69 23.01
CA LYS F 55 1.15 -38.99 21.94
C LYS F 55 2.53 -38.54 22.37
N ARG F 56 3.53 -39.41 22.21
CA ARG F 56 4.90 -39.06 22.51
C ARG F 56 5.64 -38.74 21.22
N PRO F 57 6.21 -37.56 21.07
CA PRO F 57 7.21 -37.32 20.02
C PRO F 57 8.31 -38.36 20.07
N SER F 58 9.08 -38.47 19.00
CA SER F 58 10.22 -39.38 18.99
C SER F 58 11.29 -38.85 19.93
N GLY F 59 11.64 -39.63 20.95
CA GLY F 59 12.63 -39.21 21.93
C GLY F 59 12.04 -38.91 23.29
N ILE F 60 10.91 -39.52 23.61
CA ILE F 60 10.23 -39.33 24.88
C ILE F 60 10.10 -40.70 25.55
N SER F 61 10.60 -40.82 26.78
CA SER F 61 10.64 -42.09 27.47
C SER F 61 9.24 -42.59 27.80
N SER F 62 9.09 -43.92 27.82
CA SER F 62 7.81 -44.54 28.16
C SER F 62 7.35 -44.22 29.57
N ARG F 63 8.23 -43.68 30.42
CA ARG F 63 7.79 -43.19 31.73
C ARG F 63 6.76 -42.08 31.59
N PHE F 64 6.83 -41.31 30.50
CA PHE F 64 5.95 -40.18 30.30
C PHE F 64 4.72 -40.61 29.52
N SER F 65 3.55 -40.25 30.04
CA SER F 65 2.28 -40.55 29.39
C SER F 65 1.26 -39.52 29.84
N ALA F 66 0.21 -39.33 29.03
CA ALA F 66 -0.82 -38.36 29.35
C ALA F 66 -2.16 -38.85 28.82
N SER F 67 -3.21 -38.13 29.20
CA SER F 67 -4.57 -38.47 28.81
C SER F 67 -5.46 -37.27 29.12
N LYS F 68 -6.73 -37.38 28.74
CA LYS F 68 -7.72 -36.41 29.14
C LYS F 68 -8.95 -37.14 29.65
N SER F 69 -9.53 -36.61 30.71
CA SER F 69 -10.76 -37.13 31.27
C SER F 69 -11.76 -35.98 31.30
N GLY F 70 -12.59 -35.91 30.26
CA GLY F 70 -13.57 -34.83 30.20
C GLY F 70 -12.89 -33.50 29.95
N ASN F 71 -13.18 -32.52 30.79
CA ASN F 71 -12.58 -31.19 30.70
C ASN F 71 -11.29 -31.08 31.48
N THR F 72 -10.78 -32.19 32.03
CA THR F 72 -9.56 -32.19 32.83
C THR F 72 -8.59 -33.20 32.24
N ALA F 73 -7.59 -32.71 31.52
CA ALA F 73 -6.50 -33.56 31.07
C ALA F 73 -5.50 -33.78 32.20
N SER F 74 -4.76 -34.88 32.09
CA SER F 74 -3.83 -35.26 33.16
C SER F 74 -2.54 -35.80 32.54
N LEU F 75 -1.41 -35.31 33.02
CA LEU F 75 -0.09 -35.79 32.62
C LEU F 75 0.50 -36.62 33.74
N THR F 76 1.13 -37.75 33.39
CA THR F 76 1.66 -38.69 34.36
C THR F 76 3.10 -39.06 34.03
N ILE F 77 3.93 -39.14 35.06
CA ILE F 77 5.32 -39.60 34.94
C ILE F 77 5.53 -40.73 35.94
N SER F 78 6.07 -41.84 35.47
CA SER F 78 6.43 -42.96 36.31
C SER F 78 7.94 -43.05 36.43
N GLY F 79 8.40 -43.66 37.53
CA GLY F 79 9.82 -43.78 37.80
C GLY F 79 10.56 -42.47 37.63
N LEU F 80 10.21 -41.48 38.45
CA LEU F 80 10.78 -40.15 38.32
C LEU F 80 12.30 -40.20 38.50
N GLN F 81 13.00 -39.23 37.91
CA GLN F 81 14.43 -39.15 38.09
C GLN F 81 14.90 -37.70 38.04
N GLU F 82 16.09 -37.48 38.59
CA GLU F 82 16.58 -36.12 38.88
C GLU F 82 16.58 -35.23 37.65
N GLU F 83 16.67 -35.83 36.46
CA GLU F 83 16.64 -35.05 35.23
C GLU F 83 15.29 -34.36 35.01
N ASP F 84 14.24 -34.77 35.73
CA ASP F 84 12.88 -34.31 35.50
C ASP F 84 12.51 -33.10 36.36
N GLU F 85 13.41 -32.64 37.24
CA GLU F 85 13.16 -31.45 38.03
C GLU F 85 13.13 -30.25 37.10
N ALA F 86 11.94 -29.82 36.72
CA ALA F 86 11.81 -28.77 35.71
C ALA F 86 10.41 -28.16 35.78
N HIS F 87 10.20 -27.15 34.95
CA HIS F 87 8.88 -26.54 34.79
C HIS F 87 8.09 -27.27 33.71
N TYR F 88 6.79 -27.41 33.95
CA TYR F 88 5.90 -28.14 33.05
C TYR F 88 4.65 -27.32 32.79
N TYR F 89 4.34 -27.06 31.52
CA TYR F 89 3.18 -26.29 31.12
C TYR F 89 2.29 -27.14 30.21
N CYS F 90 0.99 -27.02 30.37
CA CYS F 90 0.05 -27.72 29.49
C CYS F 90 -0.48 -26.78 28.43
N TYR F 91 -0.84 -27.35 27.28
CA TYR F 91 -1.36 -26.59 26.16
C TYR F 91 -2.61 -27.23 25.59
N SER F 92 -3.56 -26.41 25.18
CA SER F 92 -4.67 -26.83 24.35
C SER F 92 -5.10 -25.67 23.47
N TYR F 93 -5.64 -26.00 22.31
CA TYR F 93 -6.14 -24.99 21.39
C TYR F 93 -7.54 -24.56 21.81
N ALA F 94 -7.72 -23.25 21.91
CA ALA F 94 -9.03 -22.66 22.21
C ALA F 94 -9.21 -21.49 21.23
N ASP F 95 -9.48 -21.83 19.96
CA ASP F 95 -9.59 -20.86 18.86
C ASP F 95 -8.29 -20.10 18.66
N GLY F 96 -7.69 -19.62 19.74
CA GLY F 96 -6.32 -19.18 19.72
C GLY F 96 -5.44 -20.22 20.37
N VAL F 97 -4.44 -19.80 21.13
CA VAL F 97 -3.56 -20.71 21.85
C VAL F 97 -3.75 -20.45 23.34
N ALA F 98 -4.32 -21.43 24.03
CA ALA F 98 -4.41 -21.39 25.49
C ALA F 98 -3.17 -22.04 26.09
N PHE F 99 -2.97 -21.80 27.39
CA PHE F 99 -1.75 -22.27 28.05
C PHE F 99 -2.02 -22.51 29.52
N GLY F 100 -1.32 -23.50 30.08
CA GLY F 100 -1.35 -23.73 31.50
C GLY F 100 -0.32 -22.89 32.22
N GLY F 101 -0.59 -22.59 33.49
CA GLY F 101 0.26 -21.68 34.24
C GLY F 101 1.65 -22.20 34.48
N GLY F 102 1.87 -23.50 34.35
CA GLY F 102 3.16 -24.07 34.65
C GLY F 102 3.22 -24.62 36.06
N THR F 103 3.81 -25.80 36.22
CA THR F 103 3.92 -26.47 37.50
C THR F 103 5.38 -26.80 37.75
N LYS F 104 5.82 -26.67 39.00
CA LYS F 104 7.18 -26.99 39.35
C LYS F 104 7.27 -28.40 39.92
N LEU F 105 8.34 -29.11 39.57
CA LEU F 105 8.56 -30.48 40.00
C LEU F 105 9.78 -30.54 40.91
N THR F 106 9.69 -31.34 41.96
CA THR F 106 10.72 -31.37 42.99
C THR F 106 10.93 -32.77 43.52
N VAL F 107 11.35 -32.85 44.80
CA VAL F 107 11.49 -34.09 45.54
C VAL F 107 10.62 -34.00 46.78
N LEU F 108 9.88 -35.07 47.07
CA LEU F 108 8.98 -35.13 48.21
C LEU F 108 9.62 -35.91 49.36
N GLY F 109 9.27 -35.52 50.57
CA GLY F 109 9.71 -36.26 51.75
C GLY F 109 10.44 -35.41 52.78
N GLN F 110 10.21 -34.09 52.76
CA GLN F 110 10.87 -33.19 53.68
C GLN F 110 9.85 -32.48 54.58
N PRO F 111 10.12 -32.37 55.87
CA PRO F 111 9.15 -31.72 56.77
C PRO F 111 8.97 -30.25 56.44
N LYS F 112 7.81 -29.73 56.86
CA LYS F 112 7.50 -28.32 56.67
C LYS F 112 8.34 -27.46 57.62
N ALA F 113 8.71 -26.26 57.15
CA ALA F 113 9.56 -25.36 57.91
C ALA F 113 8.96 -23.96 57.90
N ALA F 114 8.87 -23.36 59.08
CA ALA F 114 8.36 -22.00 59.19
C ALA F 114 9.36 -21.00 58.62
N PRO F 115 8.88 -19.90 58.04
CA PRO F 115 9.79 -18.93 57.42
C PRO F 115 10.68 -18.25 58.46
N SER F 116 11.98 -18.29 58.22
CA SER F 116 12.94 -17.55 59.04
C SER F 116 12.93 -16.11 58.55
N VAL F 117 12.23 -15.24 59.29
CA VAL F 117 12.00 -13.86 58.89
C VAL F 117 12.88 -12.95 59.75
N THR F 118 13.47 -11.95 59.12
CA THR F 118 14.33 -10.98 59.80
C THR F 118 14.21 -9.65 59.08
N LEU F 119 14.35 -8.56 59.84
CA LEU F 119 14.12 -7.22 59.33
C LEU F 119 15.10 -6.22 59.93
N PHE F 120 15.46 -5.23 59.13
CA PHE F 120 16.43 -4.21 59.51
C PHE F 120 15.95 -2.86 59.01
N PRO F 121 16.39 -1.77 59.64
CA PRO F 121 15.97 -0.43 59.20
C PRO F 121 16.95 0.13 58.18
N PRO F 122 16.53 1.14 57.41
CA PRO F 122 17.44 1.76 56.44
C PRO F 122 18.52 2.57 57.14
N SER F 123 19.77 2.36 56.71
CA SER F 123 20.92 2.98 57.34
C SER F 123 20.93 4.49 57.11
N SER F 124 21.65 5.20 57.99
CA SER F 124 21.89 6.61 57.79
C SER F 124 22.78 6.87 56.59
N GLU F 125 23.55 5.87 56.15
CA GLU F 125 24.23 5.97 54.87
C GLU F 125 23.24 6.14 53.73
N GLU F 126 22.03 5.61 53.90
CA GLU F 126 20.92 5.84 52.97
C GLU F 126 20.01 6.98 53.38
N LEU F 127 19.74 7.14 54.68
CA LEU F 127 18.89 8.24 55.14
C LEU F 127 19.45 9.59 54.76
N GLN F 128 20.79 9.72 54.74
CA GLN F 128 21.42 10.93 54.25
C GLN F 128 21.50 10.98 52.73
N ALA F 129 21.24 9.87 52.05
CA ALA F 129 21.27 9.80 50.59
C ALA F 129 19.91 10.07 49.96
N ASN F 130 19.00 10.71 50.70
CA ASN F 130 17.64 11.01 50.23
C ASN F 130 16.90 9.74 49.81
N LYS F 131 17.20 8.61 50.46
CA LYS F 131 16.55 7.35 50.20
C LYS F 131 16.28 6.65 51.52
N ALA F 132 15.33 5.70 51.49
CA ALA F 132 15.03 4.88 52.66
C ALA F 132 14.44 3.57 52.15
N THR F 133 15.17 2.47 52.34
CA THR F 133 14.81 1.18 51.76
C THR F 133 14.76 0.12 52.85
N LEU F 134 13.75 -0.74 52.78
CA LEU F 134 13.55 -1.83 53.73
C LEU F 134 13.59 -3.16 53.00
N VAL F 135 14.21 -4.16 53.62
CA VAL F 135 14.40 -5.48 53.00
C VAL F 135 13.92 -6.54 53.99
N CYS F 136 13.13 -7.49 53.50
CA CYS F 136 12.56 -8.56 54.33
C CYS F 136 13.08 -9.90 53.85
N LEU F 137 13.91 -10.55 54.66
CA LEU F 137 14.56 -11.80 54.30
C LEU F 137 13.75 -12.99 54.80
N ILE F 138 13.56 -13.99 53.94
CA ILE F 138 12.85 -15.21 54.32
C ILE F 138 13.63 -16.39 53.76
N SER F 139 13.96 -17.34 54.64
CA SER F 139 14.72 -18.52 54.23
C SER F 139 14.34 -19.69 55.11
N ASP F 140 14.81 -20.87 54.71
CA ASP F 140 14.61 -22.09 55.48
C ASP F 140 13.12 -22.34 55.72
N PHE F 141 12.40 -22.78 54.69
CA PHE F 141 10.96 -22.95 54.77
C PHE F 141 10.54 -23.99 53.73
N TYR F 142 9.34 -24.56 53.94
CA TYR F 142 8.75 -25.55 53.05
C TYR F 142 7.30 -25.77 53.46
N PRO F 143 6.35 -25.85 52.51
CA PRO F 143 6.50 -25.76 51.05
C PRO F 143 6.89 -24.37 50.56
N GLY F 144 7.18 -24.21 49.27
CA GLY F 144 7.69 -22.96 48.75
C GLY F 144 6.64 -22.01 48.21
N ALA F 145 5.54 -21.82 48.96
CA ALA F 145 4.49 -20.89 48.56
C ALA F 145 4.04 -20.12 49.80
N VAL F 146 4.39 -18.83 49.87
CA VAL F 146 4.09 -17.96 50.98
C VAL F 146 3.66 -16.59 50.42
N THR F 147 3.43 -15.63 51.30
CA THR F 147 3.08 -14.27 50.90
C THR F 147 3.66 -13.27 51.90
N VAL F 148 4.38 -12.28 51.40
CA VAL F 148 5.04 -11.26 52.23
C VAL F 148 4.23 -9.98 52.15
N ALA F 149 3.95 -9.38 53.31
CA ALA F 149 3.20 -8.16 53.41
C ALA F 149 4.08 -7.05 53.99
N TRP F 150 3.51 -5.84 54.02
CA TRP F 150 4.17 -4.67 54.61
C TRP F 150 3.12 -3.82 55.31
N LYS F 151 3.37 -3.47 56.57
CA LYS F 151 2.44 -2.67 57.36
C LYS F 151 3.20 -1.53 58.02
N ALA F 152 2.90 -0.30 57.60
CA ALA F 152 3.38 0.89 58.31
C ALA F 152 2.48 1.10 59.53
N ASP F 153 3.02 0.80 60.71
CA ASP F 153 2.22 0.65 61.94
C ASP F 153 1.24 -0.47 61.69
N SER F 154 -0.07 -0.23 61.72
CA SER F 154 -1.04 -1.22 61.29
C SER F 154 -1.62 -0.91 59.92
N SER F 155 -1.26 0.24 59.34
CA SER F 155 -1.79 0.64 58.04
C SER F 155 -0.85 0.20 56.93
N PRO F 156 -1.28 -0.65 56.01
CA PRO F 156 -0.37 -1.15 54.97
C PRO F 156 0.02 -0.06 53.98
N VAL F 157 1.14 -0.29 53.31
CA VAL F 157 1.65 0.59 52.26
C VAL F 157 2.16 -0.31 51.13
N LYS F 158 1.42 -0.34 50.02
CA LYS F 158 1.82 -1.14 48.86
C LYS F 158 2.87 -0.46 48.01
N ALA F 159 3.24 0.78 48.32
CA ALA F 159 4.14 1.56 47.47
C ALA F 159 5.58 1.10 47.67
N GLY F 160 6.22 0.69 46.57
CA GLY F 160 7.59 0.23 46.57
C GLY F 160 7.78 -1.23 46.91
N VAL F 161 6.74 -2.04 46.84
CA VAL F 161 6.82 -3.45 47.24
C VAL F 161 7.31 -4.26 46.04
N GLU F 162 8.39 -5.01 46.25
CA GLU F 162 8.97 -5.87 45.23
C GLU F 162 9.40 -7.17 45.90
N THR F 163 9.12 -8.29 45.24
CA THR F 163 9.41 -9.61 45.80
C THR F 163 9.97 -10.51 44.71
N THR F 164 11.02 -11.26 45.07
CA THR F 164 11.76 -12.07 44.10
C THR F 164 11.04 -13.40 43.86
N THR F 165 11.74 -14.31 43.20
CA THR F 165 11.31 -15.69 43.00
C THR F 165 12.09 -16.60 43.93
N PRO F 166 11.41 -17.49 44.66
CA PRO F 166 12.14 -18.34 45.61
C PRO F 166 13.20 -19.18 44.92
N SER F 167 14.34 -19.31 45.58
CA SER F 167 15.44 -20.11 45.08
C SER F 167 15.66 -21.28 46.02
N LYS F 168 15.43 -22.50 45.51
CA LYS F 168 15.74 -23.69 46.30
C LYS F 168 17.22 -23.70 46.64
N GLN F 169 17.52 -23.88 47.92
CA GLN F 169 18.88 -23.70 48.41
C GLN F 169 19.55 -25.06 48.64
N SER F 170 20.71 -25.03 49.30
CA SER F 170 21.55 -26.20 49.50
C SER F 170 20.89 -27.16 50.47
N ASN F 171 19.75 -26.75 51.03
CA ASN F 171 19.06 -27.54 52.05
C ASN F 171 17.65 -27.94 51.62
N ASN F 172 17.38 -27.96 50.30
CA ASN F 172 16.06 -28.28 49.74
C ASN F 172 15.00 -27.24 50.09
N LYS F 173 15.22 -26.47 51.15
CA LYS F 173 14.35 -25.35 51.47
C LYS F 173 14.69 -24.15 50.59
N TYR F 174 13.69 -23.31 50.37
CA TYR F 174 13.85 -22.20 49.44
C TYR F 174 14.28 -20.94 50.21
N ALA F 175 14.41 -19.84 49.46
CA ALA F 175 14.77 -18.57 50.06
C ALA F 175 14.27 -17.47 49.14
N ALA F 176 13.63 -16.45 49.71
CA ALA F 176 13.10 -15.33 48.95
C ALA F 176 13.18 -14.07 49.80
N SER F 177 13.03 -12.92 49.14
CA SER F 177 13.18 -11.64 49.80
C SER F 177 12.17 -10.65 49.26
N SER F 178 12.04 -9.53 49.96
CA SER F 178 11.15 -8.44 49.58
C SER F 178 11.82 -7.11 49.89
N TYR F 179 11.32 -6.05 49.25
CA TYR F 179 11.92 -4.72 49.38
C TYR F 179 10.82 -3.67 49.38
N LEU F 180 11.10 -2.53 50.02
CA LEU F 180 10.15 -1.44 50.15
C LEU F 180 10.87 -0.11 49.98
N SER F 181 10.46 0.68 48.99
CA SER F 181 11.08 1.97 48.70
C SER F 181 10.30 3.08 49.38
N LEU F 182 11.01 4.00 50.02
CA LEU F 182 10.40 5.10 50.76
C LEU F 182 11.29 6.31 50.65
N THR F 183 11.08 7.29 51.53
CA THR F 183 11.90 8.48 51.64
C THR F 183 12.36 8.65 53.08
N PRO F 184 13.50 9.31 53.31
CA PRO F 184 13.93 9.56 54.69
C PRO F 184 12.91 10.32 55.51
N GLU F 185 12.09 11.16 54.86
CA GLU F 185 10.98 11.78 55.57
C GLU F 185 9.89 10.76 55.86
N GLN F 186 9.58 9.89 54.90
CA GLN F 186 8.67 8.77 55.16
C GLN F 186 9.25 7.80 56.19
N TRP F 187 10.57 7.73 56.31
CA TRP F 187 11.17 6.83 57.28
C TRP F 187 11.10 7.40 58.69
N LYS F 188 11.54 8.65 58.87
CA LYS F 188 11.62 9.26 60.19
C LYS F 188 10.26 9.73 60.72
N SER F 189 9.21 9.66 59.91
CA SER F 189 7.90 10.13 60.35
C SER F 189 7.05 9.02 60.96
N HIS F 190 7.10 7.82 60.40
CA HIS F 190 6.29 6.71 60.88
C HIS F 190 6.82 6.19 62.22
N ARG F 191 5.92 5.59 62.99
CA ARG F 191 6.31 4.96 64.25
C ARG F 191 7.13 3.71 64.01
N SER F 192 6.63 2.79 63.17
CA SER F 192 7.31 1.53 62.93
C SER F 192 6.92 1.00 61.55
N TYR F 193 7.85 0.24 60.95
CA TYR F 193 7.62 -0.45 59.70
C TYR F 193 7.75 -1.95 59.91
N SER F 194 6.84 -2.72 59.34
CA SER F 194 6.73 -4.13 59.63
C SER F 194 6.75 -4.96 58.35
N CYS F 195 7.04 -6.26 58.52
CA CYS F 195 6.96 -7.24 57.44
C CYS F 195 6.21 -8.46 57.98
N GLN F 196 5.02 -8.70 57.45
CA GLN F 196 4.15 -9.78 57.91
C GLN F 196 4.22 -10.92 56.90
N VAL F 197 4.73 -12.07 57.35
CA VAL F 197 4.90 -13.25 56.51
C VAL F 197 3.96 -14.33 57.03
N THR F 198 3.10 -14.85 56.16
CA THR F 198 2.08 -15.82 56.53
C THR F 198 2.25 -17.08 55.68
N HIS F 199 2.68 -18.17 56.30
CA HIS F 199 2.96 -19.43 55.62
C HIS F 199 1.94 -20.48 56.02
N GLU F 200 1.18 -20.97 55.03
CA GLU F 200 0.28 -22.11 55.23
C GLU F 200 -0.69 -21.85 56.38
N GLY F 201 -1.10 -20.59 56.53
CA GLY F 201 -1.97 -20.19 57.61
C GLY F 201 -1.27 -19.76 58.89
N SER F 202 0.06 -19.71 58.89
CA SER F 202 0.84 -19.31 60.07
C SER F 202 1.56 -18.01 59.76
N THR F 203 1.18 -16.94 60.45
CA THR F 203 1.76 -15.62 60.23
C THR F 203 3.01 -15.44 61.08
N VAL F 204 4.10 -15.03 60.44
CA VAL F 204 5.33 -14.63 61.11
C VAL F 204 5.62 -13.19 60.71
N GLU F 205 5.69 -12.29 61.69
CA GLU F 205 5.79 -10.87 61.42
C GLU F 205 6.99 -10.29 62.14
N LYS F 206 7.61 -9.29 61.51
CA LYS F 206 8.76 -8.58 62.08
C LYS F 206 8.56 -7.08 61.87
N THR F 207 9.32 -6.28 62.61
CA THR F 207 9.10 -4.83 62.66
C THR F 207 10.40 -4.11 62.99
N VAL F 208 10.63 -2.96 62.35
CA VAL F 208 11.77 -2.09 62.64
C VAL F 208 11.29 -0.64 62.69
N ALA F 209 12.16 0.23 63.21
CA ALA F 209 11.83 1.63 63.45
C ALA F 209 13.11 2.45 63.35
N PRO F 210 12.99 3.77 63.15
CA PRO F 210 14.19 4.61 63.06
C PRO F 210 14.95 4.66 64.38
N THR F 211 16.27 4.48 64.29
CA THR F 211 17.18 4.56 65.44
C THR F 211 16.73 3.67 66.59
C1 NAG G . -17.75 -72.02 4.21
C2 NAG G . -16.24 -71.98 3.87
C3 NAG G . -15.43 -72.67 4.95
C4 NAG G . -15.73 -72.01 6.29
C5 NAG G . -17.25 -72.02 6.54
C6 NAG G . -17.62 -71.34 7.84
C7 NAG G . -15.62 -71.81 1.51
C8 NAG G . -15.38 -72.59 0.24
N2 NAG G . -15.98 -72.55 2.57
O3 NAG G . -14.07 -72.53 4.59
O4 NAG G . -15.02 -72.75 7.27
O5 NAG G . -17.94 -71.40 5.46
O6 NAG G . -16.99 -70.09 7.94
O7 NAG G . -15.49 -70.59 1.55
C1 FUC G . -16.92 -69.70 9.33
C2 FUC G . -16.03 -68.45 9.46
C3 FUC G . -16.68 -67.23 8.80
C4 FUC G . -18.08 -67.01 9.39
C5 FUC G . -18.88 -68.31 9.25
C6 FUC G . -20.27 -68.25 9.86
O2 FUC G . -14.76 -68.74 8.91
O3 FUC G . -15.82 -66.14 8.99
O4 FUC G . -17.94 -66.62 10.73
O5 FUC G . -18.20 -69.40 9.84
C1 NAG H . -15.53 -58.49 6.61
C2 NAG H . -16.43 -58.63 7.84
C3 NAG H . -16.15 -57.42 8.75
C4 NAG H . -14.67 -57.21 9.05
C5 NAG H . -13.82 -57.38 7.77
C6 NAG H . -12.32 -57.52 7.99
C7 NAG H . -18.80 -59.10 8.31
C8 NAG H . -20.19 -59.06 7.72
N2 NAG H . -17.82 -58.68 7.49
O3 NAG H . -16.90 -57.55 9.93
O4 NAG H . -14.67 -55.89 9.54
O5 NAG H . -14.20 -58.53 7.07
O6 NAG H . -12.07 -58.62 8.83
O7 NAG H . -18.62 -59.49 9.45
C1 NAG H . -13.64 -55.61 10.51
C2 NAG H . -13.44 -54.09 10.45
C3 NAG H . -12.35 -53.65 11.42
C4 NAG H . -12.66 -54.18 12.81
C5 NAG H . -12.92 -55.69 12.74
C6 NAG H . -13.24 -56.34 14.08
C7 NAG H . -12.13 -53.97 8.33
C8 NAG H . -12.17 -53.36 6.95
N2 NAG H . -13.19 -53.66 9.10
O3 NAG H . -12.26 -52.26 11.35
O4 NAG H . -11.55 -53.90 13.65
O5 NAG H . -13.97 -55.98 11.83
O6 NAG H . -12.66 -57.62 14.15
O7 NAG H . -11.20 -54.68 8.67
C1 BMA H . -11.72 -52.66 14.35
C2 BMA H . -11.65 -52.98 15.84
C3 BMA H . -11.54 -51.70 16.70
C4 BMA H . -10.65 -50.56 16.14
C5 BMA H . -10.47 -50.53 14.62
C6 BMA H . -9.13 -49.97 14.16
O2 BMA H . -10.59 -53.87 16.05
O3 BMA H . -11.12 -52.14 17.98
O4 BMA H . -11.27 -49.37 16.58
O5 BMA H . -10.72 -51.76 13.95
O6 BMA H . -8.12 -50.51 14.98
C1 NAG I . -36.59 -45.79 -5.91
C2 NAG I . -37.06 -46.52 -7.16
C3 NAG I . -38.55 -46.26 -7.32
C4 NAG I . -39.28 -46.70 -6.06
C5 NAG I . -38.64 -46.09 -4.81
C6 NAG I . -39.21 -46.59 -3.49
C7 NAG I . -35.09 -46.51 -8.62
C8 NAG I . -34.53 -46.01 -9.93
N2 NAG I . -36.36 -46.14 -8.35
O3 NAG I . -39.01 -46.90 -8.47
O4 NAG I . -40.59 -46.24 -6.25
O5 NAG I . -37.26 -46.33 -4.79
O6 NAG I . -38.84 -47.95 -3.32
O7 NAG I . -34.43 -47.19 -7.86
C1 NAG I . -41.52 -47.34 -6.21
C2 NAG I . -42.85 -46.79 -5.65
C3 NAG I . -43.91 -47.89 -5.65
C4 NAG I . -44.04 -48.48 -7.05
C5 NAG I . -42.66 -48.96 -7.53
C6 NAG I . -42.68 -49.52 -8.93
C7 NAG I . -42.13 -45.02 -4.10
C8 NAG I . -42.07 -44.61 -2.65
N2 NAG I . -42.69 -46.22 -4.35
O3 NAG I . -45.12 -47.32 -5.21
O4 NAG I . -44.97 -49.54 -6.98
O5 NAG I . -41.73 -47.89 -7.49
O6 NAG I . -43.11 -48.53 -9.83
O7 NAG I . -41.68 -44.29 -4.98
C1 NAG J . 12.03 9.46 -5.76
C2 NAG J . 13.50 9.23 -5.36
C3 NAG J . 13.67 9.20 -3.84
C4 NAG J . 13.16 10.54 -3.31
C5 NAG J . 11.64 10.56 -3.56
C6 NAG J . 10.91 11.84 -3.20
C7 NAG J . 14.79 8.11 -7.12
C8 NAG J . 15.23 6.79 -7.70
N2 NAG J . 14.01 8.06 -6.02
O3 NAG J . 15.03 8.99 -3.57
O4 NAG J . 13.71 10.78 -2.00
O5 NAG J . 11.41 10.45 -4.96
O6 NAG J . 9.61 11.81 -3.74
O7 NAG J . 15.12 9.16 -7.65
C1 NAG J . 12.91 10.63 -0.80
C2 NAG J . 13.72 9.76 0.17
C3 NAG J . 13.13 9.74 1.58
C4 NAG J . 12.87 11.16 2.06
C5 NAG J . 11.96 11.85 1.04
C6 NAG J . 11.57 13.25 1.47
C7 NAG J . 14.75 7.53 -0.01
C8 NAG J . 14.61 6.18 -0.69
N2 NAG J . 13.80 8.42 -0.34
O3 NAG J . 14.03 9.08 2.43
O4 NAG J . 12.25 11.07 3.33
O5 NAG J . 12.62 11.89 -0.22
O6 NAG J . 11.12 13.19 2.80
O7 NAG J . 15.66 7.76 0.76
C1 NAG K . 13.50 9.54 -19.58
C2 NAG K . 14.94 9.43 -20.07
C3 NAG K . 15.20 10.75 -20.81
C4 NAG K . 14.14 11.14 -21.85
C5 NAG K . 12.73 10.75 -21.35
C6 NAG K . 11.60 10.91 -22.37
C7 NAG K . 16.50 8.16 -18.66
C8 NAG K . 17.38 8.22 -17.42
N2 NAG K . 15.83 9.28 -18.95
O3 NAG K . 16.51 10.72 -21.32
O4 NAG K . 14.26 12.55 -21.91
O5 NAG K . 12.67 9.47 -20.72
O6 NAG K . 12.05 10.82 -23.70
O7 NAG K . 16.42 7.14 -19.33
C1 NAG K . 14.40 13.31 -23.17
C2 NAG K . 15.21 12.65 -24.30
C3 NAG K . 15.46 13.75 -25.35
C4 NAG K . 14.16 14.40 -25.84
C5 NAG K . 13.16 14.66 -24.69
C6 NAG K . 11.72 14.88 -25.12
C7 NAG K . 16.96 10.92 -24.26
C8 NAG K . 18.34 10.58 -23.77
N2 NAG K . 16.50 12.14 -23.91
O3 NAG K . 16.21 13.20 -26.39
O4 NAG K . 14.53 15.58 -26.52
O5 NAG K . 13.14 13.58 -23.77
O6 NAG K . 11.60 15.85 -26.14
O7 NAG K . 16.31 10.12 -24.93
C1 BMA K . 14.14 15.54 -27.91
C2 BMA K . 13.64 16.94 -28.25
C3 BMA K . 13.38 17.12 -29.76
C4 BMA K . 14.40 16.46 -30.71
C5 BMA K . 15.21 15.29 -30.14
C6 BMA K . 16.66 15.26 -30.61
O2 BMA K . 14.55 17.87 -27.75
O3 BMA K . 13.33 18.51 -29.89
O4 BMA K . 13.65 16.02 -31.84
O5 BMA K . 15.24 15.18 -28.72
O6 BMA K . 17.13 16.60 -30.57
C1 MAN K . 12.43 18.93 -30.93
C2 MAN K . 13.15 20.06 -31.63
C3 MAN K . 13.47 20.95 -30.45
C4 MAN K . 12.17 21.59 -29.99
C5 MAN K . 11.23 20.48 -29.48
C6 MAN K . 9.80 20.97 -29.36
O2 MAN K . 12.22 20.62 -32.54
O3 MAN K . 14.43 21.90 -30.86
O4 MAN K . 12.52 22.63 -29.09
O5 MAN K . 11.21 19.37 -30.38
O6 MAN K . 8.99 19.92 -28.87
C1 NAG K . 12.63 22.23 -27.71
C2 NAG K . 14.06 22.50 -27.20
C3 NAG K . 14.16 22.42 -25.68
C4 NAG K . 13.08 23.28 -25.05
C5 NAG K . 11.71 22.80 -25.58
C6 NAG K . 10.54 23.55 -24.99
C7 NAG K . 16.12 21.84 -28.45
C8 NAG K . 16.87 20.62 -28.90
N2 NAG K . 14.99 21.55 -27.76
O3 NAG K . 15.45 22.83 -25.32
O4 NAG K . 13.18 23.12 -23.66
O5 NAG K . 11.68 22.96 -26.98
O6 NAG K . 9.38 23.28 -25.76
O7 NAG K . 16.50 22.97 -28.69
C1 GAL K . 13.70 24.35 -23.10
C2 GAL K . 13.08 24.51 -21.71
C3 GAL K . 13.68 25.74 -21.05
C4 GAL K . 15.20 25.65 -21.01
C5 GAL K . 15.69 25.47 -22.45
C6 GAL K . 17.19 25.34 -22.53
O2 GAL K . 11.69 24.63 -21.86
O3 GAL K . 13.09 25.86 -19.78
O4 GAL K . 15.55 24.57 -20.18
O5 GAL K . 15.10 24.30 -23.00
O6 GAL K . 17.57 25.24 -23.89
C1 NAG K . 12.76 21.59 -33.48
C2 NAG K . 11.56 22.45 -33.88
C3 NAG K . 11.99 23.58 -34.80
C4 NAG K . 13.06 24.42 -34.10
C5 NAG K . 14.23 23.52 -33.72
C6 NAG K . 15.30 24.26 -32.94
C7 NAG K . 9.51 21.07 -33.82
C8 NAG K . 8.58 20.25 -34.67
N2 NAG K . 10.54 21.63 -34.49
O3 NAG K . 10.85 24.34 -35.13
O4 NAG K . 13.46 25.44 -34.99
O5 NAG K . 13.77 22.43 -32.93
O6 NAG K . 16.38 23.40 -32.64
O7 NAG K . 9.33 21.21 -32.62
C1 MAN K . 18.56 16.59 -30.69
C2 MAN K . 19.04 18.04 -30.41
C3 MAN K . 18.68 18.96 -31.60
C4 MAN K . 19.00 18.35 -32.97
C5 MAN K . 18.42 16.94 -33.04
C6 MAN K . 18.74 16.21 -34.32
O2 MAN K . 20.36 17.90 -29.90
O3 MAN K . 19.19 20.27 -31.42
O4 MAN K . 18.41 19.19 -33.94
O5 MAN K . 18.94 16.17 -31.97
O6 MAN K . 17.81 15.17 -34.48
C1 NAG K . 21.48 18.54 -30.57
C2 NAG K . 21.97 19.68 -29.67
C3 NAG K . 23.33 20.21 -30.12
C4 NAG K . 24.34 19.09 -30.37
C5 NAG K . 23.69 18.11 -31.35
C6 NAG K . 24.57 16.94 -31.73
C7 NAG K . 20.71 21.48 -28.56
C8 NAG K . 19.76 22.62 -28.78
N2 NAG K . 21.05 20.80 -29.67
O3 NAG K . 23.76 21.11 -29.12
O4 NAG K . 25.50 19.68 -30.90
O5 NAG K . 22.51 17.60 -30.78
O6 NAG K . 24.81 16.16 -30.59
O7 NAG K . 21.14 21.21 -27.45
C1 GAL K . 26.54 19.77 -29.90
C2 GAL K . 27.79 19.08 -30.45
C3 GAL K . 28.91 19.20 -29.42
C4 GAL K . 29.18 20.66 -29.05
C5 GAL K . 27.84 21.29 -28.61
C6 GAL K . 27.99 22.77 -28.35
O2 GAL K . 27.49 17.74 -30.71
O3 GAL K . 30.03 18.55 -29.94
O4 GAL K . 29.74 21.31 -30.17
O5 GAL K . 26.85 21.11 -29.61
O6 GAL K . 26.75 23.28 -27.91
C1 FUC K . 10.91 11.03 -24.56
C2 FUC K . 11.35 11.09 -26.04
C3 FUC K . 11.78 9.73 -26.61
C4 FUC K . 10.70 8.69 -26.32
C5 FUC K . 10.48 8.72 -24.82
C6 FUC K . 9.61 7.59 -24.33
O2 FUC K . 12.41 11.99 -26.16
O3 FUC K . 12.02 9.91 -27.99
O4 FUC K . 9.55 9.01 -27.04
O5 FUC K . 9.98 9.99 -24.40
C1 NAG L . 27.42 2.11 -19.89
C2 NAG L . 27.00 3.05 -18.76
C3 NAG L . 27.85 4.32 -18.82
C4 NAG L . 29.36 4.02 -18.77
C5 NAG L . 29.70 2.88 -19.75
C6 NAG L . 31.04 2.22 -19.55
C7 NAG L . 24.63 2.80 -18.06
C8 NAG L . 25.10 1.75 -17.07
N2 NAG L . 25.59 3.37 -18.82
O3 NAG L . 27.47 5.19 -17.78
O4 NAG L . 30.01 5.23 -19.10
O5 NAG L . 28.78 1.81 -19.66
O6 NAG L . 31.03 1.51 -18.34
O7 NAG L . 23.45 3.10 -18.14
C1 NAG L . 31.27 5.44 -18.41
C2 NAG L . 32.05 6.53 -19.17
C3 NAG L . 33.36 6.89 -18.44
C4 NAG L . 33.05 7.24 -17.00
C5 NAG L . 32.27 6.08 -16.35
C6 NAG L . 31.94 6.35 -14.89
C7 NAG L . 33.02 5.37 -21.27
C8 NAG L . 33.83 4.32 -20.54
N2 NAG L . 32.28 6.28 -20.57
O3 NAG L . 33.95 7.95 -19.16
O4 NAG L . 34.28 7.44 -16.34
O5 NAG L . 31.07 5.85 -17.08
O6 NAG L . 31.61 7.71 -14.73
O7 NAG L . 33.03 5.38 -22.49
C1 BMA L . 34.56 8.85 -16.26
C2 BMA L . 34.97 9.12 -14.83
C3 BMA L . 35.57 10.53 -14.67
C4 BMA L . 36.50 11.04 -15.79
C5 BMA L . 36.24 10.44 -17.17
C6 BMA L . 37.48 10.34 -18.06
O2 BMA L . 35.83 8.10 -14.41
O3 BMA L . 36.15 10.52 -13.38
O4 BMA L . 36.27 12.44 -15.86
O5 BMA L . 35.59 9.18 -17.18
O6 BMA L . 36.97 9.95 -19.32
C1 MAN L . 36.04 11.83 -12.78
C2 MAN L . 36.47 11.69 -11.30
C3 MAN L . 35.39 10.97 -10.49
C4 MAN L . 34.07 11.72 -10.62
C5 MAN L . 33.68 11.77 -12.10
C6 MAN L . 32.44 12.61 -12.33
O2 MAN L . 36.72 12.99 -10.83
O3 MAN L . 35.84 10.90 -9.16
O4 MAN L . 33.12 11.01 -9.85
O5 MAN L . 34.72 12.34 -12.88
O6 MAN L . 32.08 12.52 -13.69
C1 MAN L . 37.82 10.46 -20.37
C2 MAN L . 37.04 11.50 -21.18
C3 MAN L . 35.90 10.85 -21.98
C4 MAN L . 36.36 9.60 -22.72
C5 MAN L . 37.12 8.68 -21.76
C6 MAN L . 37.68 7.45 -22.44
O2 MAN L . 37.96 12.15 -22.01
O3 MAN L . 35.43 11.83 -22.88
O4 MAN L . 35.21 8.98 -23.26
O5 MAN L . 38.20 9.39 -21.20
O6 MAN L . 38.22 6.60 -21.46
C1 NAG M . 17.89 -11.34 -2.38
C2 NAG M . 18.57 -11.83 -1.11
C3 NAG M . 17.70 -11.57 0.11
C4 NAG M . 17.17 -10.15 0.19
C5 NAG M . 16.69 -9.62 -1.16
C6 NAG M . 16.62 -8.11 -1.19
C7 NAG M . 20.18 -13.63 -1.53
C8 NAG M . 20.37 -15.13 -1.62
N2 NAG M . 18.93 -13.22 -1.24
O3 NAG M . 18.52 -11.84 1.21
O4 NAG M . 16.03 -10.25 1.01
O5 NAG M . 17.51 -10.01 -2.23
O6 NAG M . 17.91 -7.60 -1.06
O7 NAG M . 21.11 -12.85 -1.71
C1 NAG M . 16.05 -9.80 2.40
C2 NAG M . 17.18 -8.86 2.87
C3 NAG M . 16.81 -8.22 4.23
C4 NAG M . 15.32 -8.01 4.63
C5 NAG M . 14.43 -9.00 3.87
C6 NAG M . 12.95 -8.71 3.82
C7 NAG M . 19.66 -8.89 2.96
C8 NAG M . 20.85 -9.80 3.15
N2 NAG M . 18.46 -9.51 3.03
O3 NAG M . 17.54 -7.01 4.32
O4 NAG M . 15.25 -8.30 6.02
O5 NAG M . 14.87 -9.05 2.53
O6 NAG M . 12.72 -8.30 2.50
O7 NAG M . 19.80 -7.67 2.77
C1 BMA M . 15.25 -7.31 7.15
C2 BMA M . 16.35 -6.22 7.02
C3 BMA M . 16.44 -5.46 8.38
C4 BMA M . 15.05 -4.89 8.79
C5 BMA M . 13.88 -5.82 8.49
C6 BMA M . 12.51 -5.14 8.61
O2 BMA M . 16.08 -5.38 5.93
O3 BMA M . 17.56 -4.56 8.30
O4 BMA M . 15.10 -4.69 10.19
O5 BMA M . 14.00 -6.58 7.28
O6 BMA M . 11.64 -5.73 7.69
C1 MAN M . 17.99 -3.89 9.54
C2 MAN M . 19.54 -3.92 9.69
C3 MAN M . 19.99 -5.30 10.15
C4 MAN M . 19.45 -5.51 11.55
C5 MAN M . 17.92 -5.54 11.47
C6 MAN M . 17.28 -5.46 12.84
O2 MAN M . 19.89 -2.98 10.68
O3 MAN M . 21.39 -5.34 10.12
O4 MAN M . 19.99 -6.72 12.05
O5 MAN M . 17.38 -4.46 10.71
O6 MAN M . 16.31 -4.43 12.84
C1 NAG M . 21.00 -2.09 10.34
C2 NAG M . 21.06 -1.03 11.45
C3 NAG M . 22.17 -0.01 11.20
C4 NAG M . 23.51 -0.69 11.01
C5 NAG M . 23.34 -1.80 9.94
C6 NAG M . 24.59 -2.60 9.69
C7 NAG M . 18.90 -0.64 12.60
C8 NAG M . 19.34 -1.67 13.61
N2 NAG M . 19.78 -0.39 11.60
O3 NAG M . 22.19 0.89 12.29
O4 NAG M . 24.45 0.30 10.61
O5 NAG M . 22.28 -2.68 10.28
O6 NAG M . 24.96 -3.30 10.85
O7 NAG M . 17.82 -0.08 12.68
C1 GAL M . 25.45 0.57 11.61
C2 GAL M . 26.74 1.03 10.90
C3 GAL M . 27.82 1.35 11.94
C4 GAL M . 27.33 2.38 12.95
C5 GAL M . 26.01 1.87 13.54
C6 GAL M . 25.41 2.87 14.50
O2 GAL M . 27.16 0.02 10.03
O3 GAL M . 28.97 1.76 11.24
O4 GAL M . 27.21 3.63 12.32
O5 GAL M . 25.07 1.58 12.52
O6 GAL M . 25.19 2.25 15.74
C1 MAN M . 11.06 -4.65 6.93
C2 MAN M . 10.19 -5.23 5.80
C3 MAN M . 11.08 -5.81 4.72
C4 MAN M . 11.81 -4.62 4.14
C5 MAN M . 12.81 -4.24 5.26
C6 MAN M . 13.72 -3.11 4.84
O2 MAN M . 9.45 -4.14 5.32
O3 MAN M . 10.29 -6.52 3.80
O4 MAN M . 12.37 -4.96 2.89
O5 MAN M . 12.11 -3.83 6.43
O6 MAN M . 14.67 -2.87 5.86
C1 NAG M . 8.11 -4.45 4.86
C2 NAG M . 7.69 -3.22 4.03
C3 NAG M . 6.28 -3.40 3.47
C4 NAG M . 6.17 -4.73 2.74
C5 NAG M . 6.65 -5.86 3.67
C6 NAG M . 6.53 -7.25 3.06
C7 NAG M . 8.67 -1.06 4.72
C8 NAG M . 9.68 -1.26 3.61
N2 NAG M . 7.77 -2.04 4.85
O3 NAG M . 6.02 -2.29 2.65
O4 NAG M . 4.82 -4.88 2.37
O5 NAG M . 7.99 -5.60 4.04
O6 NAG M . 7.08 -7.27 1.76
O7 NAG M . 8.71 -0.06 5.44
C1 NAG N . -21.97 -30.83 5.83
C2 NAG N . -21.50 -30.94 7.29
C3 NAG N . -21.60 -32.40 7.75
C4 NAG N . -22.94 -33.05 7.39
C5 NAG N . -23.40 -32.64 5.97
C6 NAG N . -24.80 -33.06 5.57
C7 NAG N . -19.84 -29.12 7.52
C8 NAG N . -18.38 -28.81 7.65
N2 NAG N . -20.16 -30.42 7.42
O3 NAG N . -21.34 -32.43 9.13
O4 NAG N . -22.77 -34.45 7.43
O5 NAG N . -23.31 -31.25 5.79
O6 NAG N . -25.12 -32.42 4.35
O7 NAG N . -20.68 -28.23 7.51
C1 NAG N . -23.01 -35.02 8.73
C2 NAG N . -23.98 -36.21 8.55
C3 NAG N . -24.04 -37.09 9.79
C4 NAG N . -22.64 -37.48 10.22
C5 NAG N . -21.85 -36.20 10.49
C6 NAG N . -20.45 -36.47 10.99
C7 NAG N . -25.96 -36.07 7.09
C8 NAG N . -27.34 -35.48 6.97
N2 NAG N . -25.31 -35.75 8.22
O3 NAG N . -24.82 -38.22 9.46
O4 NAG N . -22.75 -38.29 11.37
O5 NAG N . -21.79 -35.43 9.30
O6 NAG N . -19.97 -35.35 11.70
O7 NAG N . -25.48 -36.78 6.23
C1 NAG O . -13.49 -12.20 -16.65
C2 NAG O . -12.06 -11.80 -17.02
C3 NAG O . -12.09 -10.55 -17.89
C4 NAG O . -12.96 -10.77 -19.13
C5 NAG O . -14.35 -11.27 -18.67
C6 NAG O . -15.26 -11.73 -19.78
C7 NAG O . -10.14 -12.36 -15.59
C8 NAG O . -9.37 -11.98 -14.35
N2 NAG O . -11.21 -11.60 -15.87
O3 NAG O . -10.77 -10.25 -18.23
O4 NAG O . -13.08 -9.55 -19.82
O5 NAG O . -14.19 -12.40 -17.84
O6 NAG O . -15.01 -13.10 -20.01
O7 NAG O . -9.78 -13.30 -16.30
C1 NAG O . -12.12 -9.49 -20.91
C2 NAG O . -12.78 -8.96 -22.19
C3 NAG O . -11.75 -8.85 -23.33
C4 NAG O . -10.39 -8.28 -22.92
C5 NAG O . -10.00 -8.73 -21.51
C6 NAG O . -8.83 -7.99 -20.91
C7 NAG O . -13.90 -11.09 -22.87
C8 NAG O . -15.23 -11.63 -23.32
N2 NAG O . -13.90 -9.76 -22.63
O3 NAG O . -12.32 -8.08 -24.36
O4 NAG O . -9.46 -8.81 -23.84
O5 NAG O . -11.08 -8.61 -20.61
O6 NAG O . -8.53 -8.54 -19.65
O7 NAG O . -12.94 -11.83 -22.73
C1 BMA O . -8.99 -7.91 -24.86
C2 BMA O . -8.13 -8.78 -25.77
C3 BMA O . -7.67 -8.05 -27.05
C4 BMA O . -8.82 -7.30 -27.76
C5 BMA O . -9.83 -6.64 -26.82
C6 BMA O . -11.18 -6.34 -27.47
O2 BMA O . -8.85 -9.94 -26.06
O3 BMA O . -7.00 -9.01 -27.83
O4 BMA O . -8.19 -6.31 -28.55
O5 BMA O . -10.05 -7.32 -25.58
O6 BMA O . -11.42 -7.26 -28.50
C1 MAN O . -5.74 -8.41 -28.27
C2 MAN O . -5.24 -9.18 -29.52
C3 MAN O . -4.61 -10.52 -29.17
C4 MAN O . -3.54 -10.36 -28.10
C5 MAN O . -4.13 -9.66 -26.88
C6 MAN O . -3.03 -9.32 -25.89
O2 MAN O . -4.33 -8.33 -30.18
O3 MAN O . -4.06 -11.05 -30.35
O4 MAN O . -3.06 -11.65 -27.78
O5 MAN O . -4.76 -8.44 -27.25
O6 MAN O . -3.49 -8.33 -24.99
C1 MAN O . -4.99 -7.64 -31.27
C2 MAN O . -3.93 -7.20 -32.30
C3 MAN O . -2.99 -6.14 -31.73
C4 MAN O . -3.72 -5.02 -31.00
C5 MAN O . -4.86 -5.53 -30.12
C6 MAN O . -5.79 -4.42 -29.68
O2 MAN O . -4.64 -6.73 -33.42
O3 MAN O . -2.25 -5.63 -32.82
O4 MAN O . -2.75 -4.33 -30.22
O5 MAN O . -5.66 -6.48 -30.82
O6 MAN O . -6.60 -4.88 -28.63
C1 MAN O . -12.72 -6.99 -29.06
C2 MAN O . -13.24 -8.28 -29.68
C3 MAN O . -12.39 -8.65 -30.89
C4 MAN O . -12.39 -7.50 -31.89
C5 MAN O . -11.85 -6.25 -31.19
C6 MAN O . -11.91 -5.04 -32.09
O2 MAN O . -14.59 -8.09 -30.02
O3 MAN O . -12.90 -9.83 -31.43
O4 MAN O . -11.58 -7.90 -32.98
O5 MAN O . -12.63 -5.97 -30.04
O6 MAN O . -13.24 -4.55 -32.10
C1 MAN O . -12.09 -10.93 -30.97
C2 MAN O . -11.68 -11.74 -32.20
C3 MAN O . -12.90 -12.40 -32.83
C4 MAN O . -13.73 -13.16 -31.80
C5 MAN O . -14.03 -12.26 -30.60
C6 MAN O . -14.72 -13.00 -29.47
O2 MAN O . -10.73 -12.68 -31.77
O3 MAN O . -12.43 -13.26 -33.85
O4 MAN O . -14.91 -13.57 -32.45
O5 MAN O . -12.82 -11.73 -30.08
O6 MAN O . -15.24 -12.08 -28.56
C1 NAG P . -14.42 -29.52 12.68
C2 NAG P . -15.90 -29.23 12.97
C3 NAG P . -16.17 -29.73 14.38
C4 NAG P . -15.68 -31.17 14.58
C5 NAG P . -14.40 -31.55 13.82
C6 NAG P . -14.26 -33.03 13.56
C7 NAG P . -17.44 -27.44 12.34
C8 NAG P . -17.68 -25.95 12.36
N2 NAG P . -16.27 -27.84 12.89
O3 NAG P . -17.52 -29.59 14.70
O4 NAG P . -15.32 -31.21 15.95
O5 NAG P . -14.31 -30.91 12.58
O6 NAG P . -13.30 -33.19 12.55
O7 NAG P . -18.25 -28.22 11.87
C1 NAG P . -16.29 -31.91 16.74
C2 NAG P . -15.54 -32.96 17.58
C3 NAG P . -16.42 -33.57 18.63
C4 NAG P . -17.17 -32.54 19.44
C5 NAG P . -17.80 -31.43 18.56
C6 NAG P . -18.20 -30.20 19.33
C7 NAG P . -13.71 -34.33 16.62
C8 NAG P . -13.43 -35.53 15.75
N2 NAG P . -15.02 -34.03 16.78
O3 NAG P . -15.59 -34.38 19.43
O4 NAG P . -18.21 -33.33 19.94
O5 NAG P . -16.95 -30.98 17.56
O6 NAG P . -17.01 -29.47 19.59
O7 NAG P . -12.79 -33.68 17.13
C1 BMA P . -18.14 -33.56 21.35
C2 BMA P . -19.54 -34.09 21.54
C3 BMA P . -19.74 -34.74 22.92
C4 BMA P . -18.64 -35.76 23.26
C5 BMA P . -17.25 -35.18 22.98
C6 BMA P . -16.15 -36.22 23.17
O2 BMA P . -19.80 -34.98 20.49
O3 BMA P . -21.06 -35.22 22.88
O4 BMA P . -18.82 -36.04 24.64
O5 BMA P . -17.13 -34.47 21.73
O6 BMA P . -15.35 -36.34 22.01
C1 MAN P . -21.85 -34.51 23.89
C2 MAN P . -23.33 -34.61 23.48
C3 MAN P . -23.66 -33.65 22.34
C4 MAN P . -23.40 -32.23 22.78
C5 MAN P . -21.92 -32.10 23.15
C6 MAN P . -21.63 -30.78 23.85
O2 MAN P . -24.08 -34.32 24.63
O3 MAN P . -25.02 -33.85 22.02
O4 MAN P . -23.73 -31.38 21.70
O5 MAN P . -21.45 -33.14 24.02
O6 MAN P . -20.45 -30.92 24.61
C1 MAN P . -14.82 -37.68 22.05
C2 MAN P . -13.42 -37.69 21.41
C3 MAN P . -13.49 -37.57 19.88
C4 MAN P . -14.51 -38.52 19.28
C5 MAN P . -15.86 -38.30 19.99
C6 MAN P . -16.94 -39.22 19.47
O2 MAN P . -12.79 -38.88 21.81
O3 MAN P . -12.21 -37.84 19.39
O4 MAN P . -14.59 -38.25 17.90
O5 MAN P . -15.68 -38.56 21.37
O6 MAN P . -18.17 -38.54 19.52
C1 NAG Q . -18.78 -1.22 -15.22
C2 NAG Q . -19.90 -0.48 -14.48
C3 NAG Q . -21.25 -0.91 -15.06
C4 NAG Q . -21.25 -0.75 -16.58
C5 NAG Q . -20.07 -1.53 -17.16
C6 NAG Q . -19.92 -1.46 -18.67
C7 NAG Q . -19.22 0.09 -12.19
C8 NAG Q . -19.27 -0.36 -10.75
N2 NAG Q . -19.84 -0.72 -13.06
O3 NAG Q . -22.26 -0.16 -14.44
O4 NAG Q . -22.49 -1.21 -17.06
O5 NAG Q . -18.88 -1.00 -16.61
O6 NAG Q . -18.61 -1.01 -19.00
O7 NAG Q . -18.64 1.12 -12.51
C1 NAG Q . -23.08 -0.14 -17.85
C2 NAG Q . -24.43 -0.65 -18.41
C3 NAG Q . -25.12 0.48 -19.18
C4 NAG Q . -25.19 1.75 -18.34
C5 NAG Q . -23.78 2.09 -17.83
C6 NAG Q . -23.73 3.34 -16.97
C7 NAG Q . -24.26 -3.07 -18.80
C8 NAG Q . -24.05 -4.12 -19.85
N2 NAG Q . -24.24 -1.80 -19.24
O3 NAG Q . -26.39 0.02 -19.55
O4 NAG Q . -25.69 2.77 -19.18
O5 NAG Q . -23.31 1.00 -17.07
O6 NAG Q . -22.39 3.60 -16.61
O7 NAG Q . -24.45 -3.38 -17.62
C1 NAG R . -2.66 5.71 -27.56
C2 NAG R . -4.06 5.65 -28.19
C3 NAG R . -3.91 5.52 -29.71
C4 NAG R . -2.98 6.57 -30.31
C5 NAG R . -1.66 6.59 -29.52
C6 NAG R . -0.71 7.72 -29.87
C7 NAG R . -5.68 4.71 -26.61
C8 NAG R . -6.40 3.45 -26.18
N2 NAG R . -4.83 4.57 -27.64
O3 NAG R . -5.20 5.59 -30.28
O4 NAG R . -2.79 6.24 -31.68
O5 NAG R . -1.97 6.77 -28.16
O6 NAG R . -1.38 8.95 -29.79
O7 NAG R . -5.84 5.78 -26.05
C1 NAG R . -2.91 7.43 -32.51
C2 NAG R . -1.84 7.41 -33.61
C3 NAG R . -1.95 8.69 -34.45
C4 NAG R . -3.34 8.76 -35.05
C5 NAG R . -4.38 8.67 -33.91
C6 NAG R . -5.82 8.67 -34.36
C7 NAG R . 0.11 6.12 -32.79
C8 NAG R . 1.51 6.26 -32.26
N2 NAG R . -0.50 7.28 -33.08
O3 NAG R . -0.93 8.69 -35.41
O4 NAG R . -3.45 9.97 -35.77
O5 NAG R . -4.17 7.49 -33.14
O6 NAG R . -6.12 7.49 -35.06
O7 NAG R . -0.41 5.03 -32.94
C1 BMA R . -3.32 9.72 -37.19
C2 BMA R . -4.72 9.47 -37.75
C3 BMA R . -4.68 9.34 -39.29
C4 BMA R . -3.81 10.38 -40.03
C5 BMA R . -2.60 10.88 -39.24
C6 BMA R . -2.12 12.26 -39.68
O2 BMA R . -5.57 10.49 -37.32
O3 BMA R . -6.04 9.35 -39.68
O4 BMA R . -3.37 9.76 -41.21
O5 BMA R . -2.73 10.84 -37.83
O6 BMA R . -1.15 12.68 -38.76
C1 MAN R . -6.29 8.54 -40.86
C2 MAN R . -7.80 8.46 -40.99
C3 MAN R . -8.33 7.73 -39.76
C4 MAN R . -7.81 6.30 -39.80
C5 MAN R . -6.28 6.26 -39.90
C6 MAN R . -5.81 4.90 -40.39
O2 MAN R . -8.09 7.78 -42.17
O3 MAN R . -9.73 7.80 -39.78
O4 MAN R . -8.27 5.66 -38.62
O5 MAN R . -5.74 7.24 -40.78
O6 MAN R . -4.41 4.91 -40.57
C1 NAG R . -9.02 8.54 -42.96
C2 NAG R . -9.16 7.86 -44.33
C3 NAG R . -10.22 8.54 -45.19
C4 NAG R . -11.51 8.82 -44.42
C5 NAG R . -11.20 9.43 -43.06
C6 NAG R . -12.43 9.63 -42.20
C7 NAG R . -6.94 6.93 -44.89
C8 NAG R . -5.71 7.18 -45.72
N2 NAG R . -7.90 7.87 -45.02
O3 NAG R . -10.45 7.71 -46.31
O4 NAG R . -12.27 9.70 -45.21
O5 NAG R . -10.28 8.61 -42.35
O6 NAG R . -12.80 10.99 -42.15
O7 NAG R . -7.04 5.96 -44.15
C1 MAN R . -0.49 13.88 -39.26
C2 MAN R . 0.51 14.34 -38.18
C3 MAN R . -0.20 14.96 -36.98
C4 MAN R . -1.17 16.06 -37.42
C5 MAN R . -2.14 15.46 -38.43
C6 MAN R . -3.13 16.47 -38.97
O2 MAN R . 1.40 15.25 -38.78
O3 MAN R . 0.79 15.47 -36.11
O4 MAN R . -1.82 16.55 -36.27
O5 MAN R . -1.44 14.90 -39.53
O6 MAN R . -4.22 15.79 -39.54
C1 NAG S . -14.03 4.43 -11.36
C2 NAG S . -13.97 4.86 -12.84
C3 NAG S . -13.18 6.16 -12.98
C4 NAG S . -13.76 7.22 -12.04
C5 NAG S . -13.88 6.66 -10.62
C6 NAG S . -14.59 7.58 -9.66
C7 NAG S . -14.23 2.77 -14.07
C8 NAG S . -13.54 1.75 -14.94
N2 NAG S . -13.46 3.80 -13.66
O3 NAG S . -13.24 6.54 -14.33
O4 NAG S . -12.89 8.32 -12.07
O5 NAG S . -14.63 5.46 -10.63
O6 NAG S . -15.91 7.80 -10.10
O7 NAG S . -15.41 2.65 -13.76
C1 NAG S . -13.38 9.32 -12.99
C2 NAG S . -13.17 10.71 -12.40
C3 NAG S . -13.72 11.75 -13.37
C4 NAG S . -13.23 11.54 -14.81
C5 NAG S . -13.24 10.06 -15.22
C6 NAG S . -12.50 9.81 -16.51
C7 NAG S . -15.03 10.75 -10.72
C8 NAG S . -15.29 11.01 -9.27
N2 NAG S . -13.74 10.89 -11.08
O3 NAG S . -13.32 12.99 -12.88
O4 NAG S . -14.10 12.26 -15.63
O5 NAG S . -12.68 9.27 -14.20
O6 NAG S . -12.68 8.47 -16.94
O7 NAG S . -15.93 10.42 -11.48
C1 BMA S . -13.57 13.57 -15.89
C2 BMA S . -13.88 13.86 -17.35
C3 BMA S . -13.50 15.32 -17.64
C4 BMA S . -14.08 16.37 -16.66
C5 BMA S . -14.11 15.90 -15.20
C6 BMA S . -15.21 16.55 -14.35
O2 BMA S . -15.22 13.57 -17.60
O3 BMA S . -13.84 15.53 -19.00
O4 BMA S . -13.22 17.49 -16.76
O5 BMA S . -14.19 14.49 -15.02
O6 BMA S . -16.41 16.50 -15.07
C1 MAN S . -12.76 16.30 -19.57
C2 MAN S . -13.12 16.58 -21.04
C3 MAN S . -12.91 15.39 -21.96
C4 MAN S . -11.54 14.75 -21.79
C5 MAN S . -11.31 14.47 -20.31
C6 MAN S . -9.86 14.07 -20.09
O2 MAN S . -12.40 17.73 -21.41
O3 MAN S . -13.07 15.88 -23.28
O4 MAN S . -11.55 13.57 -22.56
O5 MAN S . -11.53 15.61 -19.51
O6 MAN S . -9.03 14.99 -20.75
C1 MAN S . -13.39 18.71 -21.75
C2 MAN S . -12.74 19.94 -22.39
C3 MAN S . -11.75 20.52 -21.42
C4 MAN S . -12.46 20.91 -20.14
C5 MAN S . -13.32 19.77 -19.57
C6 MAN S . -14.29 20.26 -18.53
O2 MAN S . -13.79 20.84 -22.55
O3 MAN S . -11.19 21.65 -22.06
O4 MAN S . -11.47 21.28 -19.22
O5 MAN S . -14.07 19.13 -20.59
O6 MAN S . -15.16 21.20 -19.11
C1 MAN S . -14.03 21.26 -23.89
C2 MAN S . -15.03 22.38 -23.75
C3 MAN S . -16.22 21.79 -22.99
C4 MAN S . -16.82 20.54 -23.66
C5 MAN S . -15.71 19.58 -24.12
C6 MAN S . -16.15 18.55 -25.15
O2 MAN S . -15.39 22.81 -25.05
O3 MAN S . -17.17 22.82 -22.86
O4 MAN S . -17.62 19.94 -22.68
O5 MAN S . -14.59 20.27 -24.69
O6 MAN S . -15.01 17.82 -25.55
C1 MAN S . -17.41 17.19 -14.31
C2 MAN S . -18.76 16.82 -14.92
C3 MAN S . -18.86 17.40 -16.33
C4 MAN S . -18.53 18.88 -16.38
C5 MAN S . -17.18 19.12 -15.70
C6 MAN S . -16.85 20.59 -15.58
O2 MAN S . -19.77 17.31 -14.07
O3 MAN S . -20.13 17.12 -16.83
O4 MAN S . -18.47 19.25 -17.75
O5 MAN S . -17.21 18.58 -14.38
O6 MAN S . -17.45 21.10 -14.43
C1 MAN S . -16.87 22.39 -14.15
C2 MAN S . -16.94 22.62 -12.65
C3 MAN S . -18.41 22.47 -12.30
C4 MAN S . -19.17 23.61 -12.95
C5 MAN S . -18.94 23.59 -14.48
C6 MAN S . -19.38 24.89 -15.11
O2 MAN S . -16.51 23.95 -12.47
O3 MAN S . -18.54 22.47 -10.90
O4 MAN S . -20.54 23.44 -12.62
O5 MAN S . -17.57 23.42 -14.80
O6 MAN S . -18.74 25.95 -14.44
C1 MAN S . -15.35 24.02 -11.64
C2 MAN S . -15.78 23.95 -10.18
C3 MAN S . -16.76 25.10 -9.92
C4 MAN S . -16.17 26.44 -10.37
C5 MAN S . -15.60 26.33 -11.79
C6 MAN S . -14.84 27.57 -12.21
O2 MAN S . -14.62 24.03 -9.39
O3 MAN S . -17.08 25.08 -8.55
O4 MAN S . -17.22 27.38 -10.30
O5 MAN S . -14.71 25.23 -11.87
O6 MAN S . -15.09 27.81 -13.57
C1 MAN S . -19.99 15.89 -17.58
C2 MAN S . -20.73 16.03 -18.91
C3 MAN S . -22.25 16.09 -18.70
C4 MAN S . -22.72 15.02 -17.71
C5 MAN S . -21.86 15.05 -16.44
C6 MAN S . -22.20 13.98 -15.44
O2 MAN S . -20.36 14.94 -19.72
O3 MAN S . -22.86 15.95 -19.96
O4 MAN S . -24.07 15.33 -17.41
O5 MAN S . -20.52 14.85 -16.82
O6 MAN S . -21.09 13.78 -14.61
C1 NAG T . -5.30 -1.65 6.32
C2 NAG T . -5.59 -1.15 7.74
C3 NAG T . -4.83 0.18 7.88
C4 NAG T . -3.38 0.13 7.38
C5 NAG T . -3.27 -0.71 6.09
C6 NAG T . -1.89 -1.03 5.59
C7 NAG T . -7.81 -1.84 8.56
C8 NAG T . -9.28 -1.48 8.53
N2 NAG T . -7.00 -1.01 7.86
O3 NAG T . -4.90 0.61 9.23
O4 NAG T . -2.97 1.47 7.15
O5 NAG T . -3.95 -1.95 6.23
O6 NAG T . -2.01 -1.98 4.56
O7 NAG T . -7.41 -2.80 9.19
C1 NAG T . -1.90 1.91 8.03
C2 NAG T . -0.81 2.64 7.21
C3 NAG T . 0.34 3.14 8.07
C4 NAG T . -0.13 3.85 9.35
C5 NAG T . -1.32 3.10 9.96
C6 NAG T . -1.91 3.82 11.15
C7 NAG T . -0.20 2.23 4.86
C8 NAG T . 0.35 1.20 3.90
N2 NAG T . -0.31 1.82 6.14
O3 NAG T . 1.12 4.00 7.27
O4 NAG T . 0.88 3.82 10.36
O5 NAG T . -2.33 2.82 9.01
O6 NAG T . -0.97 3.85 12.20
O7 NAG T . -0.53 3.34 4.49
C1 BMA T . 2.12 4.57 10.21
C2 BMA T . 1.89 6.02 9.76
C3 BMA T . 3.21 6.79 9.97
C4 BMA T . 3.63 6.83 11.44
C5 BMA T . 3.69 5.42 12.03
C6 BMA T . 3.61 5.37 13.54
O2 BMA T . 0.80 6.61 10.43
O3 BMA T . 3.16 8.04 9.29
O4 BMA T . 4.92 7.42 11.47
O5 BMA T . 2.76 4.48 11.48
O6 BMA T . 2.40 5.96 13.98
C1 MAN T . 2.46 5.91 15.43
C2 MAN T . 1.11 5.30 15.91
C3 MAN T . -0.01 6.29 16.22
C4 MAN T . 0.52 7.60 16.80
C5 MAN T . 1.60 8.12 15.87
C6 MAN T . 2.10 9.49 16.29
O2 MAN T . 1.42 4.51 17.03
O3 MAN T . -0.89 5.62 17.10
O4 MAN T . -0.56 8.52 16.91
O5 MAN T . 2.68 7.23 15.92
O6 MAN T . 3.30 9.78 15.59
C1 MAN T . -2.25 5.86 16.66
C2 MAN T . -3.18 5.84 17.90
C3 MAN T . -3.41 4.43 18.46
C4 MAN T . -3.70 3.43 17.35
C5 MAN T . -2.63 3.56 16.26
C6 MAN T . -2.80 2.61 15.10
O2 MAN T . -4.38 6.46 17.51
O3 MAN T . -4.46 4.50 19.40
O4 MAN T . -3.66 2.14 17.95
O5 MAN T . -2.64 4.88 15.74
O6 MAN T . -1.67 2.73 14.27
C1 MAN T . -4.44 7.82 17.99
C2 MAN T . -5.89 8.27 17.87
C3 MAN T . -6.27 8.30 16.39
C4 MAN T . -5.36 9.28 15.65
C5 MAN T . -3.90 8.84 15.86
C6 MAN T . -2.90 9.82 15.27
O2 MAN T . -5.95 9.55 18.44
O3 MAN T . -7.63 8.65 16.29
O4 MAN T . -5.73 9.25 14.29
O5 MAN T . -3.62 8.69 17.25
O6 MAN T . -1.75 9.12 14.87
C1 MAN T . 4.20 8.14 8.25
C2 MAN T . 3.65 7.48 6.98
C3 MAN T . 4.09 6.04 6.76
C4 MAN T . 5.60 5.91 6.84
C5 MAN T . 6.06 6.38 8.22
C6 MAN T . 7.56 6.56 8.24
O2 MAN T . 4.03 8.30 5.90
O3 MAN T . 3.60 5.65 5.51
O4 MAN T . 5.88 4.54 6.68
O5 MAN T . 5.46 7.59 8.69
O6 MAN T . 7.91 7.60 9.13
C1 NAG U . -4.91 0.78 1.86
C2 NAG U . -3.56 1.50 1.93
C3 NAG U . -3.35 2.32 3.20
C4 NAG U . -4.55 3.20 3.53
C5 NAG U . -5.79 2.30 3.51
C6 NAG U . -7.08 3.04 3.76
C7 NAG U . -2.01 0.24 0.51
C8 NAG U . -0.91 -0.78 0.51
N2 NAG U . -2.51 0.55 1.72
O3 NAG U . -2.22 3.11 2.96
O4 NAG U . -4.30 3.79 4.79
O5 NAG U . -5.93 1.67 2.24
O6 NAG U . -7.42 3.79 2.60
O7 NAG U . -2.43 0.75 -0.52
C1 NAG U . -3.96 5.21 4.70
C2 NAG U . -4.61 5.98 5.85
C3 NAG U . -4.38 7.48 5.63
C4 NAG U . -2.89 7.79 5.56
C5 NAG U . -2.20 6.82 4.59
C6 NAG U . -0.69 6.93 4.62
C7 NAG U . -6.44 4.67 6.79
C8 NAG U . -7.95 4.49 6.83
N2 NAG U . -6.01 5.67 5.99
O3 NAG U . -5.01 8.15 6.68
O4 NAG U . -2.75 9.13 5.10
O5 NAG U . -2.57 5.47 4.83
O6 NAG U . -0.24 7.10 5.95
O7 NAG U . -5.69 3.95 7.42
C1 BMA U . -2.51 10.11 6.15
C2 BMA U . -1.09 10.64 5.94
C3 BMA U . -0.83 11.98 6.69
C4 BMA U . -1.99 13.01 6.65
C5 BMA U . -3.40 12.43 6.52
C6 BMA U . -4.41 13.29 5.74
O2 BMA U . -0.86 10.76 4.57
O3 BMA U . 0.41 12.44 6.18
O4 BMA U . -1.90 13.74 7.86
O5 BMA U . -3.51 11.09 6.05
O6 BMA U . -3.89 14.58 5.52
C1 MAN U . 1.08 13.33 7.10
C2 MAN U . 2.41 13.76 6.44
C3 MAN U . 3.51 12.71 6.57
C4 MAN U . 3.66 12.29 8.02
C5 MAN U . 2.32 11.74 8.52
C6 MAN U . 2.39 11.38 9.98
O2 MAN U . 2.79 14.98 7.04
O3 MAN U . 4.70 13.28 6.07
O4 MAN U . 4.70 11.33 8.07
O5 MAN U . 1.30 12.72 8.36
O6 MAN U . 1.27 10.61 10.33
C1 MAN U . -4.92 15.61 5.40
C2 MAN U . -4.58 16.60 6.52
C3 MAN U . -5.30 16.27 7.82
C4 MAN U . -6.79 16.33 7.54
C5 MAN U . -7.14 15.21 6.57
C6 MAN U . -8.55 15.40 6.03
O2 MAN U . -4.91 17.88 6.05
O3 MAN U . -4.90 17.22 8.78
O4 MAN U . -7.44 16.17 8.78
O5 MAN U . -6.24 15.07 5.47
O6 MAN U . -8.56 15.26 4.63
C1 NAG V . -14.51 2.62 7.50
C2 NAG V . -14.36 2.79 9.03
C3 NAG V . -15.08 4.06 9.43
C4 NAG V . -14.65 5.24 8.57
C5 NAG V . -14.54 4.91 7.07
C6 NAG V . -13.82 6.00 6.29
C7 NAG V . -14.32 1.17 10.89
C8 NAG V . -15.02 -0.03 11.47
N2 NAG V . -14.86 1.64 9.74
O3 NAG V . -14.81 4.28 10.80
O4 NAG V . -15.63 6.25 8.75
O5 NAG V . -13.84 3.70 6.89
O6 NAG V . -14.20 6.04 4.93
O7 NAG V . -13.35 1.67 11.44
C1 NAG V . -14.97 7.38 9.35
C2 NAG V . -15.87 8.62 9.17
C3 NAG V . -15.17 9.80 9.82
C4 NAG V . -14.99 9.49 11.30
C5 NAG V . -14.14 8.22 11.41
C6 NAG V . -13.88 7.79 12.84
C7 NAG V . -17.46 8.80 7.30
C8 NAG V . -17.63 9.18 5.85
N2 NAG V . -16.21 8.91 7.80
O3 NAG V . -15.97 10.94 9.56
O4 NAG V . -14.36 10.58 11.95
O5 NAG V . -14.78 7.15 10.73
O6 NAG V . -13.41 6.46 12.86
O7 NAG V . -18.41 8.42 7.96
C1 BMA V . -15.39 11.40 12.53
C2 BMA V . -15.09 11.56 14.02
C3 BMA V . -15.98 12.65 14.66
C4 BMA V . -16.28 13.90 13.81
C5 BMA V . -16.23 13.70 12.29
C6 BMA V . -15.87 14.95 11.49
O2 BMA V . -13.72 11.78 14.19
O3 BMA V . -15.36 12.95 15.88
O4 BMA V . -17.58 14.31 14.19
O5 BMA V . -15.38 12.65 11.87
O6 BMA V . -16.18 14.66 10.14
C1 FUC V . -14.99 7.21 4.62
C2 FUC V . -14.16 8.49 4.58
C3 FUC V . -13.00 8.27 3.61
C4 FUC V . -13.57 7.96 2.21
C5 FUC V . -14.63 6.86 2.29
C6 FUC V . -15.42 6.69 1.01
O2 FUC V . -13.78 8.94 5.86
O3 FUC V . -12.19 9.43 3.64
O4 FUC V . -14.08 9.17 1.68
O5 FUC V . -15.56 7.07 3.35
C1 NAG W . -21.42 -12.42 -15.62
C2 NAG W . -20.99 -13.42 -16.70
C3 NAG W . -21.92 -13.33 -17.90
C4 NAG W . -23.34 -13.56 -17.41
C5 NAG W . -23.68 -12.49 -16.37
C6 NAG W . -25.09 -12.59 -15.82
C7 NAG W . -18.58 -13.99 -16.67
C8 NAG W . -18.93 -15.16 -15.79
N2 NAG W . -19.61 -13.21 -17.06
O3 NAG W . -21.52 -14.28 -18.85
O4 NAG W . -24.20 -13.52 -18.53
O5 NAG W . -22.77 -12.61 -15.30
O6 NAG W . -25.15 -11.90 -14.58
O7 NAG W . -17.42 -13.78 -16.99
C1 NAG W . -24.86 -14.80 -18.59
C2 NAG W . -26.18 -14.59 -19.32
C3 NAG W . -26.95 -15.90 -19.34
C4 NAG W . -26.10 -17.00 -19.99
C5 NAG W . -24.71 -17.04 -19.33
C6 NAG W . -23.77 -18.01 -20.00
C7 NAG W . -26.84 -12.25 -19.15
C8 NAG W . -27.71 -11.27 -18.40
N2 NAG W . -26.93 -13.52 -18.73
O3 NAG W . -28.13 -15.62 -20.04
O4 NAG W . -26.73 -18.26 -19.79
O5 NAG W . -24.12 -15.75 -19.32
O6 NAG W . -23.77 -17.78 -21.39
O7 NAG W . -26.11 -11.89 -20.06
C1 BMA W . -27.80 -18.49 -20.73
C2 BMA W . -27.27 -19.45 -21.81
C3 BMA W . -28.43 -20.05 -22.64
C4 BMA W . -29.65 -20.52 -21.83
C5 BMA W . -29.92 -19.82 -20.50
C6 BMA W . -30.37 -20.77 -19.40
O2 BMA W . -26.47 -20.42 -21.20
O3 BMA W . -27.85 -21.08 -23.40
O4 BMA W . -30.76 -20.35 -22.69
O5 BMA W . -28.89 -19.01 -19.98
O6 BMA W . -31.38 -21.60 -19.95
C1 NAG X . -26.25 -1.27 3.24
C2 NAG X . -26.77 0.18 3.13
C3 NAG X . -28.06 0.42 3.93
C4 NAG X . -29.07 -0.68 3.62
C5 NAG X . -28.42 -2.04 3.91
C6 NAG X . -29.35 -3.21 3.72
C7 NAG X . -24.81 1.62 2.74
C8 NAG X . -23.86 2.59 3.40
N2 NAG X . -25.76 1.12 3.56
O3 NAG X . -28.55 1.69 3.60
O4 NAG X . -30.20 -0.46 4.42
O5 NAG X . -27.30 -2.20 3.05
O6 NAG X . -28.87 -4.33 4.43
O7 NAG X . -24.71 1.35 1.56
C1 NAG Y . -33.84 -16.67 16.23
C2 NAG Y . -34.55 -15.33 16.04
C3 NAG Y . -35.94 -15.61 15.48
C4 NAG Y . -35.81 -16.39 14.18
C5 NAG Y . -34.91 -17.62 14.37
C6 NAG Y . -34.64 -18.37 13.08
C7 NAG Y . -34.22 -13.30 17.42
C8 NAG Y . -33.74 -12.62 16.16
N2 NAG Y . -34.59 -14.59 17.28
O3 NAG Y . -36.59 -14.38 15.29
O4 NAG Y . -37.11 -16.76 13.77
O5 NAG Y . -33.68 -17.26 14.95
O6 NAG Y . -34.56 -19.75 13.33
O7 NAG Y . -34.27 -12.69 18.48
#